data_7JKW
# 
_entry.id   7JKW 
# 
_audit_conform.dict_name       mmcif_pdbx.dic 
_audit_conform.dict_version    5.380 
_audit_conform.dict_location   http://mmcif.pdb.org/dictionaries/ascii/mmcif_pdbx.dic 
# 
loop_
_database_2.database_id 
_database_2.database_code 
_database_2.pdbx_database_accession 
_database_2.pdbx_DOI 
PDB   7JKW         pdb_00007jkw 10.2210/pdb7jkw/pdb 
WWPDB D_1000250980 ?            ?                   
# 
_pdbx_database_status.status_code                     REL 
_pdbx_database_status.status_code_sf                  REL 
_pdbx_database_status.status_code_mr                  ? 
_pdbx_database_status.entry_id                        7JKW 
_pdbx_database_status.recvd_initial_deposition_date   2020-07-29 
_pdbx_database_status.SG_entry                        N 
_pdbx_database_status.deposit_site                    RCSB 
_pdbx_database_status.process_site                    RCSB 
_pdbx_database_status.status_code_cs                  ? 
_pdbx_database_status.status_code_nmr_data            ? 
_pdbx_database_status.methods_development_category    ? 
_pdbx_database_status.pdb_format_compatible           Y 
# 
loop_
_audit_author.name 
_audit_author.pdbx_ordinal 
_audit_author.identifier_ORCID 
'Ratia, K.M.'      1 0000-0002-4834-9207 
'Xiong, R.'        2 0000-0002-6350-9037 
'Li, Y.'           3 0000-0002-4780-6154 
'Shen, Z.'         4 ?                   
'Zhao, J.'         5 ?                   
'Huang, F.'        6 ?                   
'Dubrovyskyii, O.' 7 ?                   
'Thatcher, G.R.'   8 0000-0002-7757-1739 
# 
_citation.abstract                  ? 
_citation.abstract_id_CAS           ? 
_citation.book_id_ISBN              ? 
_citation.book_publisher            ? 
_citation.book_publisher_city       ? 
_citation.book_title                ? 
_citation.coordinate_linkage        ? 
_citation.country                   US 
_citation.database_id_Medline       ? 
_citation.details                   ? 
_citation.id                        primary 
_citation.journal_abbrev            J.Med.Chem. 
_citation.journal_id_ASTM           JMCMAR 
_citation.journal_id_CSD            0151 
_citation.journal_id_ISSN           0022-2623 
_citation.journal_full              ? 
_citation.journal_issue             ? 
_citation.journal_volume            63 
_citation.language                  ? 
_citation.page_first                7186 
_citation.page_last                 7210 
_citation.title                     
;Novel Pyrrolopyridone Bromodomain and Extra-Terminal Motif (BET) Inhibitors Effective in Endocrine-Resistant ER+ Breast Cancer with Acquired Resistance to Fulvestrant and Palbociclib.
;
_citation.year                      2020 
_citation.database_id_CSD           ? 
_citation.pdbx_database_id_DOI      10.1021/acs.jmedchem.0c00456 
_citation.pdbx_database_id_PubMed   32453591 
_citation.unpublished_flag          ? 
# 
loop_
_citation_author.citation_id 
_citation_author.name 
_citation_author.ordinal 
_citation_author.identifier_ORCID 
primary 'Li, Y.'           1  ?                   
primary 'Zhao, J.'         2  ?                   
primary 'Gutgesell, L.M.'  3  0000-0002-7645-9227 
primary 'Shen, Z.'         4  ?                   
primary 'Ratia, K.'        5  ?                   
primary 'Dye, K.'          6  ?                   
primary 'Dubrovskyi, O.'   7  ?                   
primary 'Zhao, H.'         8  ?                   
primary 'Huang, F.'        9  ?                   
primary 'Tonetti, D.A.'    10 ?                   
primary 'Thatcher, G.R.J.' 11 0000-0002-7757-1739 
primary 'Xiong, R.'        12 0000-0002-6350-9037 
# 
_cell.angle_alpha                  90.000 
_cell.angle_alpha_esd              ? 
_cell.angle_beta                   90.000 
_cell.angle_beta_esd               ? 
_cell.angle_gamma                  90.000 
_cell.angle_gamma_esd              ? 
_cell.entry_id                     7JKW 
_cell.details                      ? 
_cell.formula_units_Z              ? 
_cell.length_a                     38.187 
_cell.length_a_esd                 ? 
_cell.length_b                     42.229 
_cell.length_b_esd                 ? 
_cell.length_c                     90.627 
_cell.length_c_esd                 ? 
_cell.volume                       ? 
_cell.volume_esd                   ? 
_cell.Z_PDB                        4 
_cell.reciprocal_angle_alpha       ? 
_cell.reciprocal_angle_beta        ? 
_cell.reciprocal_angle_gamma       ? 
_cell.reciprocal_angle_alpha_esd   ? 
_cell.reciprocal_angle_beta_esd    ? 
_cell.reciprocal_angle_gamma_esd   ? 
_cell.reciprocal_length_a          ? 
_cell.reciprocal_length_b          ? 
_cell.reciprocal_length_c          ? 
_cell.reciprocal_length_a_esd      ? 
_cell.reciprocal_length_b_esd      ? 
_cell.reciprocal_length_c_esd      ? 
_cell.pdbx_unique_axis             ? 
# 
_symmetry.entry_id                         7JKW 
_symmetry.cell_setting                     ? 
_symmetry.Int_Tables_number                19 
_symmetry.space_group_name_Hall            ? 
_symmetry.space_group_name_H-M             'P 21 21 21' 
_symmetry.pdbx_full_space_group_name_H-M   ? 
# 
loop_
_entity.id 
_entity.type 
_entity.src_method 
_entity.pdbx_description 
_entity.formula_weight 
_entity.pdbx_number_of_molecules 
_entity.pdbx_ec 
_entity.pdbx_mutation 
_entity.pdbx_fragment 
_entity.details 
1 polymer     man 'Bromodomain-containing protein 4' 15123.376 1   ? ? ? ? 
2 non-polymer syn 
;N-(6-{5-[(azetidin-3-yl)amino]-1-methyl-6-oxo-1,6-dihydropyridin-3-yl}-1-[1,1-di(pyridin-2-yl)ethyl]-1H-indol-4-yl)ethanesulfonamide
;
583.704   1   ? ? ? ? 
3 water       nat water 18.015    159 ? ? ? ? 
# 
_entity_name_com.entity_id   1 
_entity_name_com.name        'Protein HUNK1' 
# 
_entity_poly.entity_id                      1 
_entity_poly.type                           'polypeptide(L)' 
_entity_poly.nstd_linkage                   no 
_entity_poly.nstd_monomer                   no 
_entity_poly.pdbx_seq_one_letter_code       
;LENPPPPETSNPNKPKRQTNQLQYLLRVVLKTLWKHQFAWPFQQPVDAVKLNLPDYYKIIKTPMDMGTIKKRLENNYYWN
AQECIQDFNTMFTNCYIYNKPGDDIVLMAEALEKLFLQKINELPTEE
;
_entity_poly.pdbx_seq_one_letter_code_can   
;LENPPPPETSNPNKPKRQTNQLQYLLRVVLKTLWKHQFAWPFQQPVDAVKLNLPDYYKIIKTPMDMGTIKKRLENNYYWN
AQECIQDFNTMFTNCYIYNKPGDDIVLMAEALEKLFLQKINELPTEE
;
_entity_poly.pdbx_strand_id                 A 
_entity_poly.pdbx_target_identifier         ? 
# 
loop_
_entity_poly_seq.entity_id 
_entity_poly_seq.num 
_entity_poly_seq.mon_id 
_entity_poly_seq.hetero 
1 1   LEU n 
1 2   GLU n 
1 3   ASN n 
1 4   PRO n 
1 5   PRO n 
1 6   PRO n 
1 7   PRO n 
1 8   GLU n 
1 9   THR n 
1 10  SER n 
1 11  ASN n 
1 12  PRO n 
1 13  ASN n 
1 14  LYS n 
1 15  PRO n 
1 16  LYS n 
1 17  ARG n 
1 18  GLN n 
1 19  THR n 
1 20  ASN n 
1 21  GLN n 
1 22  LEU n 
1 23  GLN n 
1 24  TYR n 
1 25  LEU n 
1 26  LEU n 
1 27  ARG n 
1 28  VAL n 
1 29  VAL n 
1 30  LEU n 
1 31  LYS n 
1 32  THR n 
1 33  LEU n 
1 34  TRP n 
1 35  LYS n 
1 36  HIS n 
1 37  GLN n 
1 38  PHE n 
1 39  ALA n 
1 40  TRP n 
1 41  PRO n 
1 42  PHE n 
1 43  GLN n 
1 44  GLN n 
1 45  PRO n 
1 46  VAL n 
1 47  ASP n 
1 48  ALA n 
1 49  VAL n 
1 50  LYS n 
1 51  LEU n 
1 52  ASN n 
1 53  LEU n 
1 54  PRO n 
1 55  ASP n 
1 56  TYR n 
1 57  TYR n 
1 58  LYS n 
1 59  ILE n 
1 60  ILE n 
1 61  LYS n 
1 62  THR n 
1 63  PRO n 
1 64  MET n 
1 65  ASP n 
1 66  MET n 
1 67  GLY n 
1 68  THR n 
1 69  ILE n 
1 70  LYS n 
1 71  LYS n 
1 72  ARG n 
1 73  LEU n 
1 74  GLU n 
1 75  ASN n 
1 76  ASN n 
1 77  TYR n 
1 78  TYR n 
1 79  TRP n 
1 80  ASN n 
1 81  ALA n 
1 82  GLN n 
1 83  GLU n 
1 84  CYS n 
1 85  ILE n 
1 86  GLN n 
1 87  ASP n 
1 88  PHE n 
1 89  ASN n 
1 90  THR n 
1 91  MET n 
1 92  PHE n 
1 93  THR n 
1 94  ASN n 
1 95  CYS n 
1 96  TYR n 
1 97  ILE n 
1 98  TYR n 
1 99  ASN n 
1 100 LYS n 
1 101 PRO n 
1 102 GLY n 
1 103 ASP n 
1 104 ASP n 
1 105 ILE n 
1 106 VAL n 
1 107 LEU n 
1 108 MET n 
1 109 ALA n 
1 110 GLU n 
1 111 ALA n 
1 112 LEU n 
1 113 GLU n 
1 114 LYS n 
1 115 LEU n 
1 116 PHE n 
1 117 LEU n 
1 118 GLN n 
1 119 LYS n 
1 120 ILE n 
1 121 ASN n 
1 122 GLU n 
1 123 LEU n 
1 124 PRO n 
1 125 THR n 
1 126 GLU n 
1 127 GLU n 
# 
_entity_src_gen.entity_id                          1 
_entity_src_gen.pdbx_src_id                        1 
_entity_src_gen.pdbx_alt_source_flag               sample 
_entity_src_gen.pdbx_seq_type                      'Biological sequence' 
_entity_src_gen.pdbx_beg_seq_num                   1 
_entity_src_gen.pdbx_end_seq_num                   127 
_entity_src_gen.gene_src_common_name               Human 
_entity_src_gen.gene_src_genus                     ? 
_entity_src_gen.pdbx_gene_src_gene                 'BRD4, HUNK1' 
_entity_src_gen.gene_src_species                   ? 
_entity_src_gen.gene_src_strain                    ? 
_entity_src_gen.gene_src_tissue                    ? 
_entity_src_gen.gene_src_tissue_fraction           ? 
_entity_src_gen.gene_src_details                   ? 
_entity_src_gen.pdbx_gene_src_fragment             ? 
_entity_src_gen.pdbx_gene_src_scientific_name      'Homo sapiens' 
_entity_src_gen.pdbx_gene_src_ncbi_taxonomy_id     9606 
_entity_src_gen.pdbx_gene_src_variant              ? 
_entity_src_gen.pdbx_gene_src_cell_line            ? 
_entity_src_gen.pdbx_gene_src_atcc                 ? 
_entity_src_gen.pdbx_gene_src_organ                ? 
_entity_src_gen.pdbx_gene_src_organelle            ? 
_entity_src_gen.pdbx_gene_src_cell                 ? 
_entity_src_gen.pdbx_gene_src_cellular_location    ? 
_entity_src_gen.host_org_common_name               ? 
_entity_src_gen.pdbx_host_org_scientific_name      'Escherichia coli BL21(DE3)' 
_entity_src_gen.pdbx_host_org_ncbi_taxonomy_id     469008 
_entity_src_gen.host_org_genus                     ? 
_entity_src_gen.pdbx_host_org_gene                 ? 
_entity_src_gen.pdbx_host_org_organ                ? 
_entity_src_gen.host_org_species                   ? 
_entity_src_gen.pdbx_host_org_tissue               ? 
_entity_src_gen.pdbx_host_org_tissue_fraction      ? 
_entity_src_gen.pdbx_host_org_strain               ? 
_entity_src_gen.pdbx_host_org_variant              ? 
_entity_src_gen.pdbx_host_org_cell_line            ? 
_entity_src_gen.pdbx_host_org_atcc                 ? 
_entity_src_gen.pdbx_host_org_culture_collection   ? 
_entity_src_gen.pdbx_host_org_cell                 ? 
_entity_src_gen.pdbx_host_org_organelle            ? 
_entity_src_gen.pdbx_host_org_cellular_location    ? 
_entity_src_gen.pdbx_host_org_vector_type          ? 
_entity_src_gen.pdbx_host_org_vector               ? 
_entity_src_gen.host_org_details                   ? 
_entity_src_gen.expression_system_id               ? 
_entity_src_gen.plasmid_name                       ? 
_entity_src_gen.plasmid_details                    ? 
_entity_src_gen.pdbx_description                   ? 
# 
_struct_ref.id                         1 
_struct_ref.db_name                    UNP 
_struct_ref.db_code                    BRD4_HUMAN 
_struct_ref.pdbx_db_accession          O60885 
_struct_ref.pdbx_db_isoform            ? 
_struct_ref.entity_id                  1 
_struct_ref.pdbx_seq_one_letter_code   
;NPPPPETSNPNKPKRQTNQLQYLLRVVLKTLWKHQFAWPFQQPVDAVKLNLPDYYKIIKTPMDMGTIKKRLENNYYWNAQ
ECIQDFNTMFTNCYIYNKPGDDIVLMAEALEKLFLQKINELPTEE
;
_struct_ref.pdbx_align_begin           44 
# 
_struct_ref_seq.align_id                      1 
_struct_ref_seq.ref_id                        1 
_struct_ref_seq.pdbx_PDB_id_code              7JKW 
_struct_ref_seq.pdbx_strand_id                A 
_struct_ref_seq.seq_align_beg                 3 
_struct_ref_seq.pdbx_seq_align_beg_ins_code   ? 
_struct_ref_seq.seq_align_end                 127 
_struct_ref_seq.pdbx_seq_align_end_ins_code   ? 
_struct_ref_seq.pdbx_db_accession             O60885 
_struct_ref_seq.db_align_beg                  44 
_struct_ref_seq.pdbx_db_align_beg_ins_code    ? 
_struct_ref_seq.db_align_end                  168 
_struct_ref_seq.pdbx_db_align_end_ins_code    ? 
_struct_ref_seq.pdbx_auth_seq_align_beg       44 
_struct_ref_seq.pdbx_auth_seq_align_end       168 
# 
loop_
_struct_ref_seq_dif.align_id 
_struct_ref_seq_dif.pdbx_pdb_id_code 
_struct_ref_seq_dif.mon_id 
_struct_ref_seq_dif.pdbx_pdb_strand_id 
_struct_ref_seq_dif.seq_num 
_struct_ref_seq_dif.pdbx_pdb_ins_code 
_struct_ref_seq_dif.pdbx_seq_db_name 
_struct_ref_seq_dif.pdbx_seq_db_accession_code 
_struct_ref_seq_dif.db_mon_id 
_struct_ref_seq_dif.pdbx_seq_db_seq_num 
_struct_ref_seq_dif.details 
_struct_ref_seq_dif.pdbx_auth_seq_num 
_struct_ref_seq_dif.pdbx_ordinal 
1 7JKW LEU A 1 ? UNP O60885 ? ? 'expression tag' 42 1 
1 7JKW GLU A 2 ? UNP O60885 ? ? 'expression tag' 43 2 
# 
loop_
_chem_comp.id 
_chem_comp.type 
_chem_comp.mon_nstd_flag 
_chem_comp.name 
_chem_comp.pdbx_synonyms 
_chem_comp.formula 
_chem_comp.formula_weight 
ALA 'L-peptide linking' y ALANINE ? 'C3 H7 N O2'      89.093  
ARG 'L-peptide linking' y ARGININE ? 'C6 H15 N4 O2 1'  175.209 
ASN 'L-peptide linking' y ASPARAGINE ? 'C4 H8 N2 O3'     132.118 
ASP 'L-peptide linking' y 'ASPARTIC ACID' ? 'C4 H7 N O4'      133.103 
CYS 'L-peptide linking' y CYSTEINE ? 'C3 H7 N O2 S'    121.158 
GLN 'L-peptide linking' y GLUTAMINE ? 'C5 H10 N2 O3'    146.144 
GLU 'L-peptide linking' y 'GLUTAMIC ACID' ? 'C5 H9 N O4'      147.129 
GLY 'peptide linking'   y GLYCINE ? 'C2 H5 N O2'      75.067  
HIS 'L-peptide linking' y HISTIDINE ? 'C6 H10 N3 O2 1'  156.162 
HOH non-polymer         . WATER ? 'H2 O'            18.015  
ILE 'L-peptide linking' y ISOLEUCINE ? 'C6 H13 N O2'     131.173 
LEU 'L-peptide linking' y LEUCINE ? 'C6 H13 N O2'     131.173 
LYS 'L-peptide linking' y LYSINE ? 'C6 H15 N2 O2 1'  147.195 
MET 'L-peptide linking' y METHIONINE ? 'C5 H11 N O2 S'   149.211 
PHE 'L-peptide linking' y PHENYLALANINE ? 'C9 H11 N O2'     165.189 
PRO 'L-peptide linking' y PROLINE ? 'C5 H9 N O2'      115.130 
SER 'L-peptide linking' y SERINE ? 'C3 H7 N O3'      105.093 
THR 'L-peptide linking' y THREONINE ? 'C4 H9 N O3'      119.119 
TRP 'L-peptide linking' y TRYPTOPHAN ? 'C11 H12 N2 O2'   204.225 
TYR 'L-peptide linking' y TYROSINE ? 'C9 H11 N O3'     181.189 
VAL 'L-peptide linking' y VALINE ? 'C5 H11 N O2'     117.146 
VCV non-polymer         . 
;N-(6-{5-[(azetidin-3-yl)amino]-1-methyl-6-oxo-1,6-dihydropyridin-3-yl}-1-[1,1-di(pyridin-2-yl)ethyl]-1H-indol-4-yl)ethanesulfonamide
;
? 'C31 H33 N7 O3 S' 583.704 
# 
_exptl.absorpt_coefficient_mu     ? 
_exptl.absorpt_correction_T_max   ? 
_exptl.absorpt_correction_T_min   ? 
_exptl.absorpt_correction_type    ? 
_exptl.absorpt_process_details    ? 
_exptl.entry_id                   7JKW 
_exptl.crystals_number            1 
_exptl.details                    ? 
_exptl.method                     'X-RAY DIFFRACTION' 
_exptl.method_details             ? 
# 
_exptl_crystal.colour                      ? 
_exptl_crystal.density_diffrn              ? 
_exptl_crystal.density_Matthews            2.42 
_exptl_crystal.density_method              ? 
_exptl_crystal.density_percent_sol         49.09 
_exptl_crystal.description                 ? 
_exptl_crystal.F_000                       ? 
_exptl_crystal.id                          1 
_exptl_crystal.preparation                 ? 
_exptl_crystal.size_max                    ? 
_exptl_crystal.size_mid                    ? 
_exptl_crystal.size_min                    ? 
_exptl_crystal.size_rad                    ? 
_exptl_crystal.colour_lustre               ? 
_exptl_crystal.colour_modifier             ? 
_exptl_crystal.colour_primary              ? 
_exptl_crystal.density_meas                ? 
_exptl_crystal.density_meas_esd            ? 
_exptl_crystal.density_meas_gt             ? 
_exptl_crystal.density_meas_lt             ? 
_exptl_crystal.density_meas_temp           ? 
_exptl_crystal.density_meas_temp_esd       ? 
_exptl_crystal.density_meas_temp_gt        ? 
_exptl_crystal.density_meas_temp_lt        ? 
_exptl_crystal.pdbx_crystal_image_url      ? 
_exptl_crystal.pdbx_crystal_image_format   ? 
_exptl_crystal.pdbx_mosaicity              ? 
_exptl_crystal.pdbx_mosaicity_esd          ? 
# 
_exptl_crystal_grow.apparatus       ? 
_exptl_crystal_grow.atmosphere      ? 
_exptl_crystal_grow.crystal_id      1 
_exptl_crystal_grow.details         ? 
_exptl_crystal_grow.method          'VAPOR DIFFUSION, HANGING DROP' 
_exptl_crystal_grow.method_ref      ? 
_exptl_crystal_grow.pH              8.5 
_exptl_crystal_grow.pressure        ? 
_exptl_crystal_grow.pressure_esd    ? 
_exptl_crystal_grow.seeding         ? 
_exptl_crystal_grow.seeding_ref     ? 
_exptl_crystal_grow.temp            277 
_exptl_crystal_grow.temp_details    ? 
_exptl_crystal_grow.temp_esd        ? 
_exptl_crystal_grow.time            ? 
_exptl_crystal_grow.pdbx_details    '0.2M LiSO4, 0.1M Tris-HCl pH 8.5, 16-20% PEG 4000' 
_exptl_crystal_grow.pdbx_pH_range   ? 
# 
_diffrn.ambient_environment              ? 
_diffrn.ambient_temp                     100 
_diffrn.ambient_temp_details             ? 
_diffrn.ambient_temp_esd                 ? 
_diffrn.crystal_id                       1 
_diffrn.crystal_support                  ? 
_diffrn.crystal_treatment                ? 
_diffrn.details                          ? 
_diffrn.id                               1 
_diffrn.ambient_pressure                 ? 
_diffrn.ambient_pressure_esd             ? 
_diffrn.ambient_pressure_gt              ? 
_diffrn.ambient_pressure_lt              ? 
_diffrn.ambient_temp_gt                  ? 
_diffrn.ambient_temp_lt                  ? 
_diffrn.pdbx_serial_crystal_experiment   N 
# 
_diffrn_detector.details                      ? 
_diffrn_detector.detector                     CCD 
_diffrn_detector.diffrn_id                    1 
_diffrn_detector.type                         'RAYONIX MX-300' 
_diffrn_detector.area_resol_mean              ? 
_diffrn_detector.dtime                        ? 
_diffrn_detector.pdbx_frames_total            ? 
_diffrn_detector.pdbx_collection_time_total   ? 
_diffrn_detector.pdbx_collection_date         2019-06-22 
_diffrn_detector.pdbx_frequency               ? 
# 
_diffrn_radiation.collimation                      ? 
_diffrn_radiation.diffrn_id                        1 
_diffrn_radiation.filter_edge                      ? 
_diffrn_radiation.inhomogeneity                    ? 
_diffrn_radiation.monochromator                    ? 
_diffrn_radiation.polarisn_norm                    ? 
_diffrn_radiation.polarisn_ratio                   ? 
_diffrn_radiation.probe                            ? 
_diffrn_radiation.type                             ? 
_diffrn_radiation.xray_symbol                      ? 
_diffrn_radiation.wavelength_id                    1 
_diffrn_radiation.pdbx_monochromatic_or_laue_m_l   M 
_diffrn_radiation.pdbx_wavelength_list             ? 
_diffrn_radiation.pdbx_wavelength                  ? 
_diffrn_radiation.pdbx_diffrn_protocol             'SINGLE WAVELENGTH' 
_diffrn_radiation.pdbx_analyzer                    ? 
_diffrn_radiation.pdbx_scattering_type             x-ray 
# 
_diffrn_radiation_wavelength.id           1 
_diffrn_radiation_wavelength.wavelength   0.97872 
_diffrn_radiation_wavelength.wt           1.0 
# 
_diffrn_source.current                     ? 
_diffrn_source.details                     ? 
_diffrn_source.diffrn_id                   1 
_diffrn_source.power                       ? 
_diffrn_source.size                        ? 
_diffrn_source.source                      SYNCHROTRON 
_diffrn_source.target                      ? 
_diffrn_source.type                        'APS BEAMLINE 21-ID-F' 
_diffrn_source.voltage                     ? 
_diffrn_source.take-off_angle              ? 
_diffrn_source.pdbx_wavelength_list        0.97872 
_diffrn_source.pdbx_wavelength             ? 
_diffrn_source.pdbx_synchrotron_beamline   21-ID-F 
_diffrn_source.pdbx_synchrotron_site       APS 
# 
_reflns.B_iso_Wilson_estimate            ? 
_reflns.entry_id                         7JKW 
_reflns.data_reduction_details           ? 
_reflns.data_reduction_method            ? 
_reflns.d_resolution_high                1.200 
_reflns.d_resolution_low                 19.490 
_reflns.details                          ? 
_reflns.limit_h_max                      ? 
_reflns.limit_h_min                      ? 
_reflns.limit_k_max                      ? 
_reflns.limit_k_min                      ? 
_reflns.limit_l_max                      ? 
_reflns.limit_l_min                      ? 
_reflns.number_all                       ? 
_reflns.number_obs                       46415 
_reflns.observed_criterion               ? 
_reflns.observed_criterion_F_max         ? 
_reflns.observed_criterion_F_min         ? 
_reflns.observed_criterion_I_max         ? 
_reflns.observed_criterion_I_min         ? 
_reflns.observed_criterion_sigma_F       ? 
_reflns.observed_criterion_sigma_I       ? 
_reflns.percent_possible_obs             99.600 
_reflns.R_free_details                   ? 
_reflns.Rmerge_F_all                     ? 
_reflns.Rmerge_F_obs                     ? 
_reflns.Friedel_coverage                 ? 
_reflns.number_gt                        ? 
_reflns.threshold_expression             ? 
_reflns.pdbx_redundancy                  6.900 
_reflns.pdbx_Rmerge_I_obs                0.051 
_reflns.pdbx_Rmerge_I_all                ? 
_reflns.pdbx_Rsym_value                  ? 
_reflns.pdbx_netI_over_av_sigmaI         ? 
_reflns.pdbx_netI_over_sigmaI            17.300 
_reflns.pdbx_res_netI_over_av_sigmaI_2   ? 
_reflns.pdbx_res_netI_over_sigmaI_2      ? 
_reflns.pdbx_chi_squared                 ? 
_reflns.pdbx_scaling_rejects             ? 
_reflns.pdbx_d_res_high_opt              ? 
_reflns.pdbx_d_res_low_opt               ? 
_reflns.pdbx_d_res_opt_method            ? 
_reflns.phase_calculation_details        ? 
_reflns.pdbx_Rrim_I_all                  0.056 
_reflns.pdbx_Rpim_I_all                  0.021 
_reflns.pdbx_d_opt                       ? 
_reflns.pdbx_number_measured_all         320240 
_reflns.pdbx_diffrn_id                   1 
_reflns.pdbx_ordinal                     1 
_reflns.pdbx_CC_half                     0.999 
_reflns.pdbx_CC_star                     ? 
_reflns.pdbx_R_split                     ? 
# 
_reflns_shell.d_res_high                  1.200 
_reflns_shell.d_res_low                   1.220 
_reflns_shell.meanI_over_sigI_all         ? 
_reflns_shell.meanI_over_sigI_obs         ? 
_reflns_shell.number_measured_all         ? 
_reflns_shell.number_measured_obs         ? 
_reflns_shell.number_possible             ? 
_reflns_shell.number_unique_all           ? 
_reflns_shell.number_unique_obs           2103 
_reflns_shell.percent_possible_all        93.400 
_reflns_shell.percent_possible_obs        ? 
_reflns_shell.Rmerge_F_all                ? 
_reflns_shell.Rmerge_F_obs                ? 
_reflns_shell.Rmerge_I_all                ? 
_reflns_shell.Rmerge_I_obs                0.415 
_reflns_shell.meanI_over_sigI_gt          ? 
_reflns_shell.meanI_over_uI_all           ? 
_reflns_shell.meanI_over_uI_gt            ? 
_reflns_shell.number_measured_gt          ? 
_reflns_shell.number_unique_gt            ? 
_reflns_shell.percent_possible_gt         ? 
_reflns_shell.Rmerge_F_gt                 ? 
_reflns_shell.Rmerge_I_gt                 ? 
_reflns_shell.pdbx_redundancy             6.000 
_reflns_shell.pdbx_Rsym_value             ? 
_reflns_shell.pdbx_chi_squared            ? 
_reflns_shell.pdbx_netI_over_sigmaI_all   ? 
_reflns_shell.pdbx_netI_over_sigmaI_obs   ? 
_reflns_shell.pdbx_Rrim_I_all             0.453 
_reflns_shell.pdbx_Rpim_I_all             0.178 
_reflns_shell.pdbx_rejects                ? 
_reflns_shell.pdbx_ordinal                1 
_reflns_shell.pdbx_diffrn_id              1 
_reflns_shell.pdbx_CC_half                0.947 
_reflns_shell.pdbx_CC_star                ? 
_reflns_shell.pdbx_R_split                ? 
# 
_refine.aniso_B[1][1]                            1.0800 
_refine.aniso_B[1][2]                            0.0000 
_refine.aniso_B[1][3]                            0.0000 
_refine.aniso_B[2][2]                            -0.3000 
_refine.aniso_B[2][3]                            0.0000 
_refine.aniso_B[3][3]                            -0.7800 
_refine.B_iso_max                                44.160 
_refine.B_iso_mean                               14.2400 
_refine.B_iso_min                                8.180 
_refine.correlation_coeff_Fo_to_Fc               0.9700 
_refine.correlation_coeff_Fo_to_Fc_free          0.9660 
_refine.details                                  
'HYDROGENS HAVE BEEN ADDED IN THE RIDING POSITIONS U VALUES      : REFINED INDIVIDUALLY' 
_refine.diff_density_max                         ? 
_refine.diff_density_max_esd                     ? 
_refine.diff_density_min                         ? 
_refine.diff_density_min_esd                     ? 
_refine.diff_density_rms                         ? 
_refine.diff_density_rms_esd                     ? 
_refine.entry_id                                 7JKW 
_refine.pdbx_refine_id                           'X-RAY DIFFRACTION' 
_refine.ls_abs_structure_details                 ? 
_refine.ls_abs_structure_Flack                   ? 
_refine.ls_abs_structure_Flack_esd               ? 
_refine.ls_abs_structure_Rogers                  ? 
_refine.ls_abs_structure_Rogers_esd              ? 
_refine.ls_d_res_high                            1.2000 
_refine.ls_d_res_low                             19.4900 
_refine.ls_extinction_coef                       ? 
_refine.ls_extinction_coef_esd                   ? 
_refine.ls_extinction_expression                 ? 
_refine.ls_extinction_method                     ? 
_refine.ls_goodness_of_fit_all                   ? 
_refine.ls_goodness_of_fit_all_esd               ? 
_refine.ls_goodness_of_fit_obs                   ? 
_refine.ls_goodness_of_fit_obs_esd               ? 
_refine.ls_hydrogen_treatment                    ? 
_refine.ls_matrix_type                           ? 
_refine.ls_number_constraints                    ? 
_refine.ls_number_parameters                     ? 
_refine.ls_number_reflns_all                     ? 
_refine.ls_number_reflns_obs                     43953 
_refine.ls_number_reflns_R_free                  2397 
_refine.ls_number_reflns_R_work                  ? 
_refine.ls_number_restraints                     ? 
_refine.ls_percent_reflns_obs                    99.5500 
_refine.ls_percent_reflns_R_free                 5.2000 
_refine.ls_R_factor_all                          ? 
_refine.ls_R_factor_obs                          0.1700 
_refine.ls_R_factor_R_free                       0.1849 
_refine.ls_R_factor_R_free_error                 ? 
_refine.ls_R_factor_R_free_error_details         ? 
_refine.ls_R_factor_R_work                       0.1691 
_refine.ls_R_Fsqd_factor_obs                     ? 
_refine.ls_R_I_factor_obs                        ? 
_refine.ls_redundancy_reflns_all                 ? 
_refine.ls_redundancy_reflns_obs                 ? 
_refine.ls_restrained_S_all                      ? 
_refine.ls_restrained_S_obs                      ? 
_refine.ls_shift_over_esd_max                    ? 
_refine.ls_shift_over_esd_mean                   ? 
_refine.ls_structure_factor_coef                 ? 
_refine.ls_weighting_details                     ? 
_refine.ls_weighting_scheme                      ? 
_refine.ls_wR_factor_all                         ? 
_refine.ls_wR_factor_obs                         ? 
_refine.ls_wR_factor_R_free                      ? 
_refine.ls_wR_factor_R_work                      ? 
_refine.occupancy_max                            ? 
_refine.occupancy_min                            ? 
_refine.solvent_model_details                    MASK 
_refine.solvent_model_param_bsol                 ? 
_refine.solvent_model_param_ksol                 ? 
_refine.pdbx_R_complete                          ? 
_refine.ls_R_factor_gt                           ? 
_refine.ls_goodness_of_fit_gt                    ? 
_refine.ls_goodness_of_fit_ref                   ? 
_refine.ls_shift_over_su_max                     ? 
_refine.ls_shift_over_su_max_lt                  ? 
_refine.ls_shift_over_su_mean                    ? 
_refine.ls_shift_over_su_mean_lt                 ? 
_refine.pdbx_ls_sigma_I                          ? 
_refine.pdbx_ls_sigma_F                          0.000 
_refine.pdbx_ls_sigma_Fsqd                       ? 
_refine.pdbx_data_cutoff_high_absF               ? 
_refine.pdbx_data_cutoff_high_rms_absF           ? 
_refine.pdbx_data_cutoff_low_absF                ? 
_refine.pdbx_isotropic_thermal_model             ? 
_refine.pdbx_ls_cross_valid_method               THROUGHOUT 
_refine.pdbx_method_to_determine_struct          'MOLECULAR REPLACEMENT' 
_refine.pdbx_starting_model                      3mxf 
_refine.pdbx_stereochemistry_target_values       'MAXIMUM LIKELIHOOD' 
_refine.pdbx_R_Free_selection_details            RANDOM 
_refine.pdbx_stereochem_target_val_spec_case     ? 
_refine.pdbx_overall_ESU_R                       0.0380 
_refine.pdbx_overall_ESU_R_Free                  0.0390 
_refine.pdbx_solvent_vdw_probe_radii             1.2000 
_refine.pdbx_solvent_ion_probe_radii             0.8000 
_refine.pdbx_solvent_shrinkage_radii             0.8000 
_refine.pdbx_real_space_R                        ? 
_refine.pdbx_density_correlation                 ? 
_refine.pdbx_pd_number_of_powder_patterns        ? 
_refine.pdbx_pd_number_of_points                 ? 
_refine.pdbx_pd_meas_number_of_points            ? 
_refine.pdbx_pd_proc_ls_prof_R_factor            ? 
_refine.pdbx_pd_proc_ls_prof_wR_factor           ? 
_refine.pdbx_pd_Marquardt_correlation_coeff      ? 
_refine.pdbx_pd_Fsqrd_R_factor                   ? 
_refine.pdbx_pd_ls_matrix_band_width             ? 
_refine.pdbx_overall_phase_error                 ? 
_refine.pdbx_overall_SU_R_free_Cruickshank_DPI   ? 
_refine.pdbx_overall_SU_R_free_Blow_DPI          ? 
_refine.pdbx_overall_SU_R_Blow_DPI               ? 
_refine.pdbx_TLS_residual_ADP_flag               ? 
_refine.pdbx_diffrn_id                           1 
_refine.overall_SU_B                             0.5370 
_refine.overall_SU_ML                            0.0250 
_refine.overall_SU_R_Cruickshank_DPI             ? 
_refine.overall_SU_R_free                        ? 
_refine.overall_FOM_free_R_set                   ? 
_refine.overall_FOM_work_R_set                   ? 
_refine.pdbx_average_fsc_overall                 ? 
_refine.pdbx_average_fsc_work                    ? 
_refine.pdbx_average_fsc_free                    ? 
# 
_refine_hist.pdbx_refine_id                   'X-RAY DIFFRACTION' 
_refine_hist.cycle_id                         final 
_refine_hist.details                          ? 
_refine_hist.d_res_high                       1.2000 
_refine_hist.d_res_low                        19.4900 
_refine_hist.number_atoms_solvent             159 
_refine_hist.number_atoms_total               1266 
_refine_hist.number_reflns_all                ? 
_refine_hist.number_reflns_obs                ? 
_refine_hist.number_reflns_R_free             ? 
_refine_hist.number_reflns_R_work             ? 
_refine_hist.R_factor_all                     ? 
_refine_hist.R_factor_obs                     ? 
_refine_hist.R_factor_R_free                  ? 
_refine_hist.R_factor_R_work                  ? 
_refine_hist.pdbx_number_residues_total       127 
_refine_hist.pdbx_B_iso_mean_ligand           13.96 
_refine_hist.pdbx_B_iso_mean_solvent          22.89 
_refine_hist.pdbx_number_atoms_protein        1065 
_refine_hist.pdbx_number_atoms_nucleic_acid   0 
_refine_hist.pdbx_number_atoms_ligand         42 
_refine_hist.pdbx_number_atoms_lipid          ? 
_refine_hist.pdbx_number_atoms_carb           ? 
_refine_hist.pdbx_pseudo_atom_details         ? 
# 
loop_
_refine_ls_restr.pdbx_refine_id 
_refine_ls_restr.criterion 
_refine_ls_restr.dev_ideal 
_refine_ls_restr.dev_ideal_target 
_refine_ls_restr.number 
_refine_ls_restr.rejects 
_refine_ls_restr.type 
_refine_ls_restr.weight 
_refine_ls_restr.pdbx_restraint_function 
'X-RAY DIFFRACTION' ? 0.014  0.013  1175 ? r_bond_refined_d       ? ? 
'X-RAY DIFFRACTION' ? 0.001  0.017  1059 ? r_bond_other_d         ? ? 
'X-RAY DIFFRACTION' ? 1.831  1.670  1611 ? r_angle_refined_deg    ? ? 
'X-RAY DIFFRACTION' ? 1.478  1.573  2483 ? r_angle_other_deg      ? ? 
'X-RAY DIFFRACTION' ? 5.896  5.000  132  ? r_dihedral_angle_1_deg ? ? 
'X-RAY DIFFRACTION' ? 33.055 25.167 60   ? r_dihedral_angle_2_deg ? ? 
'X-RAY DIFFRACTION' ? 11.961 15.000 202  ? r_dihedral_angle_3_deg ? ? 
'X-RAY DIFFRACTION' ? 22.806 15.000 3    ? r_dihedral_angle_4_deg ? ? 
'X-RAY DIFFRACTION' ? 0.104  0.200  147  ? r_chiral_restr         ? ? 
'X-RAY DIFFRACTION' ? 0.013  0.020  1287 ? r_gen_planes_refined   ? ? 
'X-RAY DIFFRACTION' ? 0.002  0.020  228  ? r_gen_planes_other     ? ? 
# 
_refine_ls_shell.pdbx_refine_id                   'X-RAY DIFFRACTION' 
_refine_ls_shell.d_res_high                       1.2010 
_refine_ls_shell.d_res_low                        1.2320 
_refine_ls_shell.number_reflns_all                3243 
_refine_ls_shell.number_reflns_obs                ? 
_refine_ls_shell.number_reflns_R_free             188 
_refine_ls_shell.number_reflns_R_work             3055 
_refine_ls_shell.percent_reflns_obs               95.3800 
_refine_ls_shell.percent_reflns_R_free            ? 
_refine_ls_shell.R_factor_all                     ? 
_refine_ls_shell.R_factor_obs                     ? 
_refine_ls_shell.R_factor_R_free                  0.2280 
_refine_ls_shell.R_factor_R_free_error            0.0000 
_refine_ls_shell.R_factor_R_work                  0.2140 
_refine_ls_shell.redundancy_reflns_all            ? 
_refine_ls_shell.redundancy_reflns_obs            ? 
_refine_ls_shell.wR_factor_all                    ? 
_refine_ls_shell.wR_factor_obs                    ? 
_refine_ls_shell.wR_factor_R_free                 ? 
_refine_ls_shell.wR_factor_R_work                 ? 
_refine_ls_shell.pdbx_R_complete                  ? 
_refine_ls_shell.pdbx_total_number_of_bins_used   20 
_refine_ls_shell.pdbx_phase_error                 ? 
_refine_ls_shell.pdbx_fsc_work                    ? 
_refine_ls_shell.pdbx_fsc_free                    ? 
# 
_struct.entry_id                     7JKW 
_struct.title                        'Bromodomain-containing protein 4 (BRD4) bromodomain 1 (BD1) complexed with ZN1-99' 
_struct.pdbx_model_details           ? 
_struct.pdbx_formula_weight          ? 
_struct.pdbx_formula_weight_method   ? 
_struct.pdbx_model_type_details      ? 
_struct.pdbx_CASP_flag               N 
# 
_struct_keywords.entry_id        7JKW 
_struct_keywords.text            'BRD4-BD1 Inhibitor, TRANSCRIPTION' 
_struct_keywords.pdbx_keywords   TRANSCRIPTION 
# 
loop_
_struct_asym.id 
_struct_asym.pdbx_blank_PDB_chainid_flag 
_struct_asym.pdbx_modified 
_struct_asym.entity_id 
_struct_asym.details 
A N N 1 ? 
B N N 2 ? 
C N N 3 ? 
# 
loop_
_struct_conf.conf_type_id 
_struct_conf.id 
_struct_conf.pdbx_PDB_helix_id 
_struct_conf.beg_label_comp_id 
_struct_conf.beg_label_asym_id 
_struct_conf.beg_label_seq_id 
_struct_conf.pdbx_beg_PDB_ins_code 
_struct_conf.end_label_comp_id 
_struct_conf.end_label_asym_id 
_struct_conf.end_label_seq_id 
_struct_conf.pdbx_end_PDB_ins_code 
_struct_conf.beg_auth_comp_id 
_struct_conf.beg_auth_asym_id 
_struct_conf.beg_auth_seq_id 
_struct_conf.end_auth_comp_id 
_struct_conf.end_auth_asym_id 
_struct_conf.end_auth_seq_id 
_struct_conf.pdbx_PDB_helix_class 
_struct_conf.details 
_struct_conf.pdbx_PDB_helix_length 
HELX_P HELX_P1 AA1 THR A 19  ? VAL A 28  ? THR A 60  VAL A 69  1 ? 10 
HELX_P HELX_P2 AA2 VAL A 28  ? LYS A 35  ? VAL A 69  LYS A 76  1 ? 8  
HELX_P HELX_P3 AA3 HIS A 36  ? GLN A 43  ? HIS A 77  GLN A 84  5 ? 8  
HELX_P HELX_P4 AA4 ASP A 47  ? ASN A 52  ? ASP A 88  ASN A 93  1 ? 6  
HELX_P HELX_P5 AA5 ASP A 55  ? ILE A 60  ? ASP A 96  ILE A 101 1 ? 6  
HELX_P HELX_P6 AA6 ASP A 65  ? ASN A 75  ? ASP A 106 ASN A 116 1 ? 11 
HELX_P HELX_P7 AA7 ASN A 80  ? ASN A 99  ? ASN A 121 ASN A 140 1 ? 20 
HELX_P HELX_P8 AA8 ASP A 103 ? ASN A 121 ? ASP A 144 ASN A 162 1 ? 19 
# 
_struct_conf_type.id          HELX_P 
_struct_conf_type.criteria    ? 
_struct_conf_type.reference   ? 
# 
_struct_site.id                   AC1 
_struct_site.pdbx_evidence_code   Software 
_struct_site.pdbx_auth_asym_id    A 
_struct_site.pdbx_auth_comp_id    VCV 
_struct_site.pdbx_auth_seq_id     401 
_struct_site.pdbx_auth_ins_code   ? 
_struct_site.pdbx_num_residues    17 
_struct_site.details              'binding site for residue VCV A 401' 
# 
loop_
_struct_site_gen.id 
_struct_site_gen.site_id 
_struct_site_gen.pdbx_num_res 
_struct_site_gen.label_comp_id 
_struct_site_gen.label_asym_id 
_struct_site_gen.label_seq_id 
_struct_site_gen.pdbx_auth_ins_code 
_struct_site_gen.auth_comp_id 
_struct_site_gen.auth_asym_id 
_struct_site_gen.auth_seq_id 
_struct_site_gen.label_atom_id 
_struct_site_gen.label_alt_id 
_struct_site_gen.symmetry 
_struct_site_gen.details 
1  AC1 17 TRP A 40  ? TRP A 81  . ? 1_555 ? 
2  AC1 17 PRO A 41  ? PRO A 82  . ? 1_555 ? 
3  AC1 17 PHE A 42  ? PHE A 83  . ? 1_555 ? 
4  AC1 17 GLN A 44  ? GLN A 85  . ? 1_555 ? 
5  AC1 17 PRO A 45  ? PRO A 86  . ? 1_555 ? 
6  AC1 17 VAL A 46  ? VAL A 87  . ? 1_555 ? 
7  AC1 17 ASP A 47  ? ASP A 88  . ? 1_555 ? 
8  AC1 17 LYS A 50  ? LYS A 91  . ? 1_555 ? 
9  AC1 17 LEU A 51  ? LEU A 92  . ? 1_555 ? 
10 AC1 17 TYR A 96  ? TYR A 137 . ? 4_555 ? 
11 AC1 17 TYR A 98  ? TYR A 139 . ? 1_555 ? 
12 AC1 17 ASN A 99  ? ASN A 140 . ? 1_555 ? 
13 AC1 17 ASP A 104 ? ASP A 145 . ? 1_555 ? 
14 AC1 17 HOH C .   ? HOH A 514 . ? 1_555 ? 
15 AC1 17 HOH C .   ? HOH A 519 . ? 1_555 ? 
16 AC1 17 HOH C .   ? HOH A 585 . ? 1_555 ? 
17 AC1 17 HOH C .   ? HOH A 590 . ? 1_555 ? 
# 
_atom_sites.entry_id                    7JKW 
_atom_sites.Cartn_transf_matrix[1][1]   ? 
_atom_sites.Cartn_transf_matrix[1][2]   ? 
_atom_sites.Cartn_transf_matrix[1][3]   ? 
_atom_sites.Cartn_transf_matrix[2][1]   ? 
_atom_sites.Cartn_transf_matrix[2][2]   ? 
_atom_sites.Cartn_transf_matrix[2][3]   ? 
_atom_sites.Cartn_transf_matrix[3][1]   ? 
_atom_sites.Cartn_transf_matrix[3][2]   ? 
_atom_sites.Cartn_transf_matrix[3][3]   ? 
_atom_sites.Cartn_transf_vector[1]      ? 
_atom_sites.Cartn_transf_vector[2]      ? 
_atom_sites.Cartn_transf_vector[3]      ? 
_atom_sites.fract_transf_matrix[1][1]   0.00937242 
_atom_sites.fract_transf_matrix[1][2]   -0.00944378 
_atom_sites.fract_transf_matrix[1][3]   0.02255508 
_atom_sites.fract_transf_matrix[2][1]   0.00984086 
_atom_sites.fract_transf_matrix[2][2]   -0.01810338 
_atom_sites.fract_transf_matrix[2][3]   -0.01166908 
_atom_sites.fract_transf_matrix[3][1]   0.00922644 
_atom_sites.fract_transf_matrix[3][2]   0.00589556 
_atom_sites.fract_transf_matrix[3][3]   -0.00136544 
_atom_sites.fract_transf_vector[1]      0.207884 
_atom_sites.fract_transf_vector[2]      0.122902 
_atom_sites.fract_transf_vector[3]      0.146874 
_atom_sites.solution_primary            ? 
_atom_sites.solution_secondary          ? 
_atom_sites.solution_hydrogens          ? 
_atom_sites.special_details             ? 
# 
loop_
_atom_type.symbol 
C 
N 
O 
S 
# 
loop_
_atom_site.group_PDB 
_atom_site.id 
_atom_site.type_symbol 
_atom_site.label_atom_id 
_atom_site.label_alt_id 
_atom_site.label_comp_id 
_atom_site.label_asym_id 
_atom_site.label_entity_id 
_atom_site.label_seq_id 
_atom_site.pdbx_PDB_ins_code 
_atom_site.Cartn_x 
_atom_site.Cartn_y 
_atom_site.Cartn_z 
_atom_site.occupancy 
_atom_site.B_iso_or_equiv 
_atom_site.pdbx_formal_charge 
_atom_site.auth_seq_id 
_atom_site.auth_comp_id 
_atom_site.auth_asym_id 
_atom_site.auth_atom_id 
_atom_site.pdbx_PDB_model_num 
ATOM   1    N N   . LEU A 1 1   ? 3.818   -19.152 -14.633 1.00 21.23 ? 42  LEU A N   1 
ATOM   2    C CA  . LEU A 1 1   ? 4.019   -17.680 -14.709 1.00 19.43 ? 42  LEU A CA  1 
ATOM   3    C C   . LEU A 1 1   ? 4.977   -17.258 -13.574 1.00 17.70 ? 42  LEU A C   1 
ATOM   4    O O   . LEU A 1 1   ? 4.845   -17.741 -12.405 1.00 19.45 ? 42  LEU A O   1 
ATOM   5    C CB  . LEU A 1 1   ? 2.675   -16.940 -14.618 1.00 20.19 ? 42  LEU A CB  1 
ATOM   6    C CG  . LEU A 1 1   ? 2.596   -15.502 -15.142 1.00 22.79 ? 42  LEU A CG  1 
ATOM   7    C CD1 . LEU A 1 1   ? 2.780   -15.451 -16.659 1.00 24.31 ? 42  LEU A CD1 1 
ATOM   8    C CD2 . LEU A 1 1   ? 1.271   -14.845 -14.774 1.00 24.04 ? 42  LEU A CD2 1 
ATOM   9    N N   . GLU A 1 2   ? 5.940   -16.411 -13.915 1.00 15.55 ? 43  GLU A N   1 
ATOM   10   C CA  . GLU A 1 2   ? 6.787   -15.701 -12.944 1.00 14.51 ? 43  GLU A CA  1 
ATOM   11   C C   . GLU A 1 2   ? 5.943   -14.707 -12.140 1.00 13.35 ? 43  GLU A C   1 
ATOM   12   O O   . GLU A 1 2   ? 4.952   -14.201 -12.662 1.00 14.81 ? 43  GLU A O   1 
ATOM   13   C CB  . GLU A 1 2   ? 7.861   -14.923 -13.689 1.00 14.91 ? 43  GLU A CB  1 
ATOM   14   C CG  . GLU A 1 2   ? 8.885   -15.764 -14.433 1.00 16.31 ? 43  GLU A CG  1 
ATOM   15   C CD  . GLU A 1 2   ? 10.011  -14.952 -15.060 1.00 17.48 ? 43  GLU A CD  1 
ATOM   16   O OE1 . GLU A 1 2   ? 10.121  -13.721 -14.863 1.00 19.15 ? 43  GLU A OE1 1 
ATOM   17   O OE2 . GLU A 1 2   ? 10.780  -15.528 -15.840 1.00 20.21 ? 43  GLU A OE2 1 
ATOM   18   N N   . ASN A 1 3   ? 6.470   -14.355 -10.976 1.00 12.43 ? 44  ASN A N   1 
ATOM   19   C CA  . ASN A 1 3   ? 5.924   -13.151 -10.325 1.00 11.73 ? 44  ASN A CA  1 
ATOM   20   C C   . ASN A 1 3   ? 6.511   -11.978 -11.118 1.00 11.51 ? 44  ASN A C   1 
ATOM   21   O O   . ASN A 1 3   ? 7.654   -12.058 -11.603 1.00 11.73 ? 44  ASN A O   1 
ATOM   22   C CB  . ASN A 1 3   ? 6.470   -12.982 -8.908  1.00 12.17 ? 44  ASN A CB  1 
ATOM   23   C CG  . ASN A 1 3   ? 5.842   -13.930 -7.910  1.00 12.11 ? 44  ASN A CG  1 
ATOM   24   O OD1 . ASN A 1 3   ? 4.675   -14.249 -8.019  1.00 13.88 ? 44  ASN A OD1 1 
ATOM   25   N ND2 . ASN A 1 3   ? 6.626   -14.365 -6.945  1.00 13.72 ? 44  ASN A ND2 1 
ATOM   26   N N   . PRO A 1 4   ? 5.832   -10.822 -11.179 1.00 11.33 ? 45  PRO A N   1 
ATOM   27   C CA  . PRO A 1 4   ? 6.445   -9.652  -11.771 1.00 11.63 ? 45  PRO A CA  1 
ATOM   28   C C   . PRO A 1 4   ? 7.479   -9.139  -10.759 1.00 11.73 ? 45  PRO A C   1 
ATOM   29   O O   . PRO A 1 4   ? 7.406   -9.372  -9.557  1.00 11.05 ? 45  PRO A O   1 
ATOM   30   C CB  . PRO A 1 4   ? 5.298   -8.624  -11.817 1.00 11.84 ? 45  PRO A CB  1 
ATOM   31   C CG  . PRO A 1 4   ? 4.368   -9.058  -10.698 1.00 12.76 ? 45  PRO A CG  1 
ATOM   32   C CD  . PRO A 1 4   ? 4.482   -10.571 -10.658 1.00 11.72 ? 45  PRO A CD  1 
ATOM   33   N N   . PRO A 1 5   ? 8.403   -8.254  -11.180 1.00 11.98 ? 46  PRO A N   1 
ATOM   34   C CA  . PRO A 1 5   ? 9.294   -7.611  -10.231 1.00 12.02 ? 46  PRO A CA  1 
ATOM   35   C C   . PRO A 1 5   ? 8.429   -6.695  -9.351  1.00 12.15 ? 46  PRO A C   1 
ATOM   36   O O   . PRO A 1 5   ? 7.385   -6.193  -9.747  1.00 11.87 ? 46  PRO A O   1 
ATOM   37   C CB  . PRO A 1 5   ? 10.214  -6.747  -11.104 1.00 13.49 ? 46  PRO A CB  1 
ATOM   38   C CG  . PRO A 1 5   ? 9.390   -6.502  -12.336 1.00 14.41 ? 46  PRO A CG  1 
ATOM   39   C CD  . PRO A 1 5   ? 8.624   -7.791  -12.548 1.00 12.97 ? 46  PRO A CD  1 
ATOM   40   N N   . PRO A 1 6   ? 8.895   -6.344  -8.141  1.00 12.30 ? 47  PRO A N   1 
ATOM   41   C CA  . PRO A 1 6   ? 8.120   -5.479  -7.274  1.00 12.53 ? 47  PRO A CA  1 
ATOM   42   C C   . PRO A 1 6   ? 8.061   -4.061  -7.858  1.00 11.73 ? 47  PRO A C   1 
ATOM   43   O O   . PRO A 1 6   ? 8.862   -3.652  -8.666  1.00 11.75 ? 47  PRO A O   1 
ATOM   44   C CB  . PRO A 1 6   ? 8.898   -5.462  -5.952  1.00 14.67 ? 47  PRO A CB  1 
ATOM   45   C CG  . PRO A 1 6   ? 10.319  -5.760  -6.370  1.00 15.18 ? 47  PRO A CG  1 
ATOM   46   C CD  . PRO A 1 6   ? 10.183  -6.723  -7.538  1.00 14.54 ? 47  PRO A CD  1 
ATOM   47   N N   . PRO A 1 7   ? 7.142   -3.211  -7.380  1.00 11.32 ? 48  PRO A N   1 
ATOM   48   C CA  . PRO A 1 7   ? 7.078   -1.855  -7.893  1.00 11.58 ? 48  PRO A CA  1 
ATOM   49   C C   . PRO A 1 7   ? 8.365   -1.091  -7.551  1.00 11.55 ? 48  PRO A C   1 
ATOM   50   O O   . PRO A 1 7   ? 9.025   -1.336  -6.568  1.00 11.71 ? 48  PRO A O   1 
ATOM   51   C CB  . PRO A 1 7   ? 5.896   -1.239  -7.133  1.00 11.32 ? 48  PRO A CB  1 
ATOM   52   C CG  . PRO A 1 7   ? 5.076   -2.450  -6.707  1.00 11.67 ? 48  PRO A CG  1 
ATOM   53   C CD  . PRO A 1 7   ? 6.129   -3.481  -6.353  1.00 11.85 ? 48  PRO A CD  1 
ATOM   54   N N   . GLU A 1 8   ? 8.676   -0.120  -8.398  1.00 11.96 ? 49  GLU A N   1 
ATOM   55   C CA  . GLU A 1 8   ? 9.871   0.727   -8.152  1.00 11.58 ? 49  GLU A CA  1 
ATOM   56   C C   . GLU A 1 8   ? 9.723   1.423   -6.794  1.00 11.09 ? 49  GLU A C   1 
ATOM   57   O O   . GLU A 1 8   ? 8.632   1.894   -6.476  1.00 12.10 ? 49  GLU A O   1 
ATOM   58   C CB  . GLU A 1 8   ? 9.987   1.756   -9.275  1.00 14.40 ? 49  GLU A CB  1 
ATOM   59   C CG  . GLU A 1 8   ? 10.355  1.102   -10.593 1.00 18.20 ? 49  GLU A CG  1 
ATOM   60   C CD  . GLU A 1 8   ? 11.749  0.517   -10.657 1.00 18.95 ? 49  GLU A CD  1 
ATOM   61   O OE1 . GLU A 1 8   ? 11.946  -0.381  -11.427 1.00 19.75 ? 49  GLU A OE1 1 
ATOM   62   O OE2 . GLU A 1 8   ? 12.629  0.954   -9.900  1.00 15.77 ? 49  GLU A OE2 1 
ATOM   63   N N   . THR A 1 9   ? 10.814  1.497   -6.029  1.00 11.16 ? 50  THR A N   1 
ATOM   64   C CA  . THR A 1 9   ? 10.744  2.143   -4.689  1.00 11.53 ? 50  THR A CA  1 
ATOM   65   C C   . THR A 1 9   ? 11.767  3.272   -4.516  1.00 12.16 ? 50  THR A C   1 
ATOM   66   O O   . THR A 1 9   ? 11.652  3.994   -3.552  1.00 13.55 ? 50  THR A O   1 
ATOM   67   C CB  . THR A 1 9   ? 10.942  1.097   -3.589  1.00 12.98 ? 50  THR A CB  1 
ATOM   68   O OG1 . THR A 1 9   ? 12.129  0.357   -3.871  1.00 14.37 ? 50  THR A OG1 1 
ATOM   69   C CG2 . THR A 1 9   ? 9.767   0.149   -3.503  1.00 13.05 ? 50  THR A CG2 1 
ATOM   70   N N   . SER A 1 10  ? 12.727  3.393   -5.425  1.00 12.27 ? 51  SER A N   1 
ATOM   71   C CA  . SER A 1 10  ? 13.756  4.450   -5.280  1.00 13.70 ? 51  SER A CA  1 
ATOM   72   C C   . SER A 1 10  ? 14.182  4.882   -6.675  1.00 15.37 ? 51  SER A C   1 
ATOM   73   O O   . SER A 1 10  ? 14.642  4.025   -7.414  1.00 19.84 ? 51  SER A O   1 
ATOM   74   C CB  . SER A 1 10  ? 14.924  3.918   -4.489  1.00 15.64 ? 51  SER A CB  1 
ATOM   75   O OG  . SER A 1 10  ? 15.868  4.937   -4.176  1.00 19.15 ? 51  SER A OG  1 
ATOM   76   N N   . ASN A 1 11  ? 14.075  6.175   -6.959  1.00 13.68 ? 52  ASN A N   1 
ATOM   77   C CA  . ASN A 1 11  ? 14.407  6.688   -8.294  1.00 13.38 ? 52  ASN A CA  1 
ATOM   78   C C   . ASN A 1 11  ? 15.144  8.001   -8.116  1.00 13.69 ? 52  ASN A C   1 
ATOM   79   O O   . ASN A 1 11  ? 14.526  9.025   -7.766  1.00 13.56 ? 52  ASN A O   1 
ATOM   80   C CB  . ASN A 1 11  ? 13.159  6.871   -9.142  1.00 13.97 ? 52  ASN A CB  1 
ATOM   81   C CG  . ASN A 1 11  ? 13.505  7.182   -10.567 1.00 14.36 ? 52  ASN A CG  1 
ATOM   82   O OD1 . ASN A 1 11  ? 14.572  7.732   -10.839 1.00 16.21 ? 52  ASN A OD1 1 
ATOM   83   N ND2 . ASN A 1 11  ? 12.603  6.866   -11.480 1.00 15.76 ? 52  ASN A ND2 1 
ATOM   84   N N   . PRO A 1 12  ? 16.479  8.032   -8.313  1.00 14.62 ? 53  PRO A N   1 
ATOM   85   C CA  . PRO A 1 12  ? 17.224  9.264   -8.090  1.00 15.49 ? 53  PRO A CA  1 
ATOM   86   C C   . PRO A 1 12  ? 16.977  10.309  -9.171  1.00 15.28 ? 53  PRO A C   1 
ATOM   87   O O   . PRO A 1 12  ? 17.416  11.459  -8.982  1.00 17.40 ? 53  PRO A O   1 
ATOM   88   C CB  . PRO A 1 12  ? 18.689  8.825   -7.984  1.00 18.09 ? 53  PRO A CB  1 
ATOM   89   C CG  . PRO A 1 12  ? 18.744  7.534   -8.710  1.00 18.86 ? 53  PRO A CG  1 
ATOM   90   C CD  . PRO A 1 12  ? 17.364  6.894   -8.632  1.00 15.88 ? 53  PRO A CD  1 
ATOM   91   N N   . ASN A 1 13  ? 16.240  9.993   -10.202 1.00 14.67 ? 54  ASN A N   1 
ATOM   92   C CA  . ASN A 1 13  ? 15.800  11.010  -11.193 1.00 14.68 ? 54  ASN A CA  1 
ATOM   93   C C   . ASN A 1 13  ? 14.532  11.753  -10.741 1.00 13.95 ? 54  ASN A C   1 
ATOM   94   O O   . ASN A 1 13  ? 14.090  12.594  -11.534 1.00 15.33 ? 54  ASN A O   1 
ATOM   95   C CB  . ASN A 1 13  ? 15.625  10.386  -12.585 1.00 15.11 ? 54  ASN A CB  1 
ATOM   96   C CG  . ASN A 1 13  ? 15.844  11.410  -13.678 1.00 16.54 ? 54  ASN A CG  1 
ATOM   97   O OD1 . ASN A 1 13  ? 16.829  12.134  -13.592 1.00 17.48 ? 54  ASN A OD1 1 
ATOM   98   N ND2 . ASN A 1 13  ? 14.945  11.525  -14.633 1.00 16.03 ? 54  ASN A ND2 1 
ATOM   99   N N   . LYS A 1 14  ? 13.925  11.373  -9.618  1.00 14.03 ? 55  LYS A N   1 
ATOM   100  C CA  . LYS A 1 14  ? 12.731  12.078  -9.075  1.00 14.84 ? 55  LYS A CA  1 
ATOM   101  C C   . LYS A 1 14  ? 13.205  13.042  -8.005  1.00 16.09 ? 55  LYS A C   1 
ATOM   102  O O   . LYS A 1 14  ? 14.015  12.666  -7.167  1.00 14.75 ? 55  LYS A O   1 
ATOM   103  C CB  . LYS A 1 14  ? 11.707  11.090  -8.511  1.00 15.98 ? 55  LYS A CB  1 
ATOM   104  C CG  . LYS A 1 14  ? 11.065  10.159  -9.530  1.00 17.61 ? 55  LYS A CG  1 
ATOM   105  C CD  . LYS A 1 14  ? 9.972   9.327   -8.906  1.00 19.18 ? 55  LYS A CD  1 
ATOM   106  C CE  . LYS A 1 14  ? 8.697   10.104  -8.684  1.00 20.06 ? 55  LYS A CE  1 
ATOM   107  N NZ  . LYS A 1 14  ? 7.613   9.284   -8.078  1.00 21.79 ? 55  LYS A NZ  1 
ATOM   108  N N   . PRO A 1 15  ? 12.664  14.277  -7.962  1.00 17.71 ? 56  PRO A N   1 
ATOM   109  C CA  . PRO A 1 15  ? 13.049  15.248  -6.940  1.00 16.03 ? 56  PRO A CA  1 
ATOM   110  C C   . PRO A 1 15  ? 12.572  14.760  -5.571  1.00 13.75 ? 56  PRO A C   1 
ATOM   111  O O   . PRO A 1 15  ? 11.669  13.964  -5.499  1.00 16.02 ? 56  PRO A O   1 
ATOM   112  C CB  . PRO A 1 15  ? 12.292  16.504  -7.380  1.00 17.43 ? 56  PRO A CB  1 
ATOM   113  C CG  . PRO A 1 15  ? 11.056  15.913  -8.053  1.00 18.82 ? 56  PRO A CG  1 
ATOM   114  C CD  . PRO A 1 15  ? 11.581  14.737  -8.858  1.00 18.72 ? 56  PRO A CD  1 
ATOM   115  N N   . LYS A 1 16  ? 13.212  15.189  -4.510  1.00 12.50 ? 57  LYS A N   1 
ATOM   116  C CA  . LYS A 1 16  ? 12.968  14.670  -3.169  1.00 12.11 ? 57  LYS A CA  1 
ATOM   117  C C   . LYS A 1 16  ? 12.655  15.783  -2.201  1.00 11.39 ? 57  LYS A C   1 
ATOM   118  O O   . LYS A 1 16  ? 13.349  16.845  -2.212  1.00 11.78 ? 57  LYS A O   1 
ATOM   119  C CB  . LYS A 1 16  ? 14.176  13.878  -2.689  1.00 14.69 ? 57  LYS A CB  1 
ATOM   120  C CG  . LYS A 1 16  ? 14.564  12.657  -3.487  1.00 18.63 ? 57  LYS A CG  1 
ATOM   121  C CD  . LYS A 1 16  ? 15.875  12.035  -3.037  1.00 20.72 ? 57  LYS A CD  1 
ATOM   122  C CE  . LYS A 1 16  ? 16.424  10.993  -3.982  1.00 22.88 ? 57  LYS A CE  1 
ATOM   123  N NZ  . LYS A 1 16  ? 15.567  9.807   -3.984  1.00 19.64 ? 57  LYS A NZ  1 
ATOM   124  N N   . ARG A 1 17  ? 11.741  15.572  -1.295  1.00 10.24 ? 58  ARG A N   1 
ATOM   125  C CA  . ARG A 1 17  ? 11.491  16.525  -0.206  1.00 10.57 ? 58  ARG A CA  1 
ATOM   126  C C   . ARG A 1 17  ? 10.921  15.798  0.986   1.00 11.57 ? 58  ARG A C   1 
ATOM   127  O O   . ARG A 1 17  ? 10.277  14.729  0.809   1.00 12.14 ? 58  ARG A O   1 
ATOM   128  C CB  . ARG A 1 17  ? 10.533  17.630  -0.652  1.00 10.31 ? 58  ARG A CB  1 
ATOM   129  C CG  . ARG A 1 17  ? 9.101   17.208  -0.922  1.00 9.93  ? 58  ARG A CG  1 
ATOM   130  C CD  . ARG A 1 17  ? 8.302   18.450  -1.251  1.00 9.83  ? 58  ARG A CD  1 
ATOM   131  N NE  . ARG A 1 17  ? 6.936   18.135  -1.617  1.00 9.62  ? 58  ARG A NE  1 
ATOM   132  C CZ  . ARG A 1 17  ? 6.017   19.030  -1.911  1.00 9.48  ? 58  ARG A CZ  1 
ATOM   133  N NH1 . ARG A 1 17  ? 6.305   20.332  -1.854  1.00 10.43 ? 58  ARG A NH1 1 
ATOM   134  N NH2 . ARG A 1 17  ? 4.788   18.669  -2.211  1.00 10.37 ? 58  ARG A NH2 1 
ATOM   135  N N   . GLN A 1 18  ? 11.091  16.368  2.151   1.00 11.79 ? 59  GLN A N   1 
ATOM   136  C CA  . GLN A 1 18  ? 10.398  15.945  3.380   1.00 13.33 ? 59  GLN A CA  1 
ATOM   137  C C   . GLN A 1 18  ? 9.299   16.969  3.656   1.00 13.48 ? 59  GLN A C   1 
ATOM   138  O O   . GLN A 1 18  ? 9.554   18.201  3.491   1.00 15.09 ? 59  GLN A O   1 
ATOM   139  C CB  . GLN A 1 18  ? 11.395  15.846  4.536   1.00 16.98 ? 59  GLN A CB  1 
ATOM   140  C CG  . GLN A 1 18  ? 12.414  14.724  4.345   1.00 18.37 ? 59  GLN A CG  1 
ATOM   141  C CD  . GLN A 1 18  ? 13.495  14.969  3.321   1.00 23.20 ? 59  GLN A CD  1 
ATOM   142  O OE1 . GLN A 1 18  ? 13.718  14.161  2.412   1.00 31.22 ? 59  GLN A OE1 1 
ATOM   143  N NE2 . GLN A 1 18  ? 14.216  16.063  3.475   1.00 24.09 ? 59  GLN A NE2 1 
ATOM   144  N N   . THR A 1 19  ? 8.107   16.515  4.012   1.00 12.41 ? 60  THR A N   1 
ATOM   145  C CA  . THR A 1 19  ? 6.974   17.409  4.305   1.00 11.47 ? 60  THR A CA  1 
ATOM   146  C C   . THR A 1 19  ? 6.264   16.905  5.536   1.00 11.37 ? 60  THR A C   1 
ATOM   147  O O   . THR A 1 19  ? 6.377   15.724  5.908   1.00 11.70 ? 60  THR A O   1 
ATOM   148  C CB  . THR A 1 19  ? 5.988   17.530  3.154   1.00 11.74 ? 60  THR A CB  1 
ATOM   149  O OG1 . THR A 1 19  ? 5.314   16.264  3.048   1.00 12.21 ? 60  THR A OG1 1 
ATOM   150  C CG2 . THR A 1 19  ? 6.636   17.912  1.838   1.00 12.40 ? 60  THR A CG2 1 
ATOM   151  N N   . ASN A 1 20  ? 5.518   17.790  6.135   1.00 11.15 ? 61  ASN A N   1 
ATOM   152  C CA  . ASN A 1 20  ? 4.699   17.441  7.313   1.00 12.81 ? 61  ASN A CA  1 
ATOM   153  C C   . ASN A 1 20  ? 3.824   16.230  7.009   1.00 11.10 ? 61  ASN A C   1 
ATOM   154  O O   . ASN A 1 20  ? 3.728   15.296  7.850   1.00 12.95 ? 61  ASN A O   1 
ATOM   155  C CB  . ASN A 1 20  ? 3.800   18.620  7.725   1.00 14.57 ? 61  ASN A CB  1 
ATOM   156  C CG  . ASN A 1 20  ? 4.538   19.873  8.106   1.00 19.74 ? 61  ASN A CG  1 
ATOM   157  O OD1 . ASN A 1 20  ? 5.659   19.779  8.601   1.00 19.07 ? 61  ASN A OD1 1 
ATOM   158  N ND2 . ASN A 1 20  ? 3.886   21.015  7.944   1.00 19.97 ? 61  ASN A ND2 1 
ATOM   159  N N   . GLN A 1 21  ? 3.116   16.274  5.902   1.00 11.12 ? 62  GLN A N   1 
ATOM   160  C CA  . GLN A 1 21  ? 2.172   15.196  5.557   1.00 10.90 ? 62  GLN A CA  1 
ATOM   161  C C   . GLN A 1 21  ? 2.904   13.914  5.206   1.00 11.23 ? 62  GLN A C   1 
ATOM   162  O O   . GLN A 1 21  ? 2.408   12.835  5.608   1.00 12.22 ? 62  GLN A O   1 
ATOM   163  C CB  . GLN A 1 21  ? 1.220   15.649  4.477   1.00 11.42 ? 62  GLN A CB  1 
ATOM   164  C CG  . GLN A 1 21  ? 0.275   16.726  5.005   1.00 12.71 ? 62  GLN A CG  1 
ATOM   165  C CD  . GLN A 1 21  ? -0.824  17.062  4.038   1.00 14.09 ? 62  GLN A CD  1 
ATOM   166  O OE1 . GLN A 1 21  ? -0.822  16.605  2.888   1.00 17.58 ? 62  GLN A OE1 1 
ATOM   167  N NE2 . GLN A 1 21  ? -1.789  17.865  4.489   1.00 15.91 ? 62  GLN A NE2 1 
ATOM   168  N N   . LEU A 1 22  ? 4.007   13.962  4.487   1.00 11.08 ? 63  LEU A N   1 
ATOM   169  C CA  . LEU A 1 22  ? 4.735   12.720  4.199   1.00 11.56 ? 63  LEU A CA  1 
ATOM   170  C C   . LEU A 1 22  ? 5.295   12.117  5.467   1.00 11.40 ? 63  LEU A C   1 
ATOM   171  O O   . LEU A 1 22  ? 5.298   10.871  5.624   1.00 11.55 ? 63  LEU A O   1 
ATOM   172  C CB  . LEU A 1 22  ? 5.858   12.942  3.211   1.00 11.69 ? 63  LEU A CB  1 
ATOM   173  C CG  . LEU A 1 22  ? 5.405   13.154  1.777   1.00 13.40 ? 63  LEU A CG  1 
ATOM   174  C CD1 . LEU A 1 22  ? 6.546   13.659  0.913   1.00 13.89 ? 63  LEU A CD1 1 
ATOM   175  C CD2 . LEU A 1 22  ? 4.779   11.917  1.162   1.00 14.10 ? 63  LEU A CD2 1 
ATOM   176  N N   A GLN A 1 23  ? 5.825   12.929  6.369   0.50 11.58 ? 64  GLN A N   1 
ATOM   177  N N   B GLN A 1 23  ? 5.817   12.935  6.369   0.50 12.40 ? 64  GLN A N   1 
ATOM   178  C CA  A GLN A 1 23  ? 6.333   12.412  7.663   0.50 12.21 ? 64  GLN A CA  1 
ATOM   179  C CA  B GLN A 1 23  ? 6.361   12.412  7.645   0.50 13.64 ? 64  GLN A CA  1 
ATOM   180  C C   A GLN A 1 23  ? 5.206   11.708  8.416   0.50 12.64 ? 64  GLN A C   1 
ATOM   181  C C   B GLN A 1 23  ? 5.227   11.727  8.425   0.50 13.49 ? 64  GLN A C   1 
ATOM   182  O O   A GLN A 1 23  ? 5.454   10.609  8.959   0.50 13.60 ? 64  GLN A O   1 
ATOM   183  O O   B GLN A 1 23  ? 5.484   10.625  8.959   0.50 14.07 ? 64  GLN A O   1 
ATOM   184  C CB  A GLN A 1 23  ? 6.874   13.565  8.495   0.50 12.83 ? 64  GLN A CB  1 
ATOM   185  C CB  B GLN A 1 23  ? 7.032   13.546  8.418   0.50 15.47 ? 64  GLN A CB  1 
ATOM   186  C CG  A GLN A 1 23  ? 8.201   14.086  7.975   0.50 14.09 ? 64  GLN A CG  1 
ATOM   187  C CG  B GLN A 1 23  ? 7.570   13.124  9.774   0.50 18.65 ? 64  GLN A CG  1 
ATOM   188  C CD  A GLN A 1 23  ? 8.661   15.360  8.643   0.50 18.48 ? 64  GLN A CD  1 
ATOM   189  C CD  B GLN A 1 23  ? 8.705   13.989  10.273  0.50 22.93 ? 64  GLN A CD  1 
ATOM   190  O OE1 A GLN A 1 23  ? 7.919   16.013  9.365   0.50 23.88 ? 64  GLN A OE1 1 
ATOM   191  O OE1 B GLN A 1 23  ? 9.578   14.415  9.522   0.50 25.37 ? 64  GLN A OE1 1 
ATOM   192  N NE2 A GLN A 1 23  ? 9.896   15.736  8.369   0.50 23.68 ? 64  GLN A NE2 1 
ATOM   193  N NE2 B GLN A 1 23  ? 8.710   14.243  11.568  0.50 24.59 ? 64  GLN A NE2 1 
ATOM   194  N N   . TYR A 1 24  ? 4.036   12.316  8.460   1.00 11.96 ? 65  TYR A N   1 
ATOM   195  C CA  . TYR A 1 24  ? 2.868   11.728  9.131   1.00 12.76 ? 65  TYR A CA  1 
ATOM   196  C C   . TYR A 1 24  ? 2.509   10.396  8.471   1.00 11.98 ? 65  TYR A C   1 
ATOM   197  O O   . TYR A 1 24  ? 2.143   9.401   9.162   1.00 12.83 ? 65  TYR A O   1 
ATOM   198  C CB  . TYR A 1 24  ? 1.738   12.738  9.107   1.00 13.59 ? 65  TYR A CB  1 
ATOM   199  C CG  . TYR A 1 24  ? 0.434   12.256  9.675   1.00 14.20 ? 65  TYR A CG  1 
ATOM   200  C CD1 . TYR A 1 24  ? 0.181   12.379  11.036  1.00 15.09 ? 65  TYR A CD1 1 
ATOM   201  C CD2 . TYR A 1 24  ? -0.549  11.695  8.868   1.00 14.03 ? 65  TYR A CD2 1 
ATOM   202  C CE1 . TYR A 1 24  ? -1.019  11.957  11.584  1.00 14.96 ? 65  TYR A CE1 1 
ATOM   203  C CE2 . TYR A 1 24  ? -1.768  11.304  9.390   1.00 14.09 ? 65  TYR A CE2 1 
ATOM   204  C CZ  . TYR A 1 24  ? -1.982  11.423  10.758  1.00 13.86 ? 65  TYR A CZ  1 
ATOM   205  O OH  . TYR A 1 24  ? -3.183  11.034  11.260  1.00 16.91 ? 65  TYR A OH  1 
ATOM   206  N N   . LEU A 1 25  ? 2.508   10.356  7.138   1.00 11.46 ? 66  LEU A N   1 
ATOM   207  C CA  . LEU A 1 25  ? 2.128   9.123   6.429   1.00 11.34 ? 66  LEU A CA  1 
ATOM   208  C C   . LEU A 1 25  ? 3.057   8.007   6.849   1.00 12.07 ? 66  LEU A C   1 
ATOM   209  O O   . LEU A 1 25  ? 2.560   6.851   6.892   1.00 13.39 ? 66  LEU A O   1 
ATOM   210  C CB  . LEU A 1 25  ? 2.138   9.356   4.928   1.00 12.65 ? 66  LEU A CB  1 
ATOM   211  C CG  . LEU A 1 25  ? 0.896   10.089  4.455   1.00 13.51 ? 66  LEU A CG  1 
ATOM   212  C CD1 . LEU A 1 25  ? 1.105   10.747  3.113   1.00 14.91 ? 66  LEU A CD1 1 
ATOM   213  C CD2 . LEU A 1 25  ? -0.311  9.154   4.401   1.00 16.04 ? 66  LEU A CD2 1 
ATOM   214  N N   . LEU A 1 26  ? 4.340   8.229   7.050   1.00 11.68 ? 67  LEU A N   1 
ATOM   215  C CA  . LEU A 1 26  ? 5.246   7.136   7.476   1.00 12.71 ? 67  LEU A CA  1 
ATOM   216  C C   . LEU A 1 26  ? 5.114   6.859   8.973   1.00 13.56 ? 67  LEU A C   1 
ATOM   217  O O   . LEU A 1 26  ? 4.924   5.683   9.361   1.00 15.25 ? 67  LEU A O   1 
ATOM   218  C CB  . LEU A 1 26  ? 6.682   7.459   7.103   1.00 14.33 ? 67  LEU A CB  1 
ATOM   219  C CG  . LEU A 1 26  ? 7.727   6.427   7.516   1.00 16.01 ? 67  LEU A CG  1 
ATOM   220  C CD1 . LEU A 1 26  ? 7.468   5.058   6.889   1.00 16.25 ? 67  LEU A CD1 1 
ATOM   221  C CD2 . LEU A 1 26  ? 9.122   6.915   7.171   1.00 17.87 ? 67  LEU A CD2 1 
ATOM   222  N N   . ARG A 1 27  ? 5.204   7.880   9.808   1.00 14.65 ? 68  ARG A N   1 
ATOM   223  C CA  . ARG A 1 27  ? 5.392   7.712   11.260  1.00 15.76 ? 68  ARG A CA  1 
ATOM   224  C C   . ARG A 1 27  ? 4.062   7.412   11.915  1.00 16.57 ? 68  ARG A C   1 
ATOM   225  O O   . ARG A 1 27  ? 4.107   6.794   13.039  1.00 19.04 ? 68  ARG A O   1 
ATOM   226  C CB  . ARG A 1 27  ? 5.992   8.986   11.860  1.00 19.67 ? 68  ARG A CB  1 
ATOM   227  C CG  . ARG A 1 27  ? 7.267   9.457   11.181  1.00 25.50 ? 68  ARG A CG  1 
ATOM   228  C CD  . ARG A 1 27  ? 8.613   8.828   11.467  1.00 33.93 ? 68  ARG A CD  1 
ATOM   229  N NE  . ARG A 1 27  ? 8.734   7.407   11.136  1.00 38.48 ? 68  ARG A NE  1 
ATOM   230  C CZ  . ARG A 1 27  ? 9.863   6.788   10.772  1.00 41.70 ? 68  ARG A CZ  1 
ATOM   231  N NH1 . ARG A 1 27  ? 9.851   5.487   10.535  1.00 44.16 ? 68  ARG A NH1 1 
ATOM   232  N NH2 . ARG A 1 27  ? 10.987  7.466   10.616  1.00 41.85 ? 68  ARG A NH2 1 
ATOM   233  N N   . VAL A 1 28  ? 2.946   7.840   11.386  1.00 15.34 ? 69  VAL A N   1 
ATOM   234  C CA  . VAL A 1 28  ? 1.615   7.557   11.976  1.00 16.76 ? 69  VAL A CA  1 
ATOM   235  C C   . VAL A 1 28  ? 0.835   6.575   11.107  1.00 16.22 ? 69  VAL A C   1 
ATOM   236  O O   . VAL A 1 28  ? 0.365   5.524   11.641  1.00 17.20 ? 69  VAL A O   1 
ATOM   237  C CB  . VAL A 1 28  ? 0.839   8.853   12.260  1.00 17.08 ? 69  VAL A CB  1 
ATOM   238  C CG1 . VAL A 1 28  ? -0.569  8.558   12.746  1.00 18.68 ? 69  VAL A CG1 1 
ATOM   239  C CG2 . VAL A 1 28  ? 1.591   9.706   13.264  1.00 18.17 ? 69  VAL A CG2 1 
ATOM   240  N N   . VAL A 1 29  ? 0.557   6.886   9.855   1.00 16.78 ? 70  VAL A N   1 
ATOM   241  C CA  . VAL A 1 29  ? -0.420  6.091   9.073   1.00 15.54 ? 70  VAL A CA  1 
ATOM   242  C C   . VAL A 1 29  ? 0.178   4.713   8.786   1.00 15.41 ? 70  VAL A C   1 
ATOM   243  O O   . VAL A 1 29  ? -0.450  3.692   9.167   1.00 16.22 ? 70  VAL A O   1 
ATOM   244  C CB  . VAL A 1 29  ? -0.835  6.822   7.787   1.00 15.44 ? 70  VAL A CB  1 
ATOM   245  C CG1 . VAL A 1 29  ? -1.849  5.992   6.995   1.00 15.76 ? 70  VAL A CG1 1 
ATOM   246  C CG2 . VAL A 1 29  ? -1.386  8.200   8.090   1.00 15.93 ? 70  VAL A CG2 1 
ATOM   247  N N   . LEU A 1 30  ? 1.332   4.638   8.150   1.00 14.83 ? 71  LEU A N   1 
ATOM   248  C CA  . LEU A 1 30  ? 1.934   3.339   7.801   1.00 15.35 ? 71  LEU A CA  1 
ATOM   249  C C   . LEU A 1 30  ? 2.231   2.610   9.102   1.00 15.94 ? 71  LEU A C   1 
ATOM   250  O O   . LEU A 1 30  ? 1.899   1.384   9.201   1.00 17.14 ? 71  LEU A O   1 
ATOM   251  C CB  . LEU A 1 30  ? 3.183   3.552   6.953   1.00 15.94 ? 71  LEU A CB  1 
ATOM   252  C CG  . LEU A 1 30  ? 3.894   2.311   6.403   1.00 17.60 ? 71  LEU A CG  1 
ATOM   253  C CD1 . LEU A 1 30  ? 4.788   1.601   7.390   1.00 18.53 ? 71  LEU A CD1 1 
ATOM   254  C CD2 . LEU A 1 30  ? 2.985   1.326   5.752   1.00 19.02 ? 71  LEU A CD2 1 
ATOM   255  N N   . LYS A 1 31  ? 2.825   3.267   10.083  1.00 17.10 ? 72  LYS A N   1 
ATOM   256  C CA  . LYS A 1 31  ? 3.195   2.617   11.375  1.00 19.76 ? 72  LYS A CA  1 
ATOM   257  C C   . LYS A 1 31  ? 1.946   1.987   12.016  1.00 18.68 ? 72  LYS A C   1 
ATOM   258  O O   . LYS A 1 31  ? 2.018   0.793   12.494  1.00 19.78 ? 72  LYS A O   1 
ATOM   259  C CB  . LYS A 1 31  ? 3.903   3.623   12.290  1.00 22.53 ? 72  LYS A CB  1 
ATOM   260  C CG  . LYS A 1 31  ? 4.319   3.081   13.660  1.00 27.53 ? 72  LYS A CG  1 
ATOM   261  C CD  . LYS A 1 31  ? 5.149   4.079   14.462  1.00 32.51 ? 72  LYS A CD  1 
ATOM   262  C CE  . LYS A 1 31  ? 5.472   3.623   15.870  1.00 39.06 ? 72  LYS A CE  1 
ATOM   263  N NZ  . LYS A 1 31  ? 6.835   3.050   15.961  1.00 43.01 ? 72  LYS A NZ  1 
ATOM   264  N N   . THR A 1 32  ? 0.834   2.678   12.064  1.00 17.54 ? 73  THR A N   1 
ATOM   265  C CA  . THR A 1 32  ? -0.412  2.199   12.735  1.00 18.11 ? 73  THR A CA  1 
ATOM   266  C C   . THR A 1 32  ? -0.903  0.952   11.990  1.00 17.55 ? 73  THR A C   1 
ATOM   267  O O   . THR A 1 32  ? -1.275  -0.074  12.648  1.00 18.45 ? 73  THR A O   1 
ATOM   268  C CB  . THR A 1 32  ? -1.520  3.258   12.727  1.00 18.97 ? 73  THR A CB  1 
ATOM   269  O OG1 . THR A 1 32  ? -1.064  4.342   13.544  1.00 22.47 ? 73  THR A OG1 1 
ATOM   270  C CG2 . THR A 1 32  ? -2.862  2.772   13.244  1.00 22.79 ? 73  THR A CG2 1 
ATOM   271  N N   . LEU A 1 33  ? -0.983  0.995   10.665  1.00 16.27 ? 74  LEU A N   1 
ATOM   272  C CA  . LEU A 1 33  ? -1.475  -0.161  9.889   1.00 15.11 ? 74  LEU A CA  1 
ATOM   273  C C   . LEU A 1 33  ? -0.457  -1.280  9.977   1.00 14.34 ? 74  LEU A C   1 
ATOM   274  O O   . LEU A 1 33  ? -0.896  -2.467  10.041  1.00 14.96 ? 74  LEU A O   1 
ATOM   275  C CB  . LEU A 1 33  ? -1.767  0.243   8.433   1.00 16.49 ? 74  LEU A CB  1 
ATOM   276  C CG  . LEU A 1 33  ? -3.199  0.688   8.115   1.00 18.93 ? 74  LEU A CG  1 
ATOM   277  C CD1 . LEU A 1 33  ? -3.541  2.006   8.800   1.00 22.41 ? 74  LEU A CD1 1 
ATOM   278  C CD2 . LEU A 1 33  ? -3.427  0.809   6.602   1.00 19.83 ? 74  LEU A CD2 1 
ATOM   279  N N   . TRP A 1 34  ? 0.814   -1.030  9.939   1.00 14.31 ? 75  TRP A N   1 
ATOM   280  C CA  . TRP A 1 34  ? 1.825   -2.092  9.876   1.00 14.85 ? 75  TRP A CA  1 
ATOM   281  C C   . TRP A 1 34  ? 1.756   -2.995  11.116  1.00 15.89 ? 75  TRP A C   1 
ATOM   282  O O   . TRP A 1 34  ? 2.070   -4.206  10.978  1.00 17.30 ? 75  TRP A O   1 
ATOM   283  C CB  . TRP A 1 34  ? 3.210   -1.474  9.758   1.00 15.20 ? 75  TRP A CB  1 
ATOM   284  C CG  . TRP A 1 34  ? 4.291   -2.446  9.454   1.00 16.40 ? 75  TRP A CG  1 
ATOM   285  C CD1 . TRP A 1 34  ? 5.054   -3.168  10.328  1.00 17.77 ? 75  TRP A CD1 1 
ATOM   286  C CD2 . TRP A 1 34  ? 4.778   -2.793  8.152   1.00 14.11 ? 75  TRP A CD2 1 
ATOM   287  N NE1 . TRP A 1 34  ? 5.977   -3.907  9.647   1.00 18.52 ? 75  TRP A NE1 1 
ATOM   288  C CE2 . TRP A 1 34  ? 5.844   -3.694  8.303   1.00 15.65 ? 75  TRP A CE2 1 
ATOM   289  C CE3 . TRP A 1 34  ? 4.428   -2.359  6.861   1.00 13.77 ? 75  TRP A CE3 1 
ATOM   290  C CZ2 . TRP A 1 34  ? 6.527   -4.230  7.232   1.00 16.15 ? 75  TRP A CZ2 1 
ATOM   291  C CZ3 . TRP A 1 34  ? 5.087   -2.893  5.791   1.00 14.47 ? 75  TRP A CZ3 1 
ATOM   292  C CH2 . TRP A 1 34  ? 6.146   -3.784  5.970   1.00 14.83 ? 75  TRP A CH2 1 
ATOM   293  N N   . LYS A 1 35  ? 1.458   -2.428  12.279  1.00 16.80 ? 76  LYS A N   1 
ATOM   294  C CA  . LYS A 1 35  ? 1.504   -3.183  13.563  1.00 17.40 ? 76  LYS A CA  1 
ATOM   295  C C   . LYS A 1 35  ? 0.199   -3.947  13.758  1.00 17.44 ? 76  LYS A C   1 
ATOM   296  O O   . LYS A 1 35  ? 0.103   -4.718  14.734  1.00 19.98 ? 76  LYS A O   1 
ATOM   297  C CB  . LYS A 1 35  ? 1.755   -2.229  14.734  1.00 21.98 ? 76  LYS A CB  1 
ATOM   298  C CG  . LYS A 1 35  ? 0.572   -1.373  15.136  1.00 23.73 ? 76  LYS A CG  1 
ATOM   299  C CD  . LYS A 1 35  ? 0.831   -0.368  16.255  1.00 28.62 ? 76  LYS A CD  1 
ATOM   300  C CE  . LYS A 1 35  ? -0.455  0.341   16.618  1.00 30.16 ? 76  LYS A CE  1 
ATOM   301  N NZ  . LYS A 1 35  ? -0.230  1.492   17.520  1.00 37.01 ? 76  LYS A NZ  1 
ATOM   302  N N   . HIS A 1 36  ? -0.822  -3.683  12.963  1.00 16.27 ? 77  HIS A N   1 
ATOM   303  C CA  . HIS A 1 36  ? -2.141  -4.338  13.090  1.00 16.32 ? 77  HIS A CA  1 
ATOM   304  C C   . HIS A 1 36  ? -2.030  -5.856  12.879  1.00 15.36 ? 77  HIS A C   1 
ATOM   305  O O   . HIS A 1 36  ? -1.252  -6.326  12.082  1.00 14.73 ? 77  HIS A O   1 
ATOM   306  C CB  . HIS A 1 36  ? -3.111  -3.728  12.085  1.00 17.83 ? 77  HIS A CB  1 
ATOM   307  C CG  . HIS A 1 36  ? -4.514  -4.018  12.434  1.00 17.33 ? 77  HIS A CG  1 
ATOM   308  N ND1 . HIS A 1 36  ? -5.117  -5.237  12.136  1.00 16.41 ? 77  HIS A ND1 1 
ATOM   309  C CD2 . HIS A 1 36  ? -5.438  -3.256  13.043  1.00 19.23 ? 77  HIS A CD2 1 
ATOM   310  C CE1 . HIS A 1 36  ? -6.347  -5.197  12.544  1.00 17.54 ? 77  HIS A CE1 1 
ATOM   311  N NE2 . HIS A 1 36  ? -6.584  -3.995  13.148  1.00 19.70 ? 77  HIS A NE2 1 
ATOM   312  N N   . GLN A 1 37  ? -2.846  -6.618  13.601  1.00 14.66 ? 78  GLN A N   1 
ATOM   313  C CA  . GLN A 1 37  ? -2.962  -8.084  13.438  1.00 14.12 ? 78  GLN A CA  1 
ATOM   314  C C   . GLN A 1 37  ? -3.114  -8.463  11.961  1.00 12.54 ? 78  GLN A C   1 
ATOM   315  O O   . GLN A 1 37  ? -2.549  -9.475  11.575  1.00 15.50 ? 78  GLN A O   1 
ATOM   316  C CB  . GLN A 1 37  ? -4.157  -8.608  14.240  1.00 13.84 ? 78  GLN A CB  1 
ATOM   317  C CG  . GLN A 1 37  ? -4.305  -10.120 14.256  1.00 14.57 ? 78  GLN A CG  1 
ATOM   318  C CD  . GLN A 1 37  ? -3.145  -10.839 14.888  1.00 15.69 ? 78  GLN A CD  1 
ATOM   319  O OE1 . GLN A 1 37  ? -2.553  -10.379 15.856  1.00 18.64 ? 78  GLN A OE1 1 
ATOM   320  N NE2 . GLN A 1 37  ? -2.783  -11.999 14.374  1.00 17.29 ? 78  GLN A NE2 1 
ATOM   321  N N   . PHE A 1 38  ? -3.905  -7.706  11.212  1.00 14.66 ? 79  PHE A N   1 
ATOM   322  C CA  . PHE A 1 38  ? -4.256  -8.105  9.813   1.00 15.17 ? 79  PHE A CA  1 
ATOM   323  C C   . PHE A 1 38  ? -3.268  -7.560  8.810   1.00 15.11 ? 79  PHE A C   1 
ATOM   324  O O   . PHE A 1 38  ? -3.560  -7.725  7.596   1.00 15.11 ? 79  PHE A O   1 
ATOM   325  C CB  . PHE A 1 38  ? -5.644  -7.661  9.482   1.00 16.72 ? 79  PHE A CB  1 
ATOM   326  C CG  . PHE A 1 38  ? -6.593  -8.320  10.427  1.00 18.27 ? 79  PHE A CG  1 
ATOM   327  C CD1 . PHE A 1 38  ? -6.275  -9.519  11.073  1.00 19.44 ? 79  PHE A CD1 1 
ATOM   328  C CD2 . PHE A 1 38  ? -7.796  -7.732  10.648  1.00 19.70 ? 79  PHE A CD2 1 
ATOM   329  C CE1 . PHE A 1 38  ? -7.166  -10.108 11.958  1.00 21.03 ? 79  PHE A CE1 1 
ATOM   330  C CE2 . PHE A 1 38  ? -8.677  -8.309  11.562  1.00 19.84 ? 79  PHE A CE2 1 
ATOM   331  C CZ  . PHE A 1 38  ? -8.361  -9.485  12.187  1.00 19.96 ? 79  PHE A CZ  1 
ATOM   332  N N   . ALA A 1 39  ? -2.236  -6.872  9.214   1.00 14.08 ? 80  ALA A N   1 
ATOM   333  C CA  . ALA A 1 39  ? -1.321  -6.247  8.241   1.00 14.41 ? 80  ALA A CA  1 
ATOM   334  C C   . ALA A 1 39  ? -0.540  -7.289  7.450   1.00 13.65 ? 80  ALA A C   1 
ATOM   335  O O   . ALA A 1 39  ? -0.138  -7.014  6.309   1.00 12.57 ? 80  ALA A O   1 
ATOM   336  C CB  . ALA A 1 39  ? -0.382  -5.338  8.989   1.00 15.75 ? 80  ALA A CB  1 
ATOM   337  N N   . TRP A 1 40  ? -0.287  -8.490  8.007   1.00 12.74 ? 81  TRP A N   1 
ATOM   338  C CA  . TRP A 1 40  ? 0.774   -9.338  7.473   1.00 12.38 ? 81  TRP A CA  1 
ATOM   339  C C   . TRP A 1 40  ? 0.573   -9.717  5.995   1.00 11.80 ? 81  TRP A C   1 
ATOM   340  O O   . TRP A 1 40  ? 1.563   -9.737  5.275   1.00 11.62 ? 81  TRP A O   1 
ATOM   341  C CB  . TRP A 1 40  ? 1.033   -10.503 8.460   1.00 13.22 ? 81  TRP A CB  1 
ATOM   342  C CG  . TRP A 1 40  ? -0.035  -11.556 8.501   1.00 12.87 ? 81  TRP A CG  1 
ATOM   343  C CD1 . TRP A 1 40  ? -1.066  -11.719 9.391   1.00 13.38 ? 81  TRP A CD1 1 
ATOM   344  C CD2 . TRP A 1 40  ? -0.125  -12.642 7.575   1.00 12.58 ? 81  TRP A CD2 1 
ATOM   345  N NE1 . TRP A 1 40  ? -1.788  -12.841 9.080   1.00 13.96 ? 81  TRP A NE1 1 
ATOM   346  C CE2 . TRP A 1 40  ? -1.230  -13.429 7.974   1.00 12.56 ? 81  TRP A CE2 1 
ATOM   347  C CE3 . TRP A 1 40  ? 0.610   -13.021 6.459   1.00 12.88 ? 81  TRP A CE3 1 
ATOM   348  C CZ2 . TRP A 1 40  ? -1.551  -14.600 7.309   1.00 12.93 ? 81  TRP A CZ2 1 
ATOM   349  C CZ3 . TRP A 1 40  ? 0.278   -14.182 5.794   1.00 13.03 ? 81  TRP A CZ3 1 
ATOM   350  C CH2 . TRP A 1 40  ? -0.826  -14.940 6.205   1.00 13.23 ? 81  TRP A CH2 1 
ATOM   351  N N   . PRO A 1 41  ? -0.640  -10.037 5.481   1.00 10.56 ? 82  PRO A N   1 
ATOM   352  C CA  . PRO A 1 41  ? -0.705  -10.393 4.053   1.00 10.41 ? 82  PRO A CA  1 
ATOM   353  C C   . PRO A 1 41  ? -0.437  -9.242  3.076   1.00 9.47  ? 82  PRO A C   1 
ATOM   354  O O   . PRO A 1 41  ? -0.400  -9.463  1.892   1.00 10.48 ? 82  PRO A O   1 
ATOM   355  C CB  . PRO A 1 41  ? -2.136  -10.911 3.860   1.00 10.56 ? 82  PRO A CB  1 
ATOM   356  C CG  . PRO A 1 41  ? -2.601  -11.219 5.279   1.00 11.03 ? 82  PRO A CG  1 
ATOM   357  C CD  . PRO A 1 41  ? -1.932  -10.192 6.145   1.00 11.39 ? 82  PRO A CD  1 
ATOM   358  N N   . PHE A 1 42  ? -0.393  -8.026  3.628   1.00 9.98  ? 83  PHE A N   1 
ATOM   359  C CA  . PHE A 1 42  ? -0.256  -6.746  2.894   1.00 9.83  ? 83  PHE A CA  1 
ATOM   360  C C   . PHE A 1 42  ? 1.127   -6.167  3.104   1.00 11.09 ? 83  PHE A C   1 
ATOM   361  O O   . PHE A 1 42  ? 1.367   -5.056  2.564   1.00 11.59 ? 83  PHE A O   1 
ATOM   362  C CB  . PHE A 1 42  ? -1.345  -5.771  3.325   1.00 9.98  ? 83  PHE A CB  1 
ATOM   363  C CG  . PHE A 1 42  ? -2.722  -6.337  3.159   1.00 10.32 ? 83  PHE A CG  1 
ATOM   364  C CD1 . PHE A 1 42  ? -3.371  -6.281  1.920   1.00 10.71 ? 83  PHE A CD1 1 
ATOM   365  C CD2 . PHE A 1 42  ? -3.392  -6.936  4.236   1.00 11.34 ? 83  PHE A CD2 1 
ATOM   366  C CE1 . PHE A 1 42  ? -4.646  -6.791  1.778   1.00 11.75 ? 83  PHE A CE1 1 
ATOM   367  C CE2 . PHE A 1 42  ? -4.649  -7.456  4.062   1.00 12.09 ? 83  PHE A CE2 1 
ATOM   368  C CZ  . PHE A 1 42  ? -5.272  -7.386  2.854   1.00 11.71 ? 83  PHE A CZ  1 
ATOM   369  N N   . GLN A 1 43  ? 2.045   -6.820  3.809   1.00 10.70 ? 84  GLN A N   1 
ATOM   370  C CA  . GLN A 1 43  ? 3.375   -6.227  4.104   1.00 11.49 ? 84  GLN A CA  1 
ATOM   371  C C   . GLN A 1 43  ? 4.396   -6.464  2.991   1.00 11.38 ? 84  GLN A C   1 
ATOM   372  O O   . GLN A 1 43  ? 5.500   -5.913  3.066   1.00 12.72 ? 84  GLN A O   1 
ATOM   373  C CB  . GLN A 1 43  ? 3.902   -6.733  5.449   1.00 12.22 ? 84  GLN A CB  1 
ATOM   374  C CG  . GLN A 1 43  ? 3.213   -6.115  6.632   1.00 12.87 ? 84  GLN A CG  1 
ATOM   375  C CD  . GLN A 1 43  ? 3.672   -6.686  7.951   1.00 15.04 ? 84  GLN A CD  1 
ATOM   376  O OE1 . GLN A 1 43  ? 4.282   -7.750  7.967   1.00 17.86 ? 84  GLN A OE1 1 
ATOM   377  N NE2 . GLN A 1 43  ? 3.370   -6.005  9.045   1.00 17.62 ? 84  GLN A NE2 1 
ATOM   378  N N   . GLN A 1 44  ? 4.069   -7.248  1.989   1.00 11.06 ? 85  GLN A N   1 
ATOM   379  C CA  . GLN A 1 44  ? 4.934   -7.514  0.831   1.00 11.51 ? 85  GLN A CA  1 
ATOM   380  C C   . GLN A 1 44  ? 4.017   -7.677  -0.365  1.00 10.24 ? 85  GLN A C   1 
ATOM   381  O O   . GLN A 1 44  ? 2.833   -7.977  -0.195  1.00 10.02 ? 85  GLN A O   1 
ATOM   382  C CB  . GLN A 1 44  ? 5.745   -8.794  0.990   1.00 13.77 ? 85  GLN A CB  1 
ATOM   383  C CG  . GLN A 1 44  ? 6.631   -8.872  2.231   1.00 18.72 ? 85  GLN A CG  1 
ATOM   384  C CD  . GLN A 1 44  ? 7.244   -10.245 2.452   1.00 26.30 ? 85  GLN A CD  1 
ATOM   385  O OE1 . GLN A 1 44  ? 6.715   -11.285 2.028   1.00 32.58 ? 85  GLN A OE1 1 
ATOM   386  N NE2 . GLN A 1 44  ? 8.384   -10.277 3.130   1.00 33.91 ? 85  GLN A NE2 1 
ATOM   387  N N   . PRO A 1 45  ? 4.560   -7.620  -1.591  1.00 10.24 ? 86  PRO A N   1 
ATOM   388  C CA  . PRO A 1 45  ? 3.767   -7.985  -2.747  1.00 10.64 ? 86  PRO A CA  1 
ATOM   389  C C   . PRO A 1 45  ? 3.111   -9.356  -2.656  1.00 10.77 ? 86  PRO A C   1 
ATOM   390  O O   . PRO A 1 45  ? 3.738   -10.254 -2.069  1.00 10.86 ? 86  PRO A O   1 
ATOM   391  C CB  . PRO A 1 45  ? 4.827   -7.963  -3.879  1.00 11.50 ? 86  PRO A CB  1 
ATOM   392  C CG  . PRO A 1 45  ? 5.837   -6.938  -3.450  1.00 12.03 ? 86  PRO A CG  1 
ATOM   393  C CD  . PRO A 1 45  ? 5.920   -7.141  -1.952  1.00 11.97 ? 86  PRO A CD  1 
ATOM   394  N N   . VAL A 1 46  ? 1.972   -9.542  -3.283  1.00 9.93  ? 87  VAL A N   1 
ATOM   395  C CA  . VAL A 1 46  ? 1.373   -10.893 -3.365  1.00 10.34 ? 87  VAL A CA  1 
ATOM   396  C C   . VAL A 1 46  ? 2.366   -11.779 -4.112  1.00 10.62 ? 87  VAL A C   1 
ATOM   397  O O   . VAL A 1 46  ? 2.732   -11.488 -5.256  1.00 10.65 ? 87  VAL A O   1 
ATOM   398  C CB  . VAL A 1 46  ? 0.014   -10.840 -4.043  1.00 10.41 ? 87  VAL A CB  1 
ATOM   399  C CG1 . VAL A 1 46  ? -0.503  -12.237 -4.325  1.00 11.03 ? 87  VAL A CG1 1 
ATOM   400  C CG2 . VAL A 1 46  ? -0.957  -10.057 -3.187  1.00 10.29 ? 87  VAL A CG2 1 
ATOM   401  N N   . ASP A 1 47  ? 2.793   -12.866 -3.469  1.00 10.40 ? 88  ASP A N   1 
ATOM   402  C CA  . ASP A 1 47  ? 3.738   -13.833 -4.067  1.00 11.31 ? 88  ASP A CA  1 
ATOM   403  C C   . ASP A 1 47  ? 2.909   -14.905 -4.741  1.00 10.97 ? 88  ASP A C   1 
ATOM   404  O O   . ASP A 1 47  ? 2.576   -15.945 -4.099  1.00 12.27 ? 88  ASP A O   1 
ATOM   405  C CB  . ASP A 1 47  ? 4.699   -14.339 -2.999  1.00 12.21 ? 88  ASP A CB  1 
ATOM   406  C CG  . ASP A 1 47  ? 5.825   -15.202 -3.554  1.00 13.31 ? 88  ASP A CG  1 
ATOM   407  O OD1 . ASP A 1 47  ? 5.641   -15.734 -4.630  1.00 13.68 ? 88  ASP A OD1 1 
ATOM   408  O OD2 . ASP A 1 47  ? 6.843   -15.316 -2.792  1.00 16.09 ? 88  ASP A OD2 1 
ATOM   409  N N   . ALA A 1 48  ? 2.483   -14.648 -5.965  1.00 11.91 ? 89  ALA A N   1 
ATOM   410  C CA  . ALA A 1 48  ? 1.554   -15.533 -6.678  1.00 12.50 ? 89  ALA A CA  1 
ATOM   411  C C   . ALA A 1 48  ? 2.213   -16.905 -6.907  1.00 13.77 ? 89  ALA A C   1 
ATOM   412  O O   . ALA A 1 48  ? 1.496   -17.921 -6.888  1.00 14.47 ? 89  ALA A O   1 
ATOM   413  C CB  . ALA A 1 48  ? 1.119   -14.908 -7.988  1.00 14.06 ? 89  ALA A CB  1 
ATOM   414  N N   . VAL A 1 49  ? 3.506   -16.975 -7.124  1.00 13.21 ? 90  VAL A N   1 
ATOM   415  C CA  . VAL A 1 49  ? 4.177   -18.287 -7.324  1.00 13.84 ? 90  VAL A CA  1 
ATOM   416  C C   . VAL A 1 49  ? 4.099   -19.067 -6.012  1.00 15.46 ? 90  VAL A C   1 
ATOM   417  O O   . VAL A 1 49  ? 3.670   -20.259 -6.038  1.00 16.51 ? 90  VAL A O   1 
ATOM   418  C CB  . VAL A 1 49  ? 5.617   -18.067 -7.784  1.00 15.26 ? 90  VAL A CB  1 
ATOM   419  C CG1 . VAL A 1 49  ? 6.400   -19.392 -7.725  1.00 16.88 ? 90  VAL A CG1 1 
ATOM   420  C CG2 . VAL A 1 49  ? 5.647   -17.461 -9.177  1.00 16.02 ? 90  VAL A CG2 1 
ATOM   421  N N   . LYS A 1 50  ? 4.461   -18.476 -4.893  1.00 14.05 ? 91  LYS A N   1 
ATOM   422  C CA  . LYS A 1 50  ? 4.474   -19.220 -3.590  1.00 15.68 ? 91  LYS A CA  1 
ATOM   423  C C   . LYS A 1 50  ? 3.062   -19.678 -3.247  1.00 16.52 ? 91  LYS A C   1 
ATOM   424  O O   . LYS A 1 50  ? 2.907   -20.782 -2.671  1.00 17.74 ? 91  LYS A O   1 
ATOM   425  C CB  . LYS A 1 50  ? 5.052   -18.302 -2.515  1.00 17.29 ? 91  LYS A CB  1 
ATOM   426  C CG  . LYS A 1 50  ? 5.065   -18.843 -1.083  1.00 18.18 ? 91  LYS A CG  1 
ATOM   427  C CD  . LYS A 1 50  ? 5.678   -17.899 -0.069  1.00 18.37 ? 91  LYS A CD  1 
ATOM   428  C CE  . LYS A 1 50  ? 4.746   -16.801 0.408   1.00 17.39 ? 91  LYS A CE  1 
ATOM   429  N NZ  . LYS A 1 50  ? 5.458   -15.889 1.327   1.00 17.30 ? 91  LYS A NZ  1 
ATOM   430  N N   . LEU A 1 51  ? 2.049   -18.856 -3.500  1.00 15.31 ? 92  LEU A N   1 
ATOM   431  C CA  . LEU A 1 51  ? 0.670   -19.132 -3.068  1.00 14.81 ? 92  LEU A CA  1 
ATOM   432  C C   . LEU A 1 51  ? -0.068  -19.996 -4.078  1.00 16.55 ? 92  LEU A C   1 
ATOM   433  O O   . LEU A 1 51  ? -1.229  -20.330 -3.832  1.00 17.97 ? 92  LEU A O   1 
ATOM   434  C CB  . LEU A 1 51  ? -0.077  -17.818 -2.861  1.00 15.35 ? 92  LEU A CB  1 
ATOM   435  C CG  . LEU A 1 51  ? 0.453   -16.902 -1.758  1.00 17.07 ? 92  LEU A CG  1 
ATOM   436  C CD1 . LEU A 1 51  ? -0.408  -15.657 -1.653  1.00 17.30 ? 92  LEU A CD1 1 
ATOM   437  C CD2 . LEU A 1 51  ? 0.584   -17.591 -0.408  1.00 19.11 ? 92  LEU A CD2 1 
ATOM   438  N N   . ASN A 1 52  ? 0.541   -20.273 -5.212  1.00 16.33 ? 93  ASN A N   1 
ATOM   439  C CA  . ASN A 1 52  ? -0.111  -20.993 -6.331  1.00 18.68 ? 93  ASN A CA  1 
ATOM   440  C C   . ASN A 1 52  ? -1.390  -20.243 -6.708  1.00 19.60 ? 93  ASN A C   1 
ATOM   441  O O   . ASN A 1 52  ? -2.508  -20.826 -6.697  1.00 21.37 ? 93  ASN A O   1 
ATOM   442  C CB  . ASN A 1 52  ? -0.358  -22.466 -5.961  1.00 21.20 ? 93  ASN A CB  1 
ATOM   443  C CG  . ASN A 1 52  ? -0.845  -23.229 -7.165  1.00 29.12 ? 93  ASN A CG  1 
ATOM   444  O OD1 . ASN A 1 52  ? -0.401  -22.950 -8.278  1.00 34.06 ? 93  ASN A OD1 1 
ATOM   445  N ND2 . ASN A 1 52  ? -1.764  -24.161 -6.950  1.00 34.42 ? 93  ASN A ND2 1 
ATOM   446  N N   . LEU A 1 53  ? -1.238  -18.944 -7.025  1.00 17.81 ? 94  LEU A N   1 
ATOM   447  C CA  . LEU A 1 53  ? -2.332  -18.061 -7.497  1.00 18.04 ? 94  LEU A CA  1 
ATOM   448  C C   . LEU A 1 53  ? -1.937  -17.612 -8.896  1.00 17.44 ? 94  LEU A C   1 
ATOM   449  O O   . LEU A 1 53  ? -1.648  -16.444 -9.132  1.00 16.53 ? 94  LEU A O   1 
ATOM   450  C CB  . LEU A 1 53  ? -2.547  -16.845 -6.581  1.00 18.50 ? 94  LEU A CB  1 
ATOM   451  C CG  . LEU A 1 53  ? -2.918  -17.058 -5.119  1.00 21.09 ? 94  LEU A CG  1 
ATOM   452  C CD1 . LEU A 1 53  ? -3.108  -15.689 -4.472  1.00 22.63 ? 94  LEU A CD1 1 
ATOM   453  C CD2 . LEU A 1 53  ? -4.158  -17.909 -4.968  1.00 22.00 ? 94  LEU A CD2 1 
ATOM   454  N N   . PRO A 1 54  ? -1.945  -18.522 -9.883  1.00 20.45 ? 95  PRO A N   1 
ATOM   455  C CA  . PRO A 1 54  ? -1.446  -18.191 -11.210 1.00 20.40 ? 95  PRO A CA  1 
ATOM   456  C C   . PRO A 1 54  ? -2.183  -17.043 -11.918 1.00 18.36 ? 95  PRO A C   1 
ATOM   457  O O   . PRO A 1 54  ? -1.605  -16.400 -12.813 1.00 19.59 ? 95  PRO A O   1 
ATOM   458  C CB  . PRO A 1 54  ? -1.659  -19.533 -11.962 1.00 23.66 ? 95  PRO A CB  1 
ATOM   459  C CG  . PRO A 1 54  ? -2.782  -20.199 -11.238 1.00 24.83 ? 95  PRO A CG  1 
ATOM   460  C CD  . PRO A 1 54  ? -2.497  -19.893 -9.790  1.00 24.74 ? 95  PRO A CD  1 
ATOM   461  N N   . ASP A 1 55  ? -3.442  -16.800 -11.550 1.00 16.68 ? 96  ASP A N   1 
ATOM   462  C CA  . ASP A 1 55  ? -4.253  -15.802 -12.257 1.00 15.95 ? 96  ASP A CA  1 
ATOM   463  C C   . ASP A 1 55  ? -4.117  -14.419 -11.594 1.00 13.54 ? 96  ASP A C   1 
ATOM   464  O O   . ASP A 1 55  ? -4.674  -13.485 -12.141 1.00 13.37 ? 96  ASP A O   1 
ATOM   465  C CB  . ASP A 1 55  ? -5.722  -16.211 -12.343 1.00 20.55 ? 96  ASP A CB  1 
ATOM   466  C CG  . ASP A 1 55  ? -6.033  -17.281 -13.390 1.00 22.59 ? 96  ASP A CG  1 
ATOM   467  O OD1 . ASP A 1 55  ? -5.347  -17.325 -14.417 1.00 26.42 ? 96  ASP A OD1 1 
ATOM   468  O OD2 . ASP A 1 55  ? -7.007  -18.027 -13.164 1.00 26.89 ? 96  ASP A OD2 1 
ATOM   469  N N   . TYR A 1 56  ? -3.410  -14.279 -10.473 1.00 11.87 ? 97  TYR A N   1 
ATOM   470  C CA  . TYR A 1 56  ? -3.411  -12.970 -9.764  1.00 10.76 ? 97  TYR A CA  1 
ATOM   471  C C   . TYR A 1 56  ? -2.940  -11.832 -10.668 1.00 10.72 ? 97  TYR A C   1 
ATOM   472  O O   . TYR A 1 56  ? -3.651  -10.813 -10.834 1.00 11.11 ? 97  TYR A O   1 
ATOM   473  C CB  . TYR A 1 56  ? -2.601  -13.061 -8.470  1.00 10.78 ? 97  TYR A CB  1 
ATOM   474  C CG  . TYR A 1 56  ? -2.732  -11.791 -7.643  1.00 10.22 ? 97  TYR A CG  1 
ATOM   475  C CD1 . TYR A 1 56  ? -3.801  -11.615 -6.775  1.00 10.14 ? 97  TYR A CD1 1 
ATOM   476  C CD2 . TYR A 1 56  ? -1.866  -10.727 -7.798  1.00 10.71 ? 97  TYR A CD2 1 
ATOM   477  C CE1 . TYR A 1 56  ? -3.980  -10.447 -6.067  1.00 9.89  ? 97  TYR A CE1 1 
ATOM   478  C CE2 . TYR A 1 56  ? -2.026  -9.540  -7.100  1.00 10.08 ? 97  TYR A CE2 1 
ATOM   479  C CZ  . TYR A 1 56  ? -3.091  -9.402  -6.231  1.00 9.95  ? 97  TYR A CZ  1 
ATOM   480  O OH  . TYR A 1 56  ? -3.270  -8.217  -5.584  1.00 10.90 ? 97  TYR A OH  1 
ATOM   481  N N   . TYR A 1 57  ? -1.778  -11.998 -11.292 1.00 10.87 ? 98  TYR A N   1 
ATOM   482  C CA  . TYR A 1 57  ? -1.180  -10.954 -12.132 1.00 11.24 ? 98  TYR A CA  1 
ATOM   483  C C   . TYR A 1 57  ? -1.714  -11.041 -13.550 1.00 11.19 ? 98  TYR A C   1 
ATOM   484  O O   . TYR A 1 57  ? -1.338  -10.199 -14.381 1.00 12.79 ? 98  TYR A O   1 
ATOM   485  C CB  . TYR A 1 57  ? 0.351   -10.939 -12.049 1.00 10.96 ? 98  TYR A CB  1 
ATOM   486  C CG  . TYR A 1 57  ? 0.832   -10.573 -10.674 1.00 10.07 ? 98  TYR A CG  1 
ATOM   487  C CD1 . TYR A 1 57  ? 0.683   -9.272  -10.222 1.00 10.32 ? 98  TYR A CD1 1 
ATOM   488  C CD2 . TYR A 1 57  ? 1.389   -11.483 -9.787  1.00 10.47 ? 98  TYR A CD2 1 
ATOM   489  C CE1 . TYR A 1 57  ? 1.087   -8.908  -8.957  1.00 10.47 ? 98  TYR A CE1 1 
ATOM   490  C CE2 . TYR A 1 57  ? 1.800   -11.143 -8.514  1.00 10.27 ? 98  TYR A CE2 1 
ATOM   491  C CZ  . TYR A 1 57  ? 1.643   -9.832  -8.074  1.00 9.89  ? 98  TYR A CZ  1 
ATOM   492  O OH  . TYR A 1 57  ? 2.013   -9.416  -6.837  1.00 10.58 ? 98  TYR A OH  1 
ATOM   493  N N   . LYS A 1 58  ? -2.606  -11.977 -13.836 1.00 11.07 ? 99  LYS A N   1 
ATOM   494  C CA  . LYS A 1 58  ? -3.407  -11.895 -15.086 1.00 12.23 ? 99  LYS A CA  1 
ATOM   495  C C   . LYS A 1 58  ? -4.493  -10.818 -14.975 1.00 11.13 ? 99  LYS A C   1 
ATOM   496  O O   . LYS A 1 58  ? -4.916  -10.294 -16.011 1.00 12.88 ? 99  LYS A O   1 
ATOM   497  C CB  . LYS A 1 58  ? -4.038  -13.241 -15.453 1.00 15.18 ? 99  LYS A CB  1 
ATOM   498  C CG  . LYS A 1 58  ? -2.987  -14.308 -15.713 1.00 18.88 ? 99  LYS A CG  1 
ATOM   499  C CD  . LYS A 1 58  ? -3.502  -15.621 -16.286 1.00 24.28 ? 99  LYS A CD  1 
ATOM   500  C CE  . LYS A 1 58  ? -2.408  -16.582 -16.725 1.00 31.04 ? 99  LYS A CE  1 
ATOM   501  N NZ  . LYS A 1 58  ? -1.718  -17.222 -15.576 1.00 34.58 ? 99  LYS A NZ  1 
ATOM   502  N N   A ILE A 1 59  ? -4.938  -10.440 -13.773 0.50 10.78 ? 100 ILE A N   1 
ATOM   503  N N   B ILE A 1 59  ? -4.869  -10.464 -13.747 0.50 11.00 ? 100 ILE A N   1 
ATOM   504  C CA  A ILE A 1 59  ? -5.951  -9.351  -13.678 0.50 11.05 ? 100 ILE A CA  1 
ATOM   505  C CA  B ILE A 1 59  ? -5.982  -9.530  -13.459 0.50 11.07 ? 100 ILE A CA  1 
ATOM   506  C C   A ILE A 1 59  ? -5.487  -8.150  -12.865 0.50 11.00 ? 100 ILE A C   1 
ATOM   507  C C   B ILE A 1 59  ? -5.470  -8.211  -12.887 0.50 10.77 ? 100 ILE A C   1 
ATOM   508  O O   A ILE A 1 59  ? -6.090  -7.071  -13.130 0.50 13.33 ? 100 ILE A O   1 
ATOM   509  O O   B ILE A 1 59  ? -6.013  -7.146  -13.306 0.50 13.01 ? 100 ILE A O   1 
ATOM   510  C CB  A ILE A 1 59  ? -7.333  -9.828  -13.192 0.50 11.10 ? 100 ILE A CB  1 
ATOM   511  C CB  B ILE A 1 59  ? -6.988  -10.155 -12.493 0.50 11.33 ? 100 ILE A CB  1 
ATOM   512  C CG1 A ILE A 1 59  ? -7.391  -10.168 -11.699 0.50 12.13 ? 100 ILE A CG1 1 
ATOM   513  C CG1 B ILE A 1 59  ? -7.550  -11.475 -12.980 0.50 12.32 ? 100 ILE A CG1 1 
ATOM   514  C CG2 A ILE A 1 59  ? -7.885  -10.946 -14.056 0.50 10.73 ? 100 ILE A CG2 1 
ATOM   515  C CG2 B ILE A 1 59  ? -8.064  -9.119  -12.214 0.50 11.81 ? 100 ILE A CG2 1 
ATOM   516  C CD1 A ILE A 1 59  ? -8.779  -10.345 -11.153 0.50 13.50 ? 100 ILE A CD1 1 
ATOM   517  C CD1 B ILE A 1 59  ? -8.087  -11.418 -14.374 0.50 12.49 ? 100 ILE A CD1 1 
ATOM   518  N N   . ILE A 1 60  ? -4.524  -8.257  -11.952 1.00 10.46 ? 101 ILE A N   1 
ATOM   519  C CA  . ILE A 1 60  ? -4.058  -7.094  -11.149 1.00 9.82  ? 101 ILE A CA  1 
ATOM   520  C C   . ILE A 1 60  ? -2.819  -6.511  -11.821 1.00 9.85  ? 101 ILE A C   1 
ATOM   521  O O   . ILE A 1 60  ? -1.732  -7.073  -11.778 1.00 11.53 ? 101 ILE A O   1 
ATOM   522  C CB  . ILE A 1 60  ? -3.799  -7.516  -9.705  1.00 10.45 ? 101 ILE A CB  1 
ATOM   523  C CG1 . ILE A 1 60  ? -5.076  -8.029  -9.033  1.00 11.04 ? 101 ILE A CG1 1 
ATOM   524  C CG2 . ILE A 1 60  ? -3.176  -6.346  -8.939  1.00 11.00 ? 101 ILE A CG2 1 
ATOM   525  C CD1 . ILE A 1 60  ? -6.228  -7.061  -9.015  1.00 12.39 ? 101 ILE A CD1 1 
ATOM   526  N N   . LYS A 1 61  ? -3.040  -5.429  -12.541 1.00 9.46  ? 102 LYS A N   1 
ATOM   527  C CA  . LYS A 1 61  ? -1.969  -4.812  -13.356 1.00 9.57  ? 102 LYS A CA  1 
ATOM   528  C C   . LYS A 1 61  ? -1.365  -3.596  -12.672 1.00 10.00 ? 102 LYS A C   1 
ATOM   529  O O   . LYS A 1 61  ? -0.318  -3.122  -13.163 1.00 10.35 ? 102 LYS A O   1 
ATOM   530  C CB  . LYS A 1 61  ? -2.535  -4.406  -14.704 1.00 10.37 ? 102 LYS A CB  1 
ATOM   531  C CG  . LYS A 1 61  ? -3.140  -5.561  -15.481 1.00 10.96 ? 102 LYS A CG  1 
ATOM   532  C CD  . LYS A 1 61  ? -2.201  -6.728  -15.715 1.00 11.00 ? 102 LYS A CD  1 
ATOM   533  C CE  . LYS A 1 61  ? -2.802  -7.746  -16.648 1.00 11.24 ? 102 LYS A CE  1 
ATOM   534  N NZ  . LYS A 1 61  ? -1.954  -8.918  -16.856 1.00 12.00 ? 102 LYS A NZ  1 
ATOM   535  N N   . THR A 1 62  ? -1.896  -3.129  -11.535 1.00 9.79  ? 103 THR A N   1 
ATOM   536  C CA  . THR A 1 62  ? -1.268  -2.089  -10.701 1.00 10.45 ? 103 THR A CA  1 
ATOM   537  C C   . THR A 1 62  ? -1.123  -2.663  -9.292  1.00 9.92  ? 103 THR A C   1 
ATOM   538  O O   . THR A 1 62  ? -1.777  -2.201  -8.342  1.00 10.41 ? 103 THR A O   1 
ATOM   539  C CB  . THR A 1 62  ? -2.038  -0.759  -10.674 1.00 11.03 ? 103 THR A CB  1 
ATOM   540  O OG1 . THR A 1 62  ? -2.419  -0.384  -12.003 1.00 12.96 ? 103 THR A OG1 1 
ATOM   541  C CG2 . THR A 1 62  ? -1.177  0.323   -10.053 1.00 11.88 ? 103 THR A CG2 1 
ATOM   542  N N   . PRO A 1 63  ? -0.276  -3.680  -9.096  1.00 10.08 ? 104 PRO A N   1 
ATOM   543  C CA  . PRO A 1 63  ? -0.078  -4.205  -7.747  1.00 10.30 ? 104 PRO A CA  1 
ATOM   544  C C   . PRO A 1 63  ? 0.455   -3.131  -6.811  1.00 9.88  ? 104 PRO A C   1 
ATOM   545  O O   . PRO A 1 63  ? 1.250   -2.275  -7.204  1.00 9.80  ? 104 PRO A O   1 
ATOM   546  C CB  . PRO A 1 63  ? 0.887   -5.372  -7.921  1.00 11.88 ? 104 PRO A CB  1 
ATOM   547  C CG  . PRO A 1 63  ? 1.539   -5.072  -9.245  1.00 11.18 ? 104 PRO A CG  1 
ATOM   548  C CD  . PRO A 1 63  ? 0.584   -4.319  -10.104 1.00 11.18 ? 104 PRO A CD  1 
ATOM   549  N N   . MET A 1 64  ? 0.131   -3.284  -5.521  1.00 9.57  ? 105 MET A N   1 
ATOM   550  C CA  . MET A 1 64  ? 0.684   -2.398  -4.496  1.00 9.13  ? 105 MET A CA  1 
ATOM   551  C C   . MET A 1 64  ? 0.520   -3.090  -3.155  1.00 9.28  ? 105 MET A C   1 
ATOM   552  O O   . MET A 1 64  ? -0.435  -3.893  -2.970  1.00 9.50  ? 105 MET A O   1 
ATOM   553  C CB  . MET A 1 64  ? -0.018  -1.049  -4.532  1.00 9.67  ? 105 MET A CB  1 
ATOM   554  C CG  . MET A 1 64  ? 0.617   0.038   -3.689  1.00 10.86 ? 105 MET A CG  1 
ATOM   555  S SD  . MET A 1 64  ? 2.383   0.251   -3.849  1.00 10.49 ? 105 MET A SD  1 
ATOM   556  C CE  . MET A 1 64  ? 2.515   0.610   -5.606  1.00 10.58 ? 105 MET A CE  1 
ATOM   557  N N   . ASP A 1 65  ? 1.391   -2.752  -2.246  1.00 9.41  ? 106 ASP A N   1 
ATOM   558  C CA  . ASP A 1 65  ? 1.434   -3.388  -0.913  1.00 9.31  ? 106 ASP A CA  1 
ATOM   559  C C   . ASP A 1 65  ? 2.128   -2.415  0.040   1.00 9.80  ? 106 ASP A C   1 
ATOM   560  O O   . ASP A 1 65  ? 2.790   -1.446  -0.383  1.00 9.23  ? 106 ASP A O   1 
ATOM   561  C CB  . ASP A 1 65  ? 2.195   -4.719  -0.982  1.00 10.41 ? 106 ASP A CB  1 
ATOM   562  C CG  . ASP A 1 65  ? 3.645   -4.479  -1.317  1.00 10.25 ? 106 ASP A CG  1 
ATOM   563  O OD1 . ASP A 1 65  ? 3.941   -4.311  -2.527  1.00 10.52 ? 106 ASP A OD1 1 
ATOM   564  O OD2 . ASP A 1 65  ? 4.446   -4.378  -0.345  1.00 11.33 ? 106 ASP A OD2 1 
ATOM   565  N N   . MET A 1 66  ? 1.989   -2.652  1.330   1.00 9.83  ? 107 MET A N   1 
ATOM   566  C CA  . MET A 1 66  ? 2.530   -1.718  2.332   1.00 10.06 ? 107 MET A CA  1 
ATOM   567  C C   . MET A 1 66  ? 4.043   -1.799  2.414   1.00 9.96  ? 107 MET A C   1 
ATOM   568  O O   . MET A 1 66  ? 4.664   -0.795  2.864   1.00 11.13 ? 107 MET A O   1 
ATOM   569  C CB  . MET A 1 66  ? 1.945   -1.934  3.727   1.00 11.13 ? 107 MET A CB  1 
ATOM   570  C CG  . MET A 1 66  ? 0.477   -1.664  3.794   1.00 12.01 ? 107 MET A CG  1 
ATOM   571  S SD  . MET A 1 66  ? -0.187  -1.365  5.424   1.00 13.86 ? 107 MET A SD  1 
ATOM   572  C CE  . MET A 1 66  ? 0.095   -2.966  6.159   1.00 13.97 ? 107 MET A CE  1 
ATOM   573  N N   . GLY A 1 67  ? 4.652   -2.896  2.078   1.00 10.55 ? 108 GLY A N   1 
ATOM   574  C CA  . GLY A 1 67  ? 6.122   -2.937  2.082   1.00 10.73 ? 108 GLY A CA  1 
ATOM   575  C C   . GLY A 1 67  ? 6.703   -1.987  1.037   1.00 10.55 ? 108 GLY A C   1 
ATOM   576  O O   . GLY A 1 67  ? 7.672   -1.235  1.320   1.00 11.33 ? 108 GLY A O   1 
ATOM   577  N N   . THR A 1 68  ? 6.108   -2.006  -0.144  1.00 9.86  ? 109 THR A N   1 
ATOM   578  C CA  . THR A 1 68  ? 6.445   -1.064  -1.234  1.00 9.99  ? 109 THR A CA  1 
ATOM   579  C C   . THR A 1 68  ? 6.196   0.370   -0.761  1.00 8.97  ? 109 THR A C   1 
ATOM   580  O O   . THR A 1 68  ? 7.055   1.241   -0.982  1.00 9.66  ? 109 THR A O   1 
ATOM   581  C CB  . THR A 1 68  ? 5.661   -1.410  -2.485  1.00 9.79  ? 109 THR A CB  1 
ATOM   582  O OG1 . THR A 1 68  ? 6.068   -2.724  -2.896  1.00 10.43 ? 109 THR A OG1 1 
ATOM   583  C CG2 . THR A 1 68  ? 5.920   -0.404  -3.576  1.00 9.98  ? 109 THR A CG2 1 
ATOM   584  N N   . ILE A 1 69  ? 5.056   0.636   -0.173  1.00 9.45  ? 110 ILE A N   1 
ATOM   585  C CA  . ILE A 1 69  ? 4.711   1.999   0.289   1.00 9.51  ? 110 ILE A CA  1 
ATOM   586  C C   . ILE A 1 69  ? 5.742   2.470   1.307   1.00 10.06 ? 110 ILE A C   1 
ATOM   587  O O   . ILE A 1 69  ? 6.229   3.628   1.235   1.00 10.85 ? 110 ILE A O   1 
ATOM   588  C CB  . ILE A 1 69  ? 3.300   2.064   0.852   1.00 9.89  ? 110 ILE A CB  1 
ATOM   589  C CG1 . ILE A 1 69  ? 2.281   1.826   -0.266  1.00 10.23 ? 110 ILE A CG1 1 
ATOM   590  C CG2 . ILE A 1 69  ? 3.082   3.414   1.526   1.00 11.12 ? 110 ILE A CG2 1 
ATOM   591  C CD1 . ILE A 1 69  ? 0.886   1.582   0.227   1.00 10.04 ? 110 ILE A CD1 1 
ATOM   592  N N   . LYS A 1 70  ? 6.087   1.614   2.264   1.00 10.32 ? 111 LYS A N   1 
ATOM   593  C CA  . LYS A 1 70  ? 7.089   1.921   3.298   1.00 11.25 ? 111 LYS A CA  1 
ATOM   594  C C   . LYS A 1 70  ? 8.405   2.291   2.640   1.00 11.31 ? 111 LYS A C   1 
ATOM   595  O O   . LYS A 1 70  ? 9.021   3.317   3.018   1.00 12.24 ? 111 LYS A O   1 
ATOM   596  C CB  . LYS A 1 70  ? 7.224   0.760   4.264   1.00 12.69 ? 111 LYS A CB  1 
ATOM   597  C CG  . LYS A 1 70  ? 8.268   0.951   5.347   1.00 15.21 ? 111 LYS A CG  1 
ATOM   598  C CD  . LYS A 1 70  ? 8.201   -0.236  6.328   1.00 19.64 ? 111 LYS A CD  1 
ATOM   599  C CE  . LYS A 1 70  ? 8.946   -0.002  7.625   1.00 24.83 ? 111 LYS A CE  1 
ATOM   600  N NZ  . LYS A 1 70  ? 10.384  -0.179  7.402   1.00 28.14 ? 111 LYS A NZ  1 
ATOM   601  N N   . LYS A 1 71  ? 8.887   1.499   1.712   1.00 10.71 ? 112 LYS A N   1 
ATOM   602  C CA  . LYS A 1 71  ? 10.159  1.766   1.022   1.00 11.59 ? 112 LYS A CA  1 
ATOM   603  C C   . LYS A 1 71  ? 10.063  3.050   0.200   1.00 10.99 ? 112 LYS A C   1 
ATOM   604  O O   . LYS A 1 71  ? 11.044  3.836   0.181   1.00 11.41 ? 112 LYS A O   1 
ATOM   605  C CB  . LYS A 1 71  ? 10.537  0.603   0.122   1.00 12.21 ? 112 LYS A CB  1 
ATOM   606  C CG  . LYS A 1 71  ? 10.994  -0.612  0.901   1.00 15.63 ? 112 LYS A CG  1 
ATOM   607  C CD  . LYS A 1 71  ? 11.300  -1.743  -0.009  1.00 19.89 ? 112 LYS A CD  1 
ATOM   608  C CE  . LYS A 1 71  ? 11.686  -3.009  0.721   1.00 25.23 ? 112 LYS A CE  1 
ATOM   609  N NZ  . LYS A 1 71  ? 11.908  -4.119  -0.231  1.00 30.65 ? 112 LYS A NZ  1 
ATOM   610  N N   . ARG A 1 72  ? 8.970   3.306   -0.472  1.00 10.79 ? 113 ARG A N   1 
ATOM   611  C CA  . ARG A 1 72  ? 8.773   4.569   -1.227  1.00 10.22 ? 113 ARG A CA  1 
ATOM   612  C C   . ARG A 1 72  ? 8.871   5.750   -0.258  1.00 10.90 ? 113 ARG A C   1 
ATOM   613  O O   . ARG A 1 72  ? 9.589   6.726   -0.584  1.00 11.50 ? 113 ARG A O   1 
ATOM   614  C CB  . ARG A 1 72  ? 7.433   4.559   -1.950  1.00 9.65  ? 113 ARG A CB  1 
ATOM   615  C CG  . ARG A 1 72  ? 7.455   3.701   -3.201  1.00 10.17 ? 113 ARG A CG  1 
ATOM   616  C CD  . ARG A 1 72  ? 6.116   3.618   -3.926  1.00 9.64  ? 113 ARG A CD  1 
ATOM   617  N NE  . ARG A 1 72  ? 6.288   2.932   -5.183  1.00 9.60  ? 113 ARG A NE  1 
ATOM   618  C CZ  . ARG A 1 72  ? 5.555   3.061   -6.277  1.00 9.76  ? 113 ARG A CZ  1 
ATOM   619  N NH1 . ARG A 1 72  ? 4.411   3.728   -6.242  1.00 10.74 ? 113 ARG A NH1 1 
ATOM   620  N NH2 . ARG A 1 72  ? 6.005   2.536   -7.418  1.00 10.89 ? 113 ARG A NH2 1 
ATOM   621  N N   . LEU A 1 73  ? 8.245   5.688   0.900   1.00 10.33 ? 114 LEU A N   1 
ATOM   622  C CA  . LEU A 1 73  ? 8.331   6.793   1.867   1.00 11.07 ? 114 LEU A CA  1 
ATOM   623  C C   . LEU A 1 73  ? 9.770   6.924   2.344   1.00 11.80 ? 114 LEU A C   1 
ATOM   624  O O   . LEU A 1 73  ? 10.290  8.089   2.453   1.00 12.42 ? 114 LEU A O   1 
ATOM   625  C CB  . LEU A 1 73  ? 7.369   6.569   3.025   1.00 11.24 ? 114 LEU A CB  1 
ATOM   626  C CG  . LEU A 1 73  ? 5.910   6.800   2.707   1.00 10.80 ? 114 LEU A CG  1 
ATOM   627  C CD1 . LEU A 1 73  ? 5.004   6.123   3.731   1.00 11.04 ? 114 LEU A CD1 1 
ATOM   628  C CD2 . LEU A 1 73  ? 5.617   8.287   2.630   1.00 11.35 ? 114 LEU A CD2 1 
ATOM   629  N N   . GLU A 1 74  ? 10.446  5.833   2.678   1.00 12.47 ? 115 GLU A N   1 
ATOM   630  C CA  . GLU A 1 74  ? 11.831  5.901   3.215   1.00 12.75 ? 115 GLU A CA  1 
ATOM   631  C C   . GLU A 1 74  ? 12.792  6.419   2.155   1.00 12.92 ? 115 GLU A C   1 
ATOM   632  O O   . GLU A 1 74  ? 13.824  7.022   2.538   1.00 15.80 ? 115 GLU A O   1 
ATOM   633  C CB  . GLU A 1 74  ? 12.270  4.495   3.635   1.00 14.09 ? 115 GLU A CB  1 
ATOM   634  C CG  . GLU A 1 74  ? 11.596  4.010   4.910   1.00 15.59 ? 115 GLU A CG  1 
ATOM   635  C CD  . GLU A 1 74  ? 11.785  2.521   5.171   1.00 17.69 ? 115 GLU A CD  1 
ATOM   636  O OE1 . GLU A 1 74  ? 12.114  1.777   4.251   1.00 20.90 ? 115 GLU A OE1 1 
ATOM   637  O OE2 . GLU A 1 74  ? 11.490  2.125   6.313   1.00 22.06 ? 115 GLU A OE2 1 
ATOM   638  N N   . ASN A 1 75  ? 12.534  6.254   0.876   1.00 12.29 ? 116 ASN A N   1 
ATOM   639  C CA  . ASN A 1 75  ? 13.413  6.678   -0.218  1.00 12.98 ? 116 ASN A CA  1 
ATOM   640  C C   . ASN A 1 75  ? 12.914  7.958   -0.884  1.00 12.59 ? 116 ASN A C   1 
ATOM   641  O O   . ASN A 1 75  ? 13.398  8.288   -1.961  1.00 13.41 ? 116 ASN A O   1 
ATOM   642  C CB  . ASN A 1 75  ? 13.562  5.537   -1.228  1.00 13.32 ? 116 ASN A CB  1 
ATOM   643  C CG  . ASN A 1 75  ? 14.371  4.408   -0.658  1.00 16.85 ? 116 ASN A CG  1 
ATOM   644  O OD1 . ASN A 1 75  ? 15.563  4.570   -0.371  1.00 20.67 ? 116 ASN A OD1 1 
ATOM   645  N ND2 . ASN A 1 75  ? 13.762  3.260   -0.539  1.00 21.54 ? 116 ASN A ND2 1 
ATOM   646  N N   . ASN A 1 76  ? 11.982  8.666   -0.278  1.00 11.78 ? 117 ASN A N   1 
ATOM   647  C CA  . ASN A 1 76  ? 11.536  9.975   -0.786  1.00 12.01 ? 117 ASN A CA  1 
ATOM   648  C C   . ASN A 1 76  ? 11.009  9.849   -2.206  1.00 12.71 ? 117 ASN A C   1 
ATOM   649  O O   . ASN A 1 76  ? 11.167  10.778  -2.997  1.00 12.28 ? 117 ASN A O   1 
ATOM   650  C CB  . ASN A 1 76  ? 12.656  11.027  -0.665  1.00 13.80 ? 117 ASN A CB  1 
ATOM   651  C CG  . ASN A 1 76  ? 13.275  11.010  0.720   1.00 14.58 ? 117 ASN A CG  1 
ATOM   652  O OD1 . ASN A 1 76  ? 12.637  11.340  1.714   1.00 16.34 ? 117 ASN A OD1 1 
ATOM   653  N ND2 . ASN A 1 76  ? 14.512  10.532  0.830   1.00 16.23 ? 117 ASN A ND2 1 
ATOM   654  N N   . TYR A 1 77  ? 10.310  8.737   -2.504  1.00 10.65 ? 118 TYR A N   1 
ATOM   655  C CA  . TYR A 1 77  ? 9.776   8.483   -3.849  1.00 10.77 ? 118 TYR A CA  1 
ATOM   656  C C   . TYR A 1 77  ? 8.612   9.414   -4.146  1.00 10.03 ? 118 TYR A C   1 
ATOM   657  O O   . TYR A 1 77  ? 8.363   9.749   -5.308  1.00 11.23 ? 118 TYR A O   1 
ATOM   658  C CB  . TYR A 1 77  ? 9.337   7.034   -3.943  1.00 10.33 ? 118 TYR A CB  1 
ATOM   659  C CG  . TYR A 1 77  ? 9.006   6.509   -5.299  1.00 10.58 ? 118 TYR A CG  1 
ATOM   660  C CD1 . TYR A 1 77  ? 9.998   6.036   -6.147  1.00 11.30 ? 118 TYR A CD1 1 
ATOM   661  C CD2 . TYR A 1 77  ? 7.703   6.445   -5.733  1.00 10.70 ? 118 TYR A CD2 1 
ATOM   662  C CE1 . TYR A 1 77  ? 9.693   5.466   -7.359  1.00 12.27 ? 118 TYR A CE1 1 
ATOM   663  C CE2 . TYR A 1 77  ? 7.368   5.897   -6.963  1.00 11.38 ? 118 TYR A CE2 1 
ATOM   664  C CZ  . TYR A 1 77  ? 8.376   5.419   -7.774  1.00 11.79 ? 118 TYR A CZ  1 
ATOM   665  O OH  . TYR A 1 77  ? 8.125   4.836   -8.983  1.00 14.32 ? 118 TYR A OH  1 
ATOM   666  N N   . TYR A 1 78  ? 7.826   9.749   -3.141  1.00 10.10 ? 119 TYR A N   1 
ATOM   667  C CA  . TYR A 1 78  ? 6.628   10.603  -3.327  1.00 9.70  ? 119 TYR A CA  1 
ATOM   668  C C   . TYR A 1 78  ? 6.974   12.076  -3.064  1.00 10.34 ? 119 TYR A C   1 
ATOM   669  O O   . TYR A 1 78  ? 7.569   12.395  -2.023  1.00 11.10 ? 119 TYR A O   1 
ATOM   670  C CB  . TYR A 1 78  ? 5.529   10.211  -2.350  1.00 9.88  ? 119 TYR A CB  1 
ATOM   671  C CG  . TYR A 1 78  ? 5.139   8.741   -2.303  1.00 9.59  ? 119 TYR A CG  1 
ATOM   672  C CD1 . TYR A 1 78  ? 4.506   8.146   -3.372  1.00 10.23 ? 119 TYR A CD1 1 
ATOM   673  C CD2 . TYR A 1 78  ? 5.291   8.015   -1.137  1.00 10.30 ? 119 TYR A CD2 1 
ATOM   674  C CE1 . TYR A 1 78  ? 4.028   6.839   -3.295  1.00 9.90  ? 119 TYR A CE1 1 
ATOM   675  C CE2 . TYR A 1 78  ? 4.830   6.701   -1.044  1.00 10.50 ? 119 TYR A CE2 1 
ATOM   676  C CZ  . TYR A 1 78  ? 4.199   6.134   -2.123  1.00 9.68  ? 119 TYR A CZ  1 
ATOM   677  O OH  . TYR A 1 78  ? 3.698   4.865   -1.979  1.00 9.90  ? 119 TYR A OH  1 
ATOM   678  N N   . TRP A 1 79  ? 6.464   12.948  -3.909  1.00 10.38 ? 120 TRP A N   1 
ATOM   679  C CA  . TRP A 1 79  ? 6.574   14.420  -3.665  1.00 10.09 ? 120 TRP A CA  1 
ATOM   680  C C   . TRP A 1 79  ? 5.329   14.921  -2.934  1.00 10.58 ? 120 TRP A C   1 
ATOM   681  O O   . TRP A 1 79  ? 5.443   15.755  -2.028  1.00 10.30 ? 120 TRP A O   1 
ATOM   682  C CB  . TRP A 1 79  ? 6.775   15.110  -5.013  1.00 10.88 ? 120 TRP A CB  1 
ATOM   683  C CG  . TRP A 1 79  ? 7.000   16.594  -4.925  1.00 10.93 ? 120 TRP A CG  1 
ATOM   684  C CD1 . TRP A 1 79  ? 6.074   17.571  -5.137  1.00 10.26 ? 120 TRP A CD1 1 
ATOM   685  C CD2 . TRP A 1 79  ? 8.269   17.252  -4.740  1.00 10.57 ? 120 TRP A CD2 1 
ATOM   686  N NE1 . TRP A 1 79  ? 6.688   18.798  -5.060  1.00 10.09 ? 120 TRP A NE1 1 
ATOM   687  C CE2 . TRP A 1 79  ? 8.022   18.642  -4.848  1.00 10.22 ? 120 TRP A CE2 1 
ATOM   688  C CE3 . TRP A 1 79  ? 9.578   16.834  -4.507  1.00 11.11 ? 120 TRP A CE3 1 
ATOM   689  C CZ2 . TRP A 1 79  ? 9.037   19.598  -4.734  1.00 10.37 ? 120 TRP A CZ2 1 
ATOM   690  C CZ3 . TRP A 1 79  ? 10.577  17.769  -4.399  1.00 11.41 ? 120 TRP A CZ3 1 
ATOM   691  C CH2 . TRP A 1 79  ? 10.304  19.144  -4.511  1.00 11.55 ? 120 TRP A CH2 1 
ATOM   692  N N   . ASN A 1 80  ? 4.158   14.452  -3.335  1.00 10.98 ? 121 ASN A N   1 
ATOM   693  C CA  . ASN A 1 80  ? 2.855   14.844  -2.767  1.00 11.14 ? 121 ASN A CA  1 
ATOM   694  C C   . ASN A 1 80  ? 2.277   13.716  -1.918  1.00 10.80 ? 121 ASN A C   1 
ATOM   695  O O   . ASN A 1 80  ? 2.297   12.549  -2.337  1.00 11.33 ? 121 ASN A O   1 
ATOM   696  C CB  . ASN A 1 80  ? 1.851   15.229  -3.843  1.00 11.25 ? 121 ASN A CB  1 
ATOM   697  C CG  . ASN A 1 80  ? 2.195   16.534  -4.521  1.00 12.09 ? 121 ASN A CG  1 
ATOM   698  O OD1 . ASN A 1 80  ? 2.821   17.423  -3.937  1.00 13.68 ? 121 ASN A OD1 1 
ATOM   699  N ND2 . ASN A 1 80  ? 1.733   16.722  -5.710  1.00 12.04 ? 121 ASN A ND2 1 
ATOM   700  N N   . ALA A 1 81  ? 1.670   14.091  -0.815  1.00 10.98 ? 122 ALA A N   1 
ATOM   701  C CA  . ALA A 1 81  ? 0.954   13.171  0.096   1.00 11.91 ? 122 ALA A CA  1 
ATOM   702  C C   . ALA A 1 81  ? -0.032  12.341  -0.692  1.00 11.36 ? 122 ALA A C   1 
ATOM   703  O O   . ALA A 1 81  ? -0.169  11.115  -0.425  1.00 11.71 ? 122 ALA A O   1 
ATOM   704  C CB  . ALA A 1 81  ? 0.205   13.937  1.152   1.00 13.92 ? 122 ALA A CB  1 
ATOM   705  N N   . GLN A 1 82  ? -0.751  12.927  -1.615  1.00 10.87 ? 123 GLN A N   1 
ATOM   706  C CA  . GLN A 1 82  ? -1.814  12.181  -2.307  1.00 12.09 ? 123 GLN A CA  1 
ATOM   707  C C   . GLN A 1 82  ? -1.222  11.039  -3.121  1.00 11.57 ? 123 GLN A C   1 
ATOM   708  O O   . GLN A 1 82  ? -1.989  10.064  -3.388  1.00 11.57 ? 123 GLN A O   1 
ATOM   709  C CB  . GLN A 1 82  ? -2.645  13.119  -3.173  1.00 14.44 ? 123 GLN A CB  1 
ATOM   710  C CG  . GLN A 1 82  ? -3.903  12.505  -3.767  1.00 19.38 ? 123 GLN A CG  1 
ATOM   711  C CD  . GLN A 1 82  ? -4.840  11.869  -2.766  1.00 20.29 ? 123 GLN A CD  1 
ATOM   712  O OE1 . GLN A 1 82  ? -5.040  12.337  -1.612  1.00 20.55 ? 123 GLN A OE1 1 
ATOM   713  N NE2 . GLN A 1 82  ? -5.397  10.743  -3.213  1.00 21.36 ? 123 GLN A NE2 1 
ATOM   714  N N   . GLU A 1 83  ? 0.013   11.109  -3.566  1.00 10.86 ? 124 GLU A N   1 
ATOM   715  C CA  . GLU A 1 83  ? 0.579   9.974   -4.331  1.00 10.79 ? 124 GLU A CA  1 
ATOM   716  C C   . GLU A 1 83  ? 0.656   8.747   -3.428  1.00 10.56 ? 124 GLU A C   1 
ATOM   717  O O   . GLU A 1 83  ? 0.492   7.572   -3.903  1.00 11.72 ? 124 GLU A O   1 
ATOM   718  C CB  . GLU A 1 83  ? 1.969   10.339  -4.829  1.00 12.39 ? 124 GLU A CB  1 
ATOM   719  C CG  . GLU A 1 83  ? 2.023   11.486  -5.812  1.00 13.05 ? 124 GLU A CG  1 
ATOM   720  C CD  . GLU A 1 83  ? 3.430   11.869  -6.232  1.00 15.70 ? 124 GLU A CD  1 
ATOM   721  O OE1 . GLU A 1 83  ? 4.167   12.477  -5.486  1.00 15.98 ? 124 GLU A OE1 1 
ATOM   722  O OE2 . GLU A 1 83  ? 3.761   11.696  -7.458  1.00 22.37 ? 124 GLU A OE2 1 
ATOM   723  N N   . CYS A 1 84  ? 1.003   8.927   -2.178  1.00 9.66  ? 125 CYS A N   1 
ATOM   724  C CA  . CYS A 1 84  ? 1.085   7.838   -1.200  1.00 10.20 ? 125 CYS A CA  1 
ATOM   725  C C   . CYS A 1 84  ? -0.312  7.354   -0.854  1.00 9.62  ? 125 CYS A C   1 
ATOM   726  O O   . CYS A 1 84  ? -0.550  6.134   -0.832  1.00 10.61 ? 125 CYS A O   1 
ATOM   727  C CB  . CYS A 1 84  ? 1.861   8.333   0.005   1.00 10.95 ? 125 CYS A CB  1 
ATOM   728  S SG  . CYS A 1 84  ? 1.865   7.178   1.366   1.00 12.81 ? 125 CYS A SG  1 
ATOM   729  N N   . ILE A 1 85  ? -1.238  8.255   -0.571  1.00 9.94  ? 126 ILE A N   1 
ATOM   730  C CA  . ILE A 1 85  ? -2.625  7.862   -0.305  1.00 10.11 ? 126 ILE A CA  1 
ATOM   731  C C   . ILE A 1 85  ? -3.193  7.058   -1.464  1.00 10.00 ? 126 ILE A C   1 
ATOM   732  O O   . ILE A 1 85  ? -3.929  6.060   -1.239  1.00 10.80 ? 126 ILE A O   1 
ATOM   733  C CB  . ILE A 1 85  ? -3.443  9.130   0.050   1.00 10.67 ? 126 ILE A CB  1 
ATOM   734  C CG1 . ILE A 1 85  ? -2.954  9.687   1.391   1.00 11.74 ? 126 ILE A CG1 1 
ATOM   735  C CG2 . ILE A 1 85  ? -4.923  8.835   0.082   1.00 11.02 ? 126 ILE A CG2 1 
ATOM   736  C CD1 . ILE A 1 85  ? -3.385  11.134  1.653   1.00 12.76 ? 126 ILE A CD1 1 
ATOM   737  N N   . GLN A 1 86  ? -2.920  7.472   -2.677  1.00 9.39  ? 127 GLN A N   1 
ATOM   738  C CA  . GLN A 1 86  ? -3.365  6.719   -3.865  1.00 10.31 ? 127 GLN A CA  1 
ATOM   739  C C   . GLN A 1 86  ? -2.818  5.285   -3.861  1.00 9.77  ? 127 GLN A C   1 
ATOM   740  O O   . GLN A 1 86  ? -3.583  4.379   -4.214  1.00 9.60  ? 127 GLN A O   1 
ATOM   741  C CB  . GLN A 1 86  ? -2.931  7.448   -5.130  1.00 12.31 ? 127 GLN A CB  1 
ATOM   742  C CG  . GLN A 1 86  ? -3.331  6.741   -6.424  1.00 14.77 ? 127 GLN A CG  1 
ATOM   743  C CD  . GLN A 1 86  ? -3.027  7.589   -7.629  1.00 16.95 ? 127 GLN A CD  1 
ATOM   744  O OE1 . GLN A 1 86  ? -3.504  8.730   -7.704  1.00 19.01 ? 127 GLN A OE1 1 
ATOM   745  N NE2 . GLN A 1 86  ? -2.368  6.999   -8.619  1.00 17.95 ? 127 GLN A NE2 1 
ATOM   746  N N   . ASP A 1 87  ? -1.587  5.082   -3.467  1.00 8.58  ? 128 ASP A N   1 
ATOM   747  C CA  . ASP A 1 87  ? -1.029  3.711   -3.370  1.00 8.41  ? 128 ASP A CA  1 
ATOM   748  C C   . ASP A 1 87  ? -1.756  2.895   -2.322  1.00 9.40  ? 128 ASP A C   1 
ATOM   749  O O   . ASP A 1 87  ? -2.046  1.710   -2.574  1.00 8.80  ? 128 ASP A O   1 
ATOM   750  C CB  . ASP A 1 87  ? 0.475   3.739   -3.133  1.00 9.62  ? 128 ASP A CB  1 
ATOM   751  C CG  . ASP A 1 87  ? 1.316   3.957   -4.377  1.00 9.40  ? 128 ASP A CG  1 
ATOM   752  O OD1 . ASP A 1 87  ? 0.766   3.852   -5.483  1.00 11.56 ? 128 ASP A OD1 1 
ATOM   753  O OD2 . ASP A 1 87  ? 2.527   4.189   -4.216  1.00 10.05 ? 128 ASP A OD2 1 
ATOM   754  N N   . PHE A 1 88  ? -2.057  3.436   -1.150  1.00 8.65  ? 129 PHE A N   1 
ATOM   755  C CA  . PHE A 1 88  ? -2.851  2.684   -0.167  1.00 9.31  ? 129 PHE A CA  1 
ATOM   756  C C   . PHE A 1 88  ? -4.195  2.324   -0.802  1.00 8.90  ? 129 PHE A C   1 
ATOM   757  O O   . PHE A 1 88  ? -4.685  1.177   -0.676  1.00 9.47  ? 129 PHE A O   1 
ATOM   758  C CB  . PHE A 1 88  ? -3.091  3.515   1.113   1.00 10.27 ? 129 PHE A CB  1 
ATOM   759  C CG  . PHE A 1 88  ? -1.971  3.471   2.122   1.00 9.87  ? 129 PHE A CG  1 
ATOM   760  C CD1 . PHE A 1 88  ? -1.840  2.387   2.995   1.00 11.92 ? 129 PHE A CD1 1 
ATOM   761  C CD2 . PHE A 1 88  ? -1.076  4.526   2.243   1.00 10.61 ? 129 PHE A CD2 1 
ATOM   762  C CE1 . PHE A 1 88  ? -0.845  2.378   3.954   1.00 13.20 ? 129 PHE A CE1 1 
ATOM   763  C CE2 . PHE A 1 88  ? -0.102  4.519   3.232   1.00 11.98 ? 129 PHE A CE2 1 
ATOM   764  C CZ  . PHE A 1 88  ? 0.007   3.427   4.050   1.00 12.53 ? 129 PHE A CZ  1 
ATOM   765  N N   . ASN A 1 89  ? -4.852  3.282   -1.460  1.00 9.33  ? 130 ASN A N   1 
ATOM   766  C CA  . ASN A 1 89  ? -6.170  3.007   -2.057  1.00 9.92  ? 130 ASN A CA  1 
ATOM   767  C C   . ASN A 1 89  ? -6.060  1.945   -3.135  1.00 9.45  ? 130 ASN A C   1 
ATOM   768  O O   . ASN A 1 89  ? -6.980  1.073   -3.194  1.00 10.25 ? 130 ASN A O   1 
ATOM   769  C CB  . ASN A 1 89  ? -6.787  4.296   -2.560  1.00 11.74 ? 130 ASN A CB  1 
ATOM   770  C CG  . ASN A 1 89  ? -7.331  5.082   -1.365  1.00 16.08 ? 130 ASN A CG  1 
ATOM   771  O OD1 . ASN A 1 89  ? -7.899  4.477   -0.462  1.00 22.62 ? 130 ASN A OD1 1 
ATOM   772  N ND2 . ASN A 1 89  ? -7.240  6.391   -1.383  1.00 22.06 ? 130 ASN A ND2 1 
ATOM   773  N N   . THR A 1 90  ? -5.018  1.916   -3.931  1.00 8.58  ? 131 THR A N   1 
ATOM   774  C CA  . THR A 1 90  ? -4.806  0.868   -4.943  1.00 8.58  ? 131 THR A CA  1 
ATOM   775  C C   . THR A 1 90  ? -4.695  -0.483  -4.285  1.00 8.38  ? 131 THR A C   1 
ATOM   776  O O   . THR A 1 90  ? -5.259  -1.458  -4.774  1.00 8.82  ? 131 THR A O   1 
ATOM   777  C CB  . THR A 1 90  ? -3.580  1.205   -5.781  1.00 9.37  ? 131 THR A CB  1 
ATOM   778  O OG1 . THR A 1 90  ? -3.906  2.360   -6.570  1.00 10.24 ? 131 THR A OG1 1 
ATOM   779  C CG2 . THR A 1 90  ? -3.154  0.062   -6.659  1.00 9.47  ? 131 THR A CG2 1 
ATOM   780  N N   . MET A 1 91  ? -3.938  -0.571  -3.214  1.00 8.18  ? 132 MET A N   1 
ATOM   781  C CA  . MET A 1 91  ? -3.769  -1.830  -2.458  1.00 8.76  ? 132 MET A CA  1 
ATOM   782  C C   . MET A 1 91  ? -5.136  -2.344  -2.018  1.00 8.67  ? 132 MET A C   1 
ATOM   783  O O   . MET A 1 91  ? -5.430  -3.550  -2.211  1.00 8.82  ? 132 MET A O   1 
ATOM   784  C CB  . MET A 1 91  ? -2.855  -1.604  -1.258  1.00 8.58  ? 132 MET A CB  1 
ATOM   785  C CG  . MET A 1 91  ? -2.669  -2.856  -0.417  1.00 9.46  ? 132 MET A CG  1 
ATOM   786  S SD  . MET A 1 91  ? -1.674  -2.539  1.055   1.00 10.31 ? 132 MET A SD  1 
ATOM   787  C CE  . MET A 1 91  ? -2.957  -1.845  2.089   1.00 14.35 ? 132 MET A CE  1 
ATOM   788  N N   . PHE A 1 92  ? -5.983  -1.487  -1.454  1.00 8.73  ? 133 PHE A N   1 
ATOM   789  C CA  . PHE A 1 92  ? -7.305  -1.970  -1.000  1.00 8.85  ? 133 PHE A CA  1 
ATOM   790  C C   . PHE A 1 92  ? -8.142  -2.362  -2.200  1.00 8.99  ? 133 PHE A C   1 
ATOM   791  O O   . PHE A 1 92  ? -8.789  -3.427  -2.167  1.00 9.34  ? 133 PHE A O   1 
ATOM   792  C CB  . PHE A 1 92  ? -7.996  -0.907  -0.146  1.00 9.78  ? 133 PHE A CB  1 
ATOM   793  C CG  . PHE A 1 92  ? -7.283  -0.565  1.143   1.00 10.43 ? 133 PHE A CG  1 
ATOM   794  C CD1 . PHE A 1 92  ? -6.900  -1.566  2.010   1.00 12.09 ? 133 PHE A CD1 1 
ATOM   795  C CD2 . PHE A 1 92  ? -6.940  0.732   1.490   1.00 12.12 ? 133 PHE A CD2 1 
ATOM   796  C CE1 . PHE A 1 92  ? -6.291  -1.313  3.232   1.00 13.85 ? 133 PHE A CE1 1 
ATOM   797  C CE2 . PHE A 1 92  ? -6.278  0.984   2.702   1.00 12.94 ? 133 PHE A CE2 1 
ATOM   798  C CZ  . PHE A 1 92  ? -5.951  -0.027  3.539   1.00 14.54 ? 133 PHE A CZ  1 
ATOM   799  N N   . THR A 1 93  ? -8.236  -1.514  -3.217  1.00 9.17  ? 134 THR A N   1 
ATOM   800  C CA  . THR A 1 93  ? -9.114  -1.839  -4.363  1.00 9.59  ? 134 THR A CA  1 
ATOM   801  C C   . THR A 1 93  ? -8.631  -3.089  -5.057  1.00 9.29  ? 134 THR A C   1 
ATOM   802  O O   . THR A 1 93  ? -9.513  -3.846  -5.523  1.00 10.11 ? 134 THR A O   1 
ATOM   803  C CB  . THR A 1 93  ? -9.308  -0.649  -5.286  1.00 12.88 ? 134 THR A CB  1 
ATOM   804  O OG1 . THR A 1 93  ? -8.082  -0.133  -5.704  1.00 15.32 ? 134 THR A OG1 1 
ATOM   805  C CG2 . THR A 1 93  ? -9.989  0.485   -4.596  1.00 15.01 ? 134 THR A CG2 1 
ATOM   806  N N   . ASN A 1 94  ? -7.334  -3.341  -5.164  1.00 8.96  ? 135 ASN A N   1 
ATOM   807  C CA  . ASN A 1 94  ? -6.893  -4.612  -5.799  1.00 8.88  ? 135 ASN A CA  1 
ATOM   808  C C   . ASN A 1 94  ? -7.506  -5.793  -5.039  1.00 8.47  ? 135 ASN A C   1 
ATOM   809  O O   . ASN A 1 94  ? -7.945  -6.751  -5.667  1.00 9.64  ? 135 ASN A O   1 
ATOM   810  C CB  . ASN A 1 94  ? -5.373  -4.762  -5.719  1.00 9.22  ? 135 ASN A CB  1 
ATOM   811  C CG  . ASN A 1 94  ? -4.628  -3.836  -6.657  1.00 9.26  ? 135 ASN A CG  1 
ATOM   812  O OD1 . ASN A 1 94  ? -5.207  -3.276  -7.567  1.00 10.36 ? 135 ASN A OD1 1 
ATOM   813  N ND2 . ASN A 1 94  ? -3.334  -3.683  -6.424  1.00 9.56  ? 135 ASN A ND2 1 
ATOM   814  N N   . CYS A 1 95  ? -7.493  -5.717  -3.709  1.00 8.28  ? 136 CYS A N   1 
ATOM   815  C CA  . CYS A 1 95  ? -8.028  -6.821  -2.865  1.00 9.00  ? 136 CYS A CA  1 
ATOM   816  C C   . CYS A 1 95  ? -9.530  -7.003  -3.152  1.00 9.02  ? 136 CYS A C   1 
ATOM   817  O O   . CYS A 1 95  ? -9.990  -8.150  -3.258  1.00 9.47  ? 136 CYS A O   1 
ATOM   818  C CB  . CYS A 1 95  ? -7.773  -6.472  -1.402  1.00 8.80  ? 136 CYS A CB  1 
ATOM   819  S SG  . CYS A 1 95  ? -8.163  -7.819  -0.265  1.00 10.72 ? 136 CYS A SG  1 
ATOM   820  N N   . TYR A 1 96  ? -10.251 -5.896  -3.329  1.00 8.77  ? 137 TYR A N   1 
ATOM   821  C CA  . TYR A 1 96  ? -11.727 -5.948  -3.541  1.00 9.78  ? 137 TYR A CA  1 
ATOM   822  C C   . TYR A 1 96  ? -12.067 -6.382  -4.977  1.00 9.69  ? 137 TYR A C   1 
ATOM   823  O O   . TYR A 1 96  ? -13.199 -6.755  -5.215  1.00 10.96 ? 137 TYR A O   1 
ATOM   824  C CB  . TYR A 1 96  ? -12.375 -4.608  -3.170  1.00 10.21 ? 137 TYR A CB  1 
ATOM   825  C CG  . TYR A 1 96  ? -12.024 -4.074  -1.800  1.00 10.13 ? 137 TYR A CG  1 
ATOM   826  C CD1 . TYR A 1 96  ? -11.731 -4.924  -0.745  1.00 10.43 ? 137 TYR A CD1 1 
ATOM   827  C CD2 . TYR A 1 96  ? -11.991 -2.710  -1.548  1.00 10.67 ? 137 TYR A CD2 1 
ATOM   828  C CE1 . TYR A 1 96  ? -11.412 -4.445  0.517   1.00 11.62 ? 137 TYR A CE1 1 
ATOM   829  C CE2 . TYR A 1 96  ? -11.673 -2.215  -0.292  1.00 11.74 ? 137 TYR A CE2 1 
ATOM   830  C CZ  . TYR A 1 96  ? -11.373 -3.081  0.742   1.00 11.49 ? 137 TYR A CZ  1 
ATOM   831  O OH  . TYR A 1 96  ? -11.054 -2.598  1.976   1.00 13.25 ? 137 TYR A OH  1 
ATOM   832  N N   . ILE A 1 97  ? -11.104 -6.308  -5.887  1.00 10.48 ? 138 ILE A N   1 
ATOM   833  C CA  . ILE A 1 97  ? -11.303 -6.752  -7.299  1.00 11.06 ? 138 ILE A CA  1 
ATOM   834  C C   . ILE A 1 97  ? -11.046 -8.264  -7.368  1.00 11.46 ? 138 ILE A C   1 
ATOM   835  O O   . ILE A 1 97  ? -11.922 -8.975  -7.889  1.00 12.48 ? 138 ILE A O   1 
ATOM   836  C CB  . ILE A 1 97  ? -10.369 -5.952  -8.229  1.00 12.12 ? 138 ILE A CB  1 
ATOM   837  C CG1 . ILE A 1 97  ? -10.853 -4.505  -8.372  1.00 13.57 ? 138 ILE A CG1 1 
ATOM   838  C CG2 . ILE A 1 97  ? -10.221 -6.637  -9.583  1.00 12.59 ? 138 ILE A CG2 1 
ATOM   839  C CD1 . ILE A 1 97  ? -9.809  -3.533  -8.883  1.00 17.05 ? 138 ILE A CD1 1 
ATOM   840  N N   A TYR A 1 98  ? -9.926  -8.732  -6.855  0.50 10.27 ? 139 TYR A N   1 
ATOM   841  N N   B TYR A 1 98  ? -9.991  -8.653  -6.799  0.50 9.96  ? 139 TYR A N   1 
ATOM   842  C CA  A TYR A 1 98  ? -9.491  -10.155 -7.026  0.50 10.52 ? 139 TYR A CA  1 
ATOM   843  C CA  B TYR A 1 98  ? -9.612  -10.033 -7.038  0.50 9.94  ? 139 TYR A CA  1 
ATOM   844  C C   A TYR A 1 98  ? -10.306 -11.109 -6.144  0.50 10.36 ? 139 TYR A C   1 
ATOM   845  C C   B TYR A 1 98  ? -10.538 -10.959 -6.274  0.50 9.83  ? 139 TYR A C   1 
ATOM   846  O O   A TYR A 1 98  ? -10.474 -12.325 -6.458  0.50 9.32  ? 139 TYR A O   1 
ATOM   847  O O   B TYR A 1 98  ? -10.935 -11.985 -6.837  0.50 10.42 ? 139 TYR A O   1 
ATOM   848  C CB  A TYR A 1 98  ? -7.988  -10.355 -6.731  0.50 11.00 ? 139 TYR A CB  1 
ATOM   849  C CB  B TYR A 1 98  ? -8.153  -10.154 -6.659  0.50 10.60 ? 139 TYR A CB  1 
ATOM   850  C CG  A TYR A 1 98  ? -7.485  -11.784 -6.830  0.50 10.32 ? 139 TYR A CG  1 
ATOM   851  C CG  B TYR A 1 98  ? -7.588  -11.387 -7.271  0.50 10.69 ? 139 TYR A CG  1 
ATOM   852  C CD1 A TYR A 1 98  ? -7.111  -12.322 -8.050  0.50 10.08 ? 139 TYR A CD1 1 
ATOM   853  C CD1 B TYR A 1 98  ? -7.208  -11.380 -8.599  0.50 11.77 ? 139 TYR A CD1 1 
ATOM   854  C CD2 A TYR A 1 98  ? -7.363  -12.612 -5.728  0.50 11.23 ? 139 TYR A CD2 1 
ATOM   855  C CD2 B TYR A 1 98  ? -7.569  -12.584 -6.577  0.50 10.99 ? 139 TYR A CD2 1 
ATOM   856  C CE1 A TYR A 1 98  ? -6.731  -13.642 -8.204  0.50 11.06 ? 139 TYR A CE1 1 
ATOM   857  C CE1 B TYR A 1 98  ? -6.729  -12.521 -9.207  0.50 12.50 ? 139 TYR A CE1 1 
ATOM   858  C CE2 A TYR A 1 98  ? -6.966  -13.935 -5.859  0.50 11.95 ? 139 TYR A CE2 1 
ATOM   859  C CE2 B TYR A 1 98  ? -7.083  -13.742 -7.165  0.50 11.74 ? 139 TYR A CE2 1 
ATOM   860  C CZ  A TYR A 1 98  ? -6.629  -14.453 -7.091  0.50 10.93 ? 139 TYR A CZ  1 
ATOM   861  C CZ  B TYR A 1 98  ? -6.662  -13.694 -8.490  0.50 12.02 ? 139 TYR A CZ  1 
ATOM   862  O OH  A TYR A 1 98  ? -6.245  -15.767 -7.222  0.50 13.92 ? 139 TYR A OH  1 
ATOM   863  O OH  B TYR A 1 98  ? -6.181  -14.768 -9.184  0.50 12.87 ? 139 TYR A OH  1 
ATOM   864  N N   . ASN A 1 99  ? -10.770 -10.627 -5.002  1.00 10.10 ? 140 ASN A N   1 
ATOM   865  C CA  . ASN A 1 99  ? -11.386 -11.510 -4.006  1.00 10.00 ? 140 ASN A CA  1 
ATOM   866  C C   . ASN A 1 99  ? -12.851 -11.189 -3.877  1.00 10.29 ? 140 ASN A C   1 
ATOM   867  O O   . ASN A 1 99  ? -13.251 -10.038 -3.894  1.00 12.13 ? 140 ASN A O   1 
ATOM   868  C CB  . ASN A 1 99  ? -10.706 -11.320 -2.661  1.00 9.44  ? 140 ASN A CB  1 
ATOM   869  C CG  . ASN A 1 99  ? -9.213  -11.561 -2.711  1.00 9.35  ? 140 ASN A CG  1 
ATOM   870  O OD1 . ASN A 1 99  ? -8.758  -12.713 -2.799  1.00 10.94 ? 140 ASN A OD1 1 
ATOM   871  N ND2 . ASN A 1 99  ? -8.427  -10.488 -2.762  1.00 9.96  ? 140 ASN A ND2 1 
ATOM   872  N N   . LYS A 1 100 ? -13.665 -12.208 -3.628  1.00 11.57 ? 141 LYS A N   1 
ATOM   873  C CA  . LYS A 1 100 ? -15.122 -12.024 -3.517  1.00 12.41 ? 141 LYS A CA  1 
ATOM   874  C C   . LYS A 1 100 ? -15.489 -11.270 -2.260  1.00 11.21 ? 141 LYS A C   1 
ATOM   875  O O   . LYS A 1 100 ? -14.870 -11.470 -1.172  1.00 10.73 ? 141 LYS A O   1 
ATOM   876  C CB  . LYS A 1 100 ? -15.761 -13.408 -3.515  1.00 16.37 ? 141 LYS A CB  1 
ATOM   877  C CG  . LYS A 1 100 ? -17.274 -13.469 -3.455  1.00 21.20 ? 141 LYS A CG  1 
ATOM   878  C CD  . LYS A 1 100 ? -17.797 -14.885 -3.542  1.00 25.36 ? 141 LYS A CD  1 
ATOM   879  C CE  . LYS A 1 100 ? -19.307 -14.931 -3.581  1.00 29.58 ? 141 LYS A CE  1 
ATOM   880  N NZ  . LYS A 1 100 ? -19.804 -16.065 -4.397  1.00 33.28 ? 141 LYS A NZ  1 
ATOM   881  N N   . PRO A 1 101 ? -16.503 -10.408 -2.304  1.00 11.52 ? 142 PRO A N   1 
ATOM   882  C CA  . PRO A 1 101 ? -16.952 -9.737  -1.107  1.00 12.28 ? 142 PRO A CA  1 
ATOM   883  C C   . PRO A 1 101 ? -17.199 -10.720 0.037   1.00 12.20 ? 142 PRO A C   1 
ATOM   884  O O   . PRO A 1 101 ? -17.738 -11.810 -0.146  1.00 12.66 ? 142 PRO A O   1 
ATOM   885  C CB  . PRO A 1 101 ? -18.257 -9.065  -1.546  1.00 14.36 ? 142 PRO A CB  1 
ATOM   886  C CG  . PRO A 1 101 ? -17.957 -8.740  -3.007  1.00 14.98 ? 142 PRO A CG  1 
ATOM   887  C CD  . PRO A 1 101 ? -17.234 -9.957  -3.526  1.00 13.41 ? 142 PRO A CD  1 
ATOM   888  N N   . GLY A 1 102 ? -16.794 -10.304 1.219   1.00 12.07 ? 143 GLY A N   1 
ATOM   889  C CA  . GLY A 1 102 ? -16.965 -11.087 2.439   1.00 12.77 ? 143 GLY A CA  1 
ATOM   890  C C   . GLY A 1 102 ? -15.918 -12.152 2.645   1.00 12.38 ? 143 GLY A C   1 
ATOM   891  O O   . GLY A 1 102 ? -15.926 -12.774 3.743   1.00 13.30 ? 143 GLY A O   1 
ATOM   892  N N   . ASP A 1 103 ? -15.001 -12.374 1.715   1.00 12.38 ? 144 ASP A N   1 
ATOM   893  C CA  . ASP A 1 103 ? -13.906 -13.326 1.933   1.00 12.17 ? 144 ASP A CA  1 
ATOM   894  C C   . ASP A 1 103 ? -13.005 -12.845 3.072   1.00 10.91 ? 144 ASP A C   1 
ATOM   895  O O   . ASP A 1 103 ? -12.884 -11.633 3.321   1.00 10.90 ? 144 ASP A O   1 
ATOM   896  C CB  . ASP A 1 103 ? -13.061 -13.549 0.679   1.00 14.12 ? 144 ASP A CB  1 
ATOM   897  C CG  . ASP A 1 103 ? -13.582 -14.575 -0.306  1.00 18.57 ? 144 ASP A CG  1 
ATOM   898  O OD1 . ASP A 1 103 ? -14.672 -15.136 -0.058  1.00 20.24 ? 144 ASP A OD1 1 
ATOM   899  O OD2 . ASP A 1 103 ? -12.870 -14.776 -1.334  1.00 23.62 ? 144 ASP A OD2 1 
ATOM   900  N N   . ASP A 1 104 ? -12.351 -13.777 3.765   1.00 11.72 ? 145 ASP A N   1 
ATOM   901  C CA  . ASP A 1 104 ? -11.409 -13.458 4.859   1.00 11.83 ? 145 ASP A CA  1 
ATOM   902  C C   . ASP A 1 104 ? -10.454 -12.312 4.501   1.00 10.79 ? 145 ASP A C   1 
ATOM   903  O O   . ASP A 1 104 ? -10.356 -11.366 5.279   1.00 10.60 ? 145 ASP A O   1 
ATOM   904  C CB  . ASP A 1 104 ? -10.631 -14.706 5.280   1.00 13.57 ? 145 ASP A CB  1 
ATOM   905  C CG  . ASP A 1 104 ? -10.154 -15.626 4.177   1.00 15.32 ? 145 ASP A CG  1 
ATOM   906  O OD1 . ASP A 1 104 ? -9.791  -15.147 3.077   1.00 16.61 ? 145 ASP A OD1 1 
ATOM   907  O OD2 . ASP A 1 104 ? -10.155 -16.882 4.404   1.00 17.32 ? 145 ASP A OD2 1 
ATOM   908  N N   . ILE A 1 105 ? -9.773  -12.416 3.361   1.00 9.97  ? 146 ILE A N   1 
ATOM   909  C CA  . ILE A 1 105 ? -8.767  -11.376 3.031   1.00 9.96  ? 146 ILE A CA  1 
ATOM   910  C C   . ILE A 1 105 ? -9.441  -10.029 2.816   1.00 9.67  ? 146 ILE A C   1 
ATOM   911  O O   . ILE A 1 105 ? -8.796  -8.995  3.125   1.00 9.91  ? 146 ILE A O   1 
ATOM   912  C CB  . ILE A 1 105 ? -7.927  -11.856 1.846   1.00 10.28 ? 146 ILE A CB  1 
ATOM   913  C CG1 . ILE A 1 105 ? -6.681  -10.990 1.618   1.00 11.33 ? 146 ILE A CG1 1 
ATOM   914  C CG2 . ILE A 1 105 ? -8.775  -11.938 0.568   1.00 10.72 ? 146 ILE A CG2 1 
ATOM   915  C CD1 . ILE A 1 105 ? -5.623  -11.104 2.651   1.00 11.67 ? 146 ILE A CD1 1 
ATOM   916  N N   . VAL A 1 106 ? -10.637 -10.017 2.274   1.00 9.25  ? 147 VAL A N   1 
ATOM   917  C CA  . VAL A 1 106 ? -11.357 -8.749  2.077   1.00 9.67  ? 147 VAL A CA  1 
ATOM   918  C C   . VAL A 1 106 ? -11.726 -8.151  3.434   1.00 10.06 ? 147 VAL A C   1 
ATOM   919  O O   . VAL A 1 106 ? -11.624 -6.933  3.601   1.00 10.59 ? 147 VAL A O   1 
ATOM   920  C CB  . VAL A 1 106 ? -12.594 -9.001  1.205   1.00 9.78  ? 147 VAL A CB  1 
ATOM   921  C CG1 . VAL A 1 106 ? -13.547 -7.826  1.168   1.00 10.78 ? 147 VAL A CG1 1 
ATOM   922  C CG2 . VAL A 1 106 ? -12.217 -9.426  -0.196  1.00 10.30 ? 147 VAL A CG2 1 
ATOM   923  N N   . LEU A 1 107 ? -12.190 -8.972  4.372   1.00 10.37 ? 148 LEU A N   1 
ATOM   924  C CA  . LEU A 1 107 ? -12.561 -8.456  5.710   1.00 11.02 ? 148 LEU A CA  1 
ATOM   925  C C   . LEU A 1 107 ? -11.305 -7.907  6.378   1.00 11.29 ? 148 LEU A C   1 
ATOM   926  O O   . LEU A 1 107 ? -11.392 -6.891  7.123   1.00 12.00 ? 148 LEU A O   1 
ATOM   927  C CB  . LEU A 1 107 ? -13.192 -9.583  6.543   1.00 11.60 ? 148 LEU A CB  1 
ATOM   928  C CG  . LEU A 1 107 ? -14.482 -10.162 5.945   1.00 13.92 ? 148 LEU A CG  1 
ATOM   929  C CD1 . LEU A 1 107 ? -14.905 -11.403 6.705   1.00 15.07 ? 148 LEU A CD1 1 
ATOM   930  C CD2 . LEU A 1 107 ? -15.541 -9.111  5.995   1.00 16.09 ? 148 LEU A CD2 1 
ATOM   931  N N   . MET A 1 108 ? -10.170 -8.539  6.164   1.00 10.85 ? 149 MET A N   1 
ATOM   932  C CA  . MET A 1 108 ? -8.887  -8.036  6.726   1.00 10.22 ? 149 MET A CA  1 
ATOM   933  C C   . MET A 1 108 ? -8.559  -6.672  6.129   1.00 10.51 ? 149 MET A C   1 
ATOM   934  O O   . MET A 1 108 ? -8.296  -5.700  6.876   1.00 11.83 ? 149 MET A O   1 
ATOM   935  C CB  . MET A 1 108 ? -7.757  -9.019  6.463   1.00 11.58 ? 149 MET A CB  1 
ATOM   936  C CG  . MET A 1 108 ? -7.916  -10.310 7.240   1.00 12.66 ? 149 MET A CG  1 
ATOM   937  S SD  . MET A 1 108 ? -6.770  -11.654 6.762   1.00 13.50 ? 149 MET A SD  1 
ATOM   938  C CE  . MET A 1 108 ? -5.381  -11.244 7.833   1.00 14.61 ? 149 MET A CE  1 
ATOM   939  N N   . ALA A 1 109 ? -8.646  -6.531  4.818   1.00 10.34 ? 150 ALA A N   1 
ATOM   940  C CA  . ALA A 1 109 ? -8.405  -5.249  4.134   1.00 10.76 ? 150 ALA A CA  1 
ATOM   941  C C   . ALA A 1 109 ? -9.399  -4.209  4.609   1.00 10.53 ? 150 ALA A C   1 
ATOM   942  O O   . ALA A 1 109 ? -9.023  -3.045  4.809   1.00 12.22 ? 150 ALA A O   1 
ATOM   943  C CB  . ALA A 1 109 ? -8.494  -5.435  2.637   1.00 10.60 ? 150 ALA A CB  1 
ATOM   944  N N   . GLU A 1 110 ? -10.657 -4.563  4.736   1.00 12.00 ? 151 GLU A N   1 
ATOM   945  C CA  . GLU A 1 110 ? -11.666 -3.565  5.172   1.00 12.91 ? 151 GLU A CA  1 
ATOM   946  C C   . GLU A 1 110 ? -11.345 -3.048  6.588   1.00 13.56 ? 151 GLU A C   1 
ATOM   947  O O   . GLU A 1 110 ? -11.527 -1.806  6.841   1.00 14.94 ? 151 GLU A O   1 
ATOM   948  C CB  . GLU A 1 110 ? -13.045 -4.193  5.177   1.00 13.09 ? 151 GLU A CB  1 
ATOM   949  C CG  . GLU A 1 110 ? -13.649 -4.365  3.786   1.00 14.51 ? 151 GLU A CG  1 
ATOM   950  C CD  . GLU A 1 110 ? -14.957 -5.135  3.729   1.00 16.17 ? 151 GLU A CD  1 
ATOM   951  O OE1 . GLU A 1 110 ? -15.382 -5.632  4.755   1.00 23.47 ? 151 GLU A OE1 1 
ATOM   952  O OE2 . GLU A 1 110 ? -15.522 -5.203  2.650   1.00 17.23 ? 151 GLU A OE2 1 
ATOM   953  N N   . ALA A 1 111 ? -10.880 -3.876  7.479   1.00 14.10 ? 152 ALA A N   1 
ATOM   954  C CA  . ALA A 1 111 ? -10.486 -3.440  8.840   1.00 15.85 ? 152 ALA A CA  1 
ATOM   955  C C   . ALA A 1 111 ? -9.340  -2.435  8.704   1.00 15.63 ? 152 ALA A C   1 
ATOM   956  O O   . ALA A 1 111 ? -9.363  -1.346  9.388   1.00 17.43 ? 152 ALA A O   1 
ATOM   957  C CB  . ALA A 1 111 ? -10.123 -4.608  9.702   1.00 17.59 ? 152 ALA A CB  1 
ATOM   958  N N   . LEU A 1 112 ? -8.308  -2.761  7.929   1.00 14.53 ? 153 LEU A N   1 
ATOM   959  C CA  . LEU A 1 112 ? -7.170  -1.846  7.739   1.00 13.19 ? 153 LEU A CA  1 
ATOM   960  C C   . LEU A 1 112 ? -7.666  -0.571  7.110   1.00 13.04 ? 153 LEU A C   1 
ATOM   961  O O   . LEU A 1 112 ? -7.168  0.533   7.510   1.00 13.65 ? 153 LEU A O   1 
ATOM   962  C CB  . LEU A 1 112 ? -6.107  -2.518  6.888   1.00 13.57 ? 153 LEU A CB  1 
ATOM   963  C CG  . LEU A 1 112 ? -5.433  -3.739  7.484   1.00 14.24 ? 153 LEU A CG  1 
ATOM   964  C CD1 . LEU A 1 112 ? -4.535  -4.352  6.439   1.00 15.73 ? 153 LEU A CD1 1 
ATOM   965  C CD2 . LEU A 1 112 ? -4.649  -3.419  8.735   1.00 15.23 ? 153 LEU A CD2 1 
ATOM   966  N N   . GLU A 1 113 ? -8.531  -0.603  6.122   1.00 12.81 ? 154 GLU A N   1 
ATOM   967  C CA  . GLU A 1 113 ? -8.956  0.584   5.401   1.00 13.38 ? 154 GLU A CA  1 
ATOM   968  C C   . GLU A 1 113 ? -9.701  1.504   6.377   1.00 13.88 ? 154 GLU A C   1 
ATOM   969  O O   . GLU A 1 113 ? -9.574  2.753   6.221   1.00 14.05 ? 154 GLU A O   1 
ATOM   970  C CB  . GLU A 1 113 ? -9.804  0.198   4.196   1.00 13.00 ? 154 GLU A CB  1 
ATOM   971  C CG  . GLU A 1 113 ? -10.234 1.392   3.403   1.00 14.28 ? 154 GLU A CG  1 
ATOM   972  C CD  . GLU A 1 113 ? -11.141 1.116   2.220   1.00 17.53 ? 154 GLU A CD  1 
ATOM   973  O OE1 . GLU A 1 113 ? -11.767 0.025   2.190   1.00 18.94 ? 154 GLU A OE1 1 
ATOM   974  O OE2 . GLU A 1 113 ? -11.325 2.037   1.380   1.00 21.92 ? 154 GLU A OE2 1 
ATOM   975  N N   . LYS A 1 114 ? -10.517 0.975   7.272   1.00 14.35 ? 155 LYS A N   1 
ATOM   976  C CA  . LYS A 1 114 ? -11.257 1.826   8.225   1.00 15.79 ? 155 LYS A CA  1 
ATOM   977  C C   . LYS A 1 114 ? -10.243 2.596   9.058   1.00 15.48 ? 155 LYS A C   1 
ATOM   978  O O   . LYS A 1 114 ? -10.468 3.832   9.248   1.00 16.18 ? 155 LYS A O   1 
ATOM   979  C CB  . LYS A 1 114 ? -12.138 0.966   9.113   1.00 18.84 ? 155 LYS A CB  1 
ATOM   980  C CG  . LYS A 1 114 ? -13.050 1.800   10.012  1.00 23.95 ? 155 LYS A CG  1 
ATOM   981  C CD  . LYS A 1 114 ? -13.935 0.983   10.921  1.00 29.17 ? 155 LYS A CD  1 
ATOM   982  C CE  . LYS A 1 114 ? -14.421 1.775   12.122  1.00 32.23 ? 155 LYS A CE  1 
ATOM   983  N NZ  . LYS A 1 114 ? -15.832 1.468   12.442  1.00 37.60 ? 155 LYS A NZ  1 
ATOM   984  N N   . LEU A 1 115 ? -9.217  1.975   9.563   1.00 13.91 ? 156 LEU A N   1 
ATOM   985  C CA  . LEU A 1 115 ? -8.189  2.672   10.345  1.00 14.92 ? 156 LEU A CA  1 
ATOM   986  C C   . LEU A 1 115 ? -7.470  3.684   9.460   1.00 13.84 ? 156 LEU A C   1 
ATOM   987  O O   . LEU A 1 115 ? -7.190  4.809   9.942   1.00 15.09 ? 156 LEU A O   1 
ATOM   988  C CB  . LEU A 1 115 ? -7.214  1.666   10.935  1.00 17.07 ? 156 LEU A CB  1 
ATOM   989  C CG  . LEU A 1 115 ? -7.751  0.738   12.027  1.00 21.01 ? 156 LEU A CG  1 
ATOM   990  C CD1 . LEU A 1 115 ? -6.778  -0.385  12.296  1.00 23.14 ? 156 LEU A CD1 1 
ATOM   991  C CD2 . LEU A 1 115 ? -8.008  1.510   13.318  1.00 23.42 ? 156 LEU A CD2 1 
ATOM   992  N N   . PHE A 1 116 ? -7.112  3.321   8.236   1.00 12.49 ? 157 PHE A N   1 
ATOM   993  C CA  . PHE A 1 116 ? -6.438  4.226   7.297   1.00 11.85 ? 157 PHE A CA  1 
ATOM   994  C C   . PHE A 1 116 ? -7.282  5.489   7.127   1.00 12.28 ? 157 PHE A C   1 
ATOM   995  O O   . PHE A 1 116 ? -6.709  6.611   7.218   1.00 13.12 ? 157 PHE A O   1 
ATOM   996  C CB  . PHE A 1 116 ? -6.278  3.503   5.958   1.00 11.98 ? 157 PHE A CB  1 
ATOM   997  C CG  . PHE A 1 116 ? -5.744  4.407   4.885   1.00 12.18 ? 157 PHE A CG  1 
ATOM   998  C CD1 . PHE A 1 116 ? -4.426  4.785   4.896   1.00 12.60 ? 157 PHE A CD1 1 
ATOM   999  C CD2 . PHE A 1 116 ? -6.539  4.790   3.837   1.00 14.15 ? 157 PHE A CD2 1 
ATOM   1000 C CE1 . PHE A 1 116 ? -3.937  5.594   3.886   1.00 14.09 ? 157 PHE A CE1 1 
ATOM   1001 C CE2 . PHE A 1 116 ? -6.027  5.571   2.811   1.00 15.47 ? 157 PHE A CE2 1 
ATOM   1002 C CZ  . PHE A 1 116 ? -4.736  5.991   2.876   1.00 14.58 ? 157 PHE A CZ  1 
ATOM   1003 N N   . LEU A 1 117 ? -8.548  5.368   6.833   1.00 13.17 ? 158 LEU A N   1 
ATOM   1004 C CA  . LEU A 1 117 ? -9.392  6.561   6.571   1.00 15.24 ? 158 LEU A CA  1 
ATOM   1005 C C   . LEU A 1 117 ? -9.488  7.429   7.830   1.00 15.37 ? 158 LEU A C   1 
ATOM   1006 O O   . LEU A 1 117 ? -9.496  8.691   7.676   1.00 15.34 ? 158 LEU A O   1 
ATOM   1007 C CB  . LEU A 1 117 ? -10.767 6.128   6.086   1.00 19.52 ? 158 LEU A CB  1 
ATOM   1008 C CG  . LEU A 1 117 ? -10.759 5.568   4.660   1.00 21.89 ? 158 LEU A CG  1 
ATOM   1009 C CD1 . LEU A 1 117 ? -12.151 5.071   4.290   1.00 27.55 ? 158 LEU A CD1 1 
ATOM   1010 C CD2 . LEU A 1 117 ? -10.254 6.575   3.624   1.00 24.86 ? 158 LEU A CD2 1 
ATOM   1011 N N   . GLN A 1 118 ? -9.507  6.834   9.014   1.00 13.50 ? 159 GLN A N   1 
ATOM   1012 C CA  . GLN A 1 118 ? -9.527  7.640   10.248  1.00 15.19 ? 159 GLN A CA  1 
ATOM   1013 C C   . GLN A 1 118 ? -8.264  8.461   10.265  1.00 14.39 ? 159 GLN A C   1 
ATOM   1014 O O   . GLN A 1 118 ? -8.331  9.657   10.595  1.00 15.30 ? 159 GLN A O   1 
ATOM   1015 C CB  . GLN A 1 118 ? -9.631  6.732   11.458  1.00 16.89 ? 159 GLN A CB  1 
ATOM   1016 C CG  . GLN A 1 118 ? -11.015 6.110   11.586  1.00 21.53 ? 159 GLN A CG  1 
ATOM   1017 C CD  . GLN A 1 118 ? -11.145 5.010   12.613  1.00 26.36 ? 159 GLN A CD  1 
ATOM   1018 O OE1 . GLN A 1 118 ? -10.170 4.494   13.157  1.00 27.57 ? 159 GLN A OE1 1 
ATOM   1019 N NE2 . GLN A 1 118 ? -12.384 4.629   12.874  1.00 32.17 ? 159 GLN A NE2 1 
ATOM   1020 N N   . LYS A 1 119 ? -7.119  7.849   10.063  1.00 13.95 ? 160 LYS A N   1 
ATOM   1021 C CA  . LYS A 1 119 ? -5.842  8.558   10.191  1.00 14.56 ? 160 LYS A CA  1 
ATOM   1022 C C   . LYS A 1 119 ? -5.713  9.617   9.098   1.00 13.71 ? 160 LYS A C   1 
ATOM   1023 O O   . LYS A 1 119 ? -5.108  10.700  9.365   1.00 14.67 ? 160 LYS A O   1 
ATOM   1024 C CB  . LYS A 1 119 ? -4.660  7.607   10.112  1.00 16.41 ? 160 LYS A CB  1 
ATOM   1025 C CG  . LYS A 1 119 ? -4.567  6.665   11.309  1.00 18.19 ? 160 LYS A CG  1 
ATOM   1026 C CD  . LYS A 1 119 ? -4.488  7.392   12.660  1.00 22.42 ? 160 LYS A CD  1 
ATOM   1027 C CE  . LYS A 1 119 ? -4.176  6.487   13.832  1.00 26.77 ? 160 LYS A CE  1 
ATOM   1028 N NZ  . LYS A 1 119 ? -4.059  7.310   15.061  1.00 30.00 ? 160 LYS A NZ  1 
ATOM   1029 N N   . ILE A 1 120 ? -6.258  9.411   7.912   1.00 13.11 ? 161 ILE A N   1 
ATOM   1030 C CA  . ILE A 1 120 ? -6.169  10.403  6.809   1.00 13.51 ? 161 ILE A CA  1 
ATOM   1031 C C   . ILE A 1 120 ? -7.040  11.612  7.178   1.00 14.45 ? 161 ILE A C   1 
ATOM   1032 O O   . ILE A 1 120 ? -6.725  12.752  6.755   1.00 14.32 ? 161 ILE A O   1 
ATOM   1033 C CB  . ILE A 1 120 ? -6.544  9.760   5.445   1.00 13.83 ? 161 ILE A CB  1 
ATOM   1034 C CG1 . ILE A 1 120 ? -5.510  8.715   4.994   1.00 14.57 ? 161 ILE A CG1 1 
ATOM   1035 C CG2 . ILE A 1 120 ? -6.771  10.839  4.389   1.00 15.25 ? 161 ILE A CG2 1 
ATOM   1036 C CD1 . ILE A 1 120 ? -4.140  9.208   5.046   1.00 15.24 ? 161 ILE A CD1 1 
ATOM   1037 N N   . ASN A 1 121 ? -8.103  11.401  7.937   1.00 14.99 ? 162 ASN A N   1 
ATOM   1038 C CA  . ASN A 1 121 ? -8.919  12.528  8.443   1.00 14.80 ? 162 ASN A CA  1 
ATOM   1039 C C   . ASN A 1 121 ? -8.118  13.405  9.416   1.00 16.21 ? 162 ASN A C   1 
ATOM   1040 O O   . ASN A 1 121 ? -8.581  14.532  9.678   1.00 17.89 ? 162 ASN A O   1 
ATOM   1041 C CB  . ASN A 1 121 ? -10.185 12.017  9.109   1.00 16.14 ? 162 ASN A CB  1 
ATOM   1042 C CG  . ASN A 1 121 ? -11.196 11.569  8.091   1.00 16.83 ? 162 ASN A CG  1 
ATOM   1043 O OD1 . ASN A 1 121 ? -11.154 11.966  6.939   1.00 17.19 ? 162 ASN A OD1 1 
ATOM   1044 N ND2 . ASN A 1 121 ? -12.153 10.731  8.492   1.00 18.31 ? 162 ASN A ND2 1 
ATOM   1045 N N   . GLU A 1 122 ? -6.972  13.005  9.928   1.00 15.82 ? 163 GLU A N   1 
ATOM   1046 C CA  . GLU A 1 122 ? -6.118  13.782  10.851  1.00 18.04 ? 163 GLU A CA  1 
ATOM   1047 C C   . GLU A 1 122 ? -4.812  14.195  10.166  1.00 17.73 ? 163 GLU A C   1 
ATOM   1048 O O   . GLU A 1 122 ? -3.852  14.552  10.864  1.00 18.40 ? 163 GLU A O   1 
ATOM   1049 C CB  . GLU A 1 122 ? -5.873  12.946  12.116  1.00 19.72 ? 163 GLU A CB  1 
ATOM   1050 C CG  . GLU A 1 122 ? -7.170  12.464  12.751  1.00 22.34 ? 163 GLU A CG  1 
ATOM   1051 C CD  . GLU A 1 122 ? -7.057  11.794  14.109  1.00 27.92 ? 163 GLU A CD  1 
ATOM   1052 O OE1 . GLU A 1 122 ? -6.077  12.088  14.815  1.00 29.66 ? 163 GLU A OE1 1 
ATOM   1053 O OE2 . GLU A 1 122 ? -7.980  11.005  14.468  1.00 27.84 ? 163 GLU A OE2 1 
ATOM   1054 N N   . LEU A 1 123 ? -4.772  14.245  8.832   1.00 18.40 ? 164 LEU A N   1 
ATOM   1055 C CA  . LEU A 1 123 ? -3.569  14.702  8.087   1.00 19.79 ? 164 LEU A CA  1 
ATOM   1056 C C   . LEU A 1 123 ? -3.181  16.085  8.606   1.00 18.06 ? 164 LEU A C   1 
ATOM   1057 O O   . LEU A 1 123 ? -4.037  16.979  8.667   1.00 19.62 ? 164 LEU A O   1 
ATOM   1058 C CB  . LEU A 1 123 ? -3.957  14.813  6.612   1.00 22.69 ? 164 LEU A CB  1 
ATOM   1059 C CG  . LEU A 1 123 ? -3.462  13.800  5.591   1.00 26.92 ? 164 LEU A CG  1 
ATOM   1060 C CD1 . LEU A 1 123 ? -3.518  14.477  4.222   1.00 24.35 ? 164 LEU A CD1 1 
ATOM   1061 C CD2 . LEU A 1 123 ? -2.075  13.266  5.902   1.00 25.28 ? 164 LEU A CD2 1 
ATOM   1062 N N   . PRO A 1 124 ? -1.919  16.343  8.961   1.00 17.83 ? 165 PRO A N   1 
ATOM   1063 C CA  . PRO A 1 124 ? -1.549  17.647  9.509   1.00 18.75 ? 165 PRO A CA  1 
ATOM   1064 C C   . PRO A 1 124 ? -1.425  18.731  8.438   1.00 16.42 ? 165 PRO A C   1 
ATOM   1065 O O   . PRO A 1 124 ? -1.540  18.501  7.250   1.00 16.81 ? 165 PRO A O   1 
ATOM   1066 C CB  . PRO A 1 124 ? -0.195  17.414  10.141  1.00 20.38 ? 165 PRO A CB  1 
ATOM   1067 C CG  . PRO A 1 124 ? 0.397   16.295  9.287   1.00 20.55 ? 165 PRO A CG  1 
ATOM   1068 C CD  . PRO A 1 124 ? -0.781  15.406  8.934   1.00 18.77 ? 165 PRO A CD  1 
ATOM   1069 N N   . THR A 1 125 ? -1.259  19.956  8.926   1.00 16.68 ? 166 THR A N   1 
ATOM   1070 C CA  . THR A 1 125 ? -1.230  21.178  8.105   1.00 17.02 ? 166 THR A CA  1 
ATOM   1071 C C   . THR A 1 125 ? -0.094  21.140  7.094   1.00 15.23 ? 166 THR A C   1 
ATOM   1072 O O   . THR A 1 125 ? 1.045   20.905  7.454   1.00 17.22 ? 166 THR A O   1 
ATOM   1073 C CB  . THR A 1 125 ? -1.074  22.386  9.035   1.00 17.59 ? 166 THR A CB  1 
ATOM   1074 O OG1 . THR A 1 125 ? -2.140  22.352  9.982   1.00 21.14 ? 166 THR A OG1 1 
ATOM   1075 C CG2 . THR A 1 125 ? -1.188  23.702  8.308   1.00 19.94 ? 166 THR A CG2 1 
ATOM   1076 N N   . GLU A 1 126 ? -0.418  21.491  5.852   1.00 14.90 ? 167 GLU A N   1 
ATOM   1077 C CA  . GLU A 1 126 ? 0.533   21.597  4.721   1.00 15.42 ? 167 GLU A CA  1 
ATOM   1078 C C   . GLU A 1 126 ? 1.360   22.885  4.845   1.00 14.90 ? 167 GLU A C   1 
ATOM   1079 O O   . GLU A 1 126 ? 0.821   23.899  5.319   1.00 16.55 ? 167 GLU A O   1 
ATOM   1080 C CB  . GLU A 1 126 ? -0.288  21.611  3.423   1.00 17.83 ? 167 GLU A CB  1 
ATOM   1081 C CG  . GLU A 1 126 ? 0.516   21.683  2.147   1.00 19.18 ? 167 GLU A CG  1 
ATOM   1082 C CD  . GLU A 1 126 ? -0.332  21.789  0.885   1.00 17.83 ? 167 GLU A CD  1 
ATOM   1083 O OE1 . GLU A 1 126 ? -1.616  21.650  1.019   1.00 21.35 ? 167 GLU A OE1 1 
ATOM   1084 O OE2 . GLU A 1 126 ? 0.284   21.923  -0.191  1.00 20.80 ? 167 GLU A OE2 1 
ATOM   1085 N N   . GLU A 1 127 ? 2.618   22.844  4.421   1.00 14.47 ? 168 GLU A N   1 
ATOM   1086 C CA  . GLU A 1 127 ? 3.530   24.004  4.245   1.00 15.33 ? 168 GLU A CA  1 
ATOM   1087 C C   . GLU A 1 127 ? 2.993   24.966  3.170   1.00 16.36 ? 168 GLU A C   1 
ATOM   1088 O O   . GLU A 1 127 ? 2.354   24.538  2.160   1.00 17.69 ? 168 GLU A O   1 
ATOM   1089 C CB  . GLU A 1 127 ? 4.921   23.567  3.797   1.00 14.35 ? 168 GLU A CB  1 
ATOM   1090 C CG  . GLU A 1 127 ? 5.684   22.661  4.760   1.00 14.34 ? 168 GLU A CG  1 
ATOM   1091 C CD  . GLU A 1 127 ? 5.351   21.178  4.712   1.00 14.14 ? 168 GLU A CD  1 
ATOM   1092 O OE1 . GLU A 1 127 ? 4.391   20.769  3.973   1.00 14.51 ? 168 GLU A OE1 1 
ATOM   1093 O OE2 . GLU A 1 127 ? 6.064   20.426  5.418   1.00 15.49 ? 168 GLU A OE2 1 
ATOM   1094 O OXT . GLU A 1 127 ? 3.236   26.198  3.319   1.00 17.41 ? 168 GLU A OXT 1 
HETATM 1095 C C1  . VCV B 2 .   ? 0.274   -14.110 1.608   1.00 11.00 ? 401 VCV A C1  1 
HETATM 1096 C C2  . VCV B 2 .   ? -0.613  -13.255 0.948   1.00 10.73 ? 401 VCV A C2  1 
HETATM 1097 C C3  . VCV B 2 .   ? -1.971  -13.533 0.931   1.00 10.48 ? 401 VCV A C3  1 
HETATM 1098 C C4  . VCV B 2 .   ? -2.488  -14.629 1.626   1.00 11.71 ? 401 VCV A C4  1 
HETATM 1099 C C5  . VCV B 2 .   ? -1.611  -15.455 2.315   1.00 12.18 ? 401 VCV A C5  1 
HETATM 1100 C C6  . VCV B 2 .   ? -0.227  -15.233 2.298   1.00 12.04 ? 401 VCV A C6  1 
HETATM 1101 C C7  . VCV B 2 .   ? 0.390   -16.297 3.046   1.00 12.54 ? 401 VCV A C7  1 
HETATM 1102 C C8  . VCV B 2 .   ? -0.628  -17.108 3.464   1.00 13.50 ? 401 VCV A C8  1 
HETATM 1103 C C9  . VCV B 2 .   ? -3.119  -17.312 3.242   1.00 13.42 ? 401 VCV A C9  1 
HETATM 1104 C C10 . VCV B 2 .   ? -3.252  -18.102 1.936   1.00 16.94 ? 401 VCV A C10 1 
HETATM 1105 C C11 . VCV B 2 .   ? -2.883  -19.435 1.806   1.00 23.89 ? 401 VCV A C11 1 
HETATM 1106 C C12 . VCV B 2 .   ? -2.966  -20.035 0.555   1.00 24.38 ? 401 VCV A C12 1 
HETATM 1107 C C13 . VCV B 2 .   ? -3.310  -19.274 -0.547  1.00 21.94 ? 401 VCV A C13 1 
HETATM 1108 C C14 . VCV B 2 .   ? -3.624  -17.971 -0.353  1.00 21.26 ? 401 VCV A C14 1 
HETATM 1109 C C15 . VCV B 2 .   ? -4.270  -16.332 3.517   1.00 12.28 ? 401 VCV A C15 1 
HETATM 1110 C C16 . VCV B 2 .   ? -6.470  -15.772 3.313   1.00 12.15 ? 401 VCV A C16 1 
HETATM 1111 C C17 . VCV B 2 .   ? -6.345  -14.680 4.149   1.00 11.56 ? 401 VCV A C17 1 
HETATM 1112 C C18 . VCV B 2 .   ? -5.114  -14.433 4.702   1.00 11.05 ? 401 VCV A C18 1 
HETATM 1113 C C19 . VCV B 2 .   ? -4.074  -15.266 4.367   1.00 11.62 ? 401 VCV A C19 1 
HETATM 1114 N N1  . VCV B 2 .   ? -5.466  -16.596 2.994   1.00 12.32 ? 401 VCV A N1  1 
HETATM 1115 N N2  . VCV B 2 .   ? -3.588  -17.398 0.860   1.00 17.79 ? 401 VCV A N2  1 
HETATM 1116 N N3  . VCV B 2 .   ? -1.832  -16.620 3.074   1.00 12.78 ? 401 VCV A N3  1 
HETATM 1117 C C20 . VCV B 2 .   ? -3.080  -18.285 4.457   1.00 14.60 ? 401 VCV A C20 1 
HETATM 1118 C C21 . VCV B 2 .   ? -2.893  -12.722 0.099   1.00 10.33 ? 401 VCV A C21 1 
HETATM 1119 C C22 . VCV B 2 .   ? -3.881  -13.379 -0.640  1.00 11.03 ? 401 VCV A C22 1 
HETATM 1120 C C23 . VCV B 2 .   ? -4.741  -12.671 -1.464  1.00 11.98 ? 401 VCV A C23 1 
HETATM 1121 C C24 . VCV B 2 .   ? -4.697  -11.237 -1.542  1.00 9.88  ? 401 VCV A C24 1 
HETATM 1122 C C25 . VCV B 2 .   ? -2.838  -11.358 0.041   1.00 10.12 ? 401 VCV A C25 1 
HETATM 1123 C C26 . VCV B 2 .   ? 2.389   -11.372 1.070   1.00 13.42 ? 401 VCV A C26 1 
HETATM 1124 C C27 . VCV B 2 .   ? 2.907   -11.178 2.460   1.00 14.53 ? 401 VCV A C27 1 
HETATM 1125 N N4  . VCV B 2 .   ? 1.655   -13.944 1.606   1.00 11.19 ? 401 VCV A N4  1 
HETATM 1126 S S1  . VCV B 2 .   ? 2.520   -13.065 0.554   1.00 11.89 ? 401 VCV A S1  1 
HETATM 1127 O O1  . VCV B 2 .   ? 1.925   -13.165 -0.740  1.00 12.26 ? 401 VCV A O1  1 
HETATM 1128 O O2  . VCV B 2 .   ? 3.895   -13.460 0.704   1.00 13.01 ? 401 VCV A O2  1 
HETATM 1129 N N5  . VCV B 2 .   ? -3.719  -10.657 -0.765  1.00 10.25 ? 401 VCV A N5  1 
HETATM 1130 C C28 . VCV B 2 .   ? -3.608  -9.205  -0.786  1.00 10.34 ? 401 VCV A C28 1 
HETATM 1131 C C29 . VCV B 2 .   ? -5.948  -14.788 -2.067  1.00 16.96 ? 401 VCV A C29 1 
HETATM 1132 C C30 . VCV B 2 .   ? -6.613  -15.320 -0.755  1.00 19.66 ? 401 VCV A C30 1 
HETATM 1133 C C31 . VCV B 2 .   ? -7.123  -15.474 -2.836  1.00 19.59 ? 401 VCV A C31 1 
HETATM 1134 O O3  . VCV B 2 .   ? -5.468  -10.559 -2.234  1.00 10.77 ? 401 VCV A O3  1 
HETATM 1135 N N6  . VCV B 2 .   ? -5.707  -13.348 -2.181  1.00 13.31 ? 401 VCV A N6  1 
HETATM 1136 N N7  . VCV B 2 .   ? -7.505  -16.156 -1.592  1.00 23.77 ? 401 VCV A N7  1 
HETATM 1137 O O   . HOH C 3 .   ? -12.718 -14.850 -3.766  1.00 23.78 ? 501 HOH A O   1 
HETATM 1138 O O   . HOH C 3 .   ? -2.771  15.300  13.017  1.00 34.74 ? 502 HOH A O   1 
HETATM 1139 O O   . HOH C 3 .   ? 13.769  3.202   -10.104 1.00 36.13 ? 503 HOH A O   1 
HETATM 1140 O O   . HOH C 3 .   ? 8.086   21.266  6.693   1.00 31.44 ? 504 HOH A O   1 
HETATM 1141 O O   . HOH C 3 .   ? -9.387  -18.706 2.751   1.00 23.06 ? 505 HOH A O   1 
HETATM 1142 O O   . HOH C 3 .   ? -7.986  -18.574 -10.837 1.00 30.23 ? 506 HOH A O   1 
HETATM 1143 O O   . HOH C 3 .   ? -5.859  -4.514  -13.470 1.00 16.51 ? 507 HOH A O   1 
HETATM 1144 O O   . HOH C 3 .   ? 0.402   6.865   -6.414  1.00 27.20 ? 508 HOH A O   1 
HETATM 1145 O O   . HOH C 3 .   ? 7.245   -14.501 -0.343  1.00 23.81 ? 509 HOH A O   1 
HETATM 1146 O O   . HOH C 3 .   ? 14.365  0.079   -2.542  1.00 34.91 ? 510 HOH A O   1 
HETATM 1147 O O   . HOH C 3 .   ? -14.305 -0.137  1.520   1.00 35.95 ? 511 HOH A O   1 
HETATM 1148 O O   . HOH C 3 .   ? 3.145   -21.830 -8.094  1.00 27.74 ? 512 HOH A O   1 
HETATM 1149 O O   . HOH C 3 .   ? -14.681 -4.225  0.346   1.00 16.86 ? 513 HOH A O   1 
HETATM 1150 O O   . HOH C 3 .   ? -9.524  -15.910 0.552   1.00 25.39 ? 514 HOH A O   1 
HETATM 1151 O O   . HOH C 3 .   ? 10.323  -18.084 -16.399 1.00 16.89 ? 515 HOH A O   1 
HETATM 1152 O O   . HOH C 3 .   ? -8.630  16.870  10.960  1.00 16.71 ? 516 HOH A O   1 
HETATM 1153 O O   . HOH C 3 .   ? -10.307 -14.881 -2.664  1.00 25.19 ? 517 HOH A O   1 
HETATM 1154 O O   . HOH C 3 .   ? 10.195  12.474  2.246   1.00 16.46 ? 518 HOH A O   1 
HETATM 1155 O O   . HOH C 3 .   ? -5.130  -8.170  -3.658  1.00 10.50 ? 519 HOH A O   1 
HETATM 1156 O O   . HOH C 3 .   ? 5.317   27.080  4.757   1.00 21.16 ? 520 HOH A O   1 
HETATM 1157 O O   . HOH C 3 .   ? -13.461 -0.526  5.486   1.00 28.53 ? 521 HOH A O   1 
HETATM 1158 O O   . HOH C 3 .   ? 8.692   10.247  2.446   1.00 13.14 ? 522 HOH A O   1 
HETATM 1159 O O   . HOH C 3 .   ? 2.075   4.537   -7.725  1.00 16.29 ? 523 HOH A O   1 
HETATM 1160 O O   . HOH C 3 .   ? -6.595  8.240   -3.224  1.00 24.72 ? 524 HOH A O   1 
HETATM 1161 O O   . HOH C 3 .   ? -4.020  14.170  0.069   1.00 22.99 ? 525 HOH A O   1 
HETATM 1162 O O   . HOH C 3 .   ? 1.765   25.810  6.966   1.00 26.09 ? 526 HOH A O   1 
HETATM 1163 O O   . HOH C 3 .   ? 2.786   28.109  1.476   1.00 14.00 ? 527 HOH A O   1 
HETATM 1164 O O   . HOH C 3 .   ? -6.872  -0.983  -7.956  1.00 16.51 ? 528 HOH A O   1 
HETATM 1165 O O   . HOH C 3 .   ? -9.988  9.758   13.177  1.00 30.42 ? 529 HOH A O   1 
HETATM 1166 O O   . HOH C 3 .   ? -8.313  -19.462 -15.039 1.00 27.55 ? 530 HOH A O   1 
HETATM 1167 O O   . HOH C 3 .   ? -19.828 -12.571 -1.685  1.00 22.54 ? 531 HOH A O   1 
HETATM 1168 O O   . HOH C 3 .   ? -12.986 4.822   9.241   1.00 27.94 ? 532 HOH A O   1 
HETATM 1169 O O   . HOH C 3 .   ? -5.299  -11.601 -18.354 1.00 20.68 ? 533 HOH A O   1 
HETATM 1170 O O   . HOH C 3 .   ? -3.656  -21.534 -3.682  1.00 33.83 ? 534 HOH A O   1 
HETATM 1171 O O   . HOH C 3 .   ? 1.604   -6.547  12.273  1.00 23.98 ? 535 HOH A O   1 
HETATM 1172 O O   . HOH C 3 .   ? 6.331   -11.023 -1.814  1.00 16.82 ? 536 HOH A O   1 
HETATM 1173 O O   . HOH C 3 .   ? -17.254 -14.521 0.556   1.00 20.29 ? 537 HOH A O   1 
HETATM 1174 O O   . HOH C 3 .   ? 14.142  1.657   2.434   1.00 33.00 ? 538 HOH A O   1 
HETATM 1175 O O   . HOH C 3 .   ? 8.604   -11.540 -14.251 1.00 16.93 ? 539 HOH A O   1 
HETATM 1176 O O   . HOH C 3 .   ? 2.786   18.558  4.093   1.00 13.01 ? 540 HOH A O   1 
HETATM 1177 O O   . HOH C 3 .   ? 4.277   15.352  10.531  1.00 21.79 ? 541 HOH A O   1 
HETATM 1178 O O   . HOH C 3 .   ? 16.729  6.860   -12.284 1.00 26.21 ? 542 HOH A O   1 
HETATM 1179 O O   . HOH C 3 .   ? -14.597 -7.722  -3.065  1.00 12.20 ? 543 HOH A O   1 
HETATM 1180 O O   . HOH C 3 .   ? 16.676  13.071  -6.643  1.00 23.61 ? 544 HOH A O   1 
HETATM 1181 O O   . HOH C 3 .   ? -7.567  -17.529 -5.588  1.00 26.67 ? 545 HOH A O   1 
HETATM 1182 O O   . HOH C 3 .   ? 13.197  10.652  -5.085  1.00 19.19 ? 546 HOH A O   1 
HETATM 1183 O O   . HOH C 3 .   ? -1.473  -6.220  -1.940  1.00 11.61 ? 547 HOH A O   1 
HETATM 1184 O O   . HOH C 3 .   ? 4.038   -10.778 5.888   1.00 19.49 ? 548 HOH A O   1 
HETATM 1185 O O   . HOH C 3 .   ? 8.975   20.879  3.212   1.00 21.63 ? 549 HOH A O   1 
HETATM 1186 O O   . HOH C 3 .   ? -16.810 -7.443  1.691   1.00 23.17 ? 550 HOH A O   1 
HETATM 1187 O O   . HOH C 3 .   ? -0.222  -0.321  -13.674 1.00 14.12 ? 551 HOH A O   1 
HETATM 1188 O O   . HOH C 3 .   ? 16.649  7.506   -5.067  1.00 17.79 ? 552 HOH A O   1 
HETATM 1189 O O   . HOH C 3 .   ? 11.524  -1.857  -5.485  1.00 19.09 ? 553 HOH A O   1 
HETATM 1190 O O   . HOH C 3 .   ? 10.191  13.289  -2.148  1.00 14.57 ? 554 HOH A O   1 
HETATM 1191 O O   . HOH C 3 .   ? 2.904   -5.116  -4.976  1.00 11.12 ? 555 HOH A O   1 
HETATM 1192 O O   . HOH C 3 .   ? 4.989   -4.796  -9.523  1.00 12.41 ? 556 HOH A O   1 
HETATM 1193 O O   . HOH C 3 .   ? -12.051 -17.975 6.124   1.00 24.24 ? 557 HOH A O   1 
HETATM 1194 O O   . HOH C 3 .   ? 17.067  6.911   -0.507  1.00 24.50 ? 558 HOH A O   1 
HETATM 1195 O O   . HOH C 3 .   ? -1.601  -6.069  -4.982  1.00 12.33 ? 559 HOH A O   1 
HETATM 1196 O O   . HOH C 3 .   ? 11.449  -0.929  4.405   1.00 26.33 ? 560 HOH A O   1 
HETATM 1197 O O   . HOH C 3 .   ? 0.056   -7.978  -0.476  1.00 11.40 ? 561 HOH A O   1 
HETATM 1198 O O   . HOH C 3 .   ? -5.476  1.536   -8.729  1.00 20.61 ? 562 HOH A O   1 
HETATM 1199 O O   . HOH C 3 .   ? -4.271  -6.089  -2.036  1.00 11.76 ? 563 HOH A O   1 
HETATM 1200 O O   . HOH C 3 .   ? -1.282  25.731  5.087   1.00 24.11 ? 564 HOH A O   1 
HETATM 1201 O O   . HOH C 3 .   ? -3.316  -10.180 -18.951 1.00 29.73 ? 565 HOH A O   1 
HETATM 1202 O O   . HOH C 3 .   ? 6.761   3.713   10.138  1.00 30.73 ? 566 HOH A O   1 
HETATM 1203 O O   . HOH C 3 .   ? 4.455   20.841  1.170   1.00 15.20 ? 567 HOH A O   1 
HETATM 1204 O O   . HOH C 3 .   ? 8.454   -3.961  -2.088  1.00 23.14 ? 568 HOH A O   1 
HETATM 1205 O O   . HOH C 3 .   ? 2.914   22.901  -0.076  1.00 15.89 ? 569 HOH A O   1 
HETATM 1206 O O   . HOH C 3 .   ? 11.644  -3.703  -9.054  1.00 25.65 ? 570 HOH A O   1 
HETATM 1207 O O   . HOH C 3 .   ? 13.328  0.919   -7.149  1.00 17.64 ? 571 HOH A O   1 
HETATM 1208 O O   . HOH C 3 .   ? -3.192  -0.768  14.586  1.00 28.18 ? 572 HOH A O   1 
HETATM 1209 O O   . HOH C 3 .   ? -2.407  16.401  0.572   1.00 24.59 ? 573 HOH A O   1 
HETATM 1210 O O   . HOH C 3 .   ? 2.105   -1.285  -9.699  1.00 12.04 ? 574 HOH A O   1 
HETATM 1211 O O   . HOH C 3 .   ? 9.974   5.530   -10.996 1.00 20.49 ? 575 HOH A O   1 
HETATM 1212 O O   . HOH C 3 .   ? -4.547  -3.305  -10.314 1.00 12.52 ? 576 HOH A O   1 
HETATM 1213 O O   . HOH C 3 .   ? 2.476   -17.548 -10.868 1.00 23.04 ? 577 HOH A O   1 
HETATM 1214 O O   . HOH C 3 .   ? 7.919   9.962   5.057   1.00 18.85 ? 578 HOH A O   1 
HETATM 1215 O O   . HOH C 3 .   ? -3.556  10.780  14.055  1.00 26.97 ? 579 HOH A O   1 
HETATM 1216 O O   . HOH C 3 .   ? 9.245   -10.487 -7.711  1.00 21.15 ? 580 HOH A O   1 
HETATM 1217 O O   . HOH C 3 .   ? -13.703 -6.126  8.576   1.00 19.78 ? 581 HOH A O   1 
HETATM 1218 O O   . HOH C 3 .   ? 9.313   -2.317  3.363   1.00 20.15 ? 582 HOH A O   1 
HETATM 1219 O O   . HOH C 3 .   ? -15.427 -15.285 4.963   1.00 16.60 ? 583 HOH A O   1 
HETATM 1220 O O   . HOH C 3 .   ? 3.984   16.075  0.549   1.00 13.09 ? 584 HOH A O   1 
HETATM 1221 O O   . HOH C 3 .   ? -6.700  -18.931 1.957   1.00 19.62 ? 585 HOH A O   1 
HETATM 1222 O O   . HOH C 3 .   ? 9.310   12.498  -6.085  1.00 17.84 ? 586 HOH A O   1 
HETATM 1223 O O   . HOH C 3 .   ? -1.331  23.740  12.328  1.00 35.62 ? 587 HOH A O   1 
HETATM 1224 O O   . HOH C 3 .   ? 13.143  10.976  4.490   1.00 36.75 ? 588 HOH A O   1 
HETATM 1225 O O   . HOH C 3 .   ? 8.213   10.220  -0.300  1.00 12.18 ? 589 HOH A O   1 
HETATM 1226 O O   . HOH C 3 .   ? 3.489   -15.117 3.448   1.00 16.24 ? 590 HOH A O   1 
HETATM 1227 O O   . HOH C 3 .   ? -10.299 9.786   5.168   1.00 20.38 ? 591 HOH A O   1 
HETATM 1228 O O   . HOH C 3 .   ? -3.853  21.116  2.711   1.00 28.65 ? 592 HOH A O   1 
HETATM 1229 O O   . HOH C 3 .   ? 5.337   -11.036 -6.340  1.00 12.80 ? 593 HOH A O   1 
HETATM 1230 O O   . HOH C 3 .   ? -8.163  2.708   -6.013  1.00 20.49 ? 594 HOH A O   1 
HETATM 1231 O O   . HOH C 3 .   ? -13.187 -16.446 3.142   1.00 23.17 ? 595 HOH A O   1 
HETATM 1232 O O   . HOH C 3 .   ? 6.088   -8.447  -7.182  1.00 12.66 ? 596 HOH A O   1 
HETATM 1233 O O   . HOH C 3 .   ? 2.629   -14.761 -11.063 1.00 19.47 ? 597 HOH A O   1 
HETATM 1234 O O   . HOH C 3 .   ? -4.369  1.634   -11.346 1.00 24.95 ? 598 HOH A O   1 
HETATM 1235 O O   . HOH C 3 .   ? 5.030   23.607  8.496   1.00 34.70 ? 599 HOH A O   1 
HETATM 1236 O O   . HOH C 3 .   ? 12.543  18.859  2.013   1.00 16.65 ? 600 HOH A O   1 
HETATM 1237 O O   . HOH C 3 .   ? -0.033  -10.290 12.740  1.00 28.23 ? 601 HOH A O   1 
HETATM 1238 O O   . HOH C 3 .   ? 13.037  7.823   -4.791  1.00 15.57 ? 602 HOH A O   1 
HETATM 1239 O O   . HOH C 3 .   ? 16.306  9.446   -1.161  1.00 20.33 ? 603 HOH A O   1 
HETATM 1240 O O   . HOH C 3 .   ? -15.511 -4.750  7.516   1.00 31.15 ? 604 HOH A O   1 
HETATM 1241 O O   . HOH C 3 .   ? -0.085  -14.358 -11.286 1.00 17.35 ? 605 HOH A O   1 
HETATM 1242 O O   . HOH C 3 .   ? 1.357   -19.363 -9.410  1.00 35.33 ? 606 HOH A O   1 
HETATM 1243 O O   . HOH C 3 .   ? 1.082   -7.341  -4.964  1.00 12.64 ? 607 HOH A O   1 
HETATM 1244 O O   . HOH C 3 .   ? 6.723   0.153   -10.538 1.00 18.73 ? 608 HOH A O   1 
HETATM 1245 O O   . HOH C 3 .   ? -18.274 -12.393 5.425   1.00 21.26 ? 609 HOH A O   1 
HETATM 1246 O O   . HOH C 3 .   ? -4.491  -5.438  15.700  1.00 18.74 ? 610 HOH A O   1 
HETATM 1247 O O   . HOH C 3 .   ? 15.333  17.100  -5.146  1.00 20.40 ? 611 HOH A O   1 
HETATM 1248 O O   . HOH C 3 .   ? 8.079   -17.337 -4.885  1.00 25.61 ? 612 HOH A O   1 
HETATM 1249 O O   . HOH C 3 .   ? 0.646   14.453  -7.214  1.00 23.18 ? 613 HOH A O   1 
HETATM 1250 O O   . HOH C 3 .   ? 12.813  -14.167 -17.461 1.00 24.76 ? 614 HOH A O   1 
HETATM 1251 O O   . HOH C 3 .   ? -5.717  9.357   -5.784  1.00 30.97 ? 615 HOH A O   1 
HETATM 1252 O O   . HOH C 3 .   ? -8.586  8.459   0.219   1.00 31.47 ? 616 HOH A O   1 
HETATM 1253 O O   . HOH C 3 .   ? 3.589   20.819  -3.832  1.00 12.86 ? 617 HOH A O   1 
HETATM 1254 O O   . HOH C 3 .   ? -9.615  12.360  16.517  1.00 33.14 ? 618 HOH A O   1 
HETATM 1255 O O   . HOH C 3 .   ? 13.252  7.358   -14.318 1.00 20.45 ? 619 HOH A O   1 
HETATM 1256 O O   . HOH C 3 .   ? 0.435   -8.562  11.148  1.00 28.26 ? 620 HOH A O   1 
HETATM 1257 O O   . HOH C 3 .   ? -12.300 9.640   11.236  1.00 23.47 ? 621 HOH A O   1 
HETATM 1258 O O   . HOH C 3 .   ? 4.666   -0.397  13.097  1.00 31.26 ? 622 HOH A O   1 
HETATM 1259 O O   . HOH C 3 .   ? -5.960  4.461   -6.149  1.00 15.77 ? 623 HOH A O   1 
HETATM 1260 O O   . HOH C 3 .   ? -3.360  21.573  5.382   1.00 25.60 ? 624 HOH A O   1 
HETATM 1261 O O   . HOH C 3 .   ? -1.873  11.032  -6.675  1.00 33.38 ? 625 HOH A O   1 
HETATM 1262 O O   . HOH C 3 .   ? 9.303   -13.007 -6.820  1.00 22.75 ? 626 HOH A O   1 
HETATM 1263 O O   . HOH C 3 .   ? 13.028  -13.143 -14.317 1.00 24.50 ? 627 HOH A O   1 
HETATM 1264 O O   . HOH C 3 .   ? -9.474  2.219   -1.925  1.00 26.97 ? 628 HOH A O   1 
HETATM 1265 O O   . HOH C 3 .   ? 9.040   -13.647 -4.030  1.00 28.83 ? 629 HOH A O   1 
HETATM 1266 O O   . HOH C 3 .   ? -1.434  20.089  11.951  1.00 29.46 ? 630 HOH A O   1 
HETATM 1267 O O   . HOH C 3 .   ? -7.195  11.863  0.503   1.00 29.76 ? 631 HOH A O   1 
HETATM 1268 O O   . HOH C 3 .   ? 1.166   17.207  -1.086  1.00 21.50 ? 632 HOH A O   1 
HETATM 1269 O O   . HOH C 3 .   ? -12.219 -2.216  -5.785  1.00 26.66 ? 633 HOH A O   1 
HETATM 1270 O O   . HOH C 3 .   ? 8.869   13.477  4.655   1.00 17.52 ? 634 HOH A O   1 
HETATM 1271 O O   . HOH C 3 .   ? 10.938  -3.661  -3.304  1.00 24.44 ? 635 HOH A O   1 
HETATM 1272 O O   . HOH C 3 .   ? 1.365   12.892  -9.320  1.00 22.84 ? 636 HOH A O   1 
HETATM 1273 O O   . HOH C 3 .   ? -8.220  9.659   -1.927  1.00 29.68 ? 637 HOH A O   1 
HETATM 1274 O O   . HOH C 3 .   ? 8.543   -4.890  0.398   1.00 29.89 ? 638 HOH A O   1 
HETATM 1275 O O   . HOH C 3 .   ? 9.512   -16.497 -7.226  1.00 25.04 ? 639 HOH A O   1 
HETATM 1276 O O   . HOH C 3 .   ? 7.115   -11.688 -4.362  1.00 20.17 ? 640 HOH A O   1 
HETATM 1277 O O   . HOH C 3 .   ? 11.883  21.157  3.355   1.00 21.37 ? 641 HOH A O   1 
HETATM 1278 O O   . HOH C 3 .   ? 3.652   -17.794 4.037   1.00 23.23 ? 642 HOH A O   1 
HETATM 1279 O O   . HOH C 3 .   ? 2.875   18.469  1.169   1.00 17.70 ? 643 HOH A O   1 
HETATM 1280 O O   . HOH C 3 .   ? -5.791  5.319   -8.786  1.00 25.26 ? 644 HOH A O   1 
HETATM 1281 O O   . HOH C 3 .   ? -7.039  6.828   -5.198  1.00 21.45 ? 645 HOH A O   1 
HETATM 1282 O O   . HOH C 3 .   ? 4.243   -6.282  -7.311  1.00 15.14 ? 646 HOH A O   1 
HETATM 1283 O O   . HOH C 3 .   ? -0.368  10.709  -8.860  1.00 27.09 ? 647 HOH A O   1 
HETATM 1284 O O   . HOH C 3 .   ? 8.289   -9.004  -5.363  1.00 21.04 ? 648 HOH A O   1 
HETATM 1285 O O   . HOH C 3 .   ? -10.630 -20.815 4.275   1.00 33.93 ? 649 HOH A O   1 
HETATM 1286 O O   . HOH C 3 .   ? 4.856   -13.367 4.948   1.00 26.54 ? 650 HOH A O   1 
HETATM 1287 O O   . HOH C 3 .   ? -15.865 -6.068  -1.335  1.00 20.51 ? 651 HOH A O   1 
HETATM 1288 O O   . HOH C 3 .   ? -19.209 -14.980 2.688   1.00 29.37 ? 652 HOH A O   1 
HETATM 1289 O O   . HOH C 3 .   ? 8.168   -9.087  -15.298 1.00 20.69 ? 653 HOH A O   1 
HETATM 1290 O O   . HOH C 3 .   ? -3.951  6.545   -12.567 1.00 31.74 ? 654 HOH A O   1 
HETATM 1291 O O   . HOH C 3 .   ? -3.551  -2.887  16.231  1.00 31.72 ? 655 HOH A O   1 
HETATM 1292 O O   . HOH C 3 .   ? -3.488  -6.559  17.888  1.00 33.33 ? 656 HOH A O   1 
HETATM 1293 O O   . HOH C 3 .   ? 3.027   -19.530 1.893   1.00 36.19 ? 657 HOH A O   1 
HETATM 1294 O O   . HOH C 3 .   ? 18.711  10.776  -0.799  1.00 33.29 ? 658 HOH A O   1 
HETATM 1295 O O   . HOH C 3 .   ? -21.640 -10.619 -2.221  1.00 29.20 ? 659 HOH A O   1 
# 
loop_
_pdbx_poly_seq_scheme.asym_id 
_pdbx_poly_seq_scheme.entity_id 
_pdbx_poly_seq_scheme.seq_id 
_pdbx_poly_seq_scheme.mon_id 
_pdbx_poly_seq_scheme.ndb_seq_num 
_pdbx_poly_seq_scheme.pdb_seq_num 
_pdbx_poly_seq_scheme.auth_seq_num 
_pdbx_poly_seq_scheme.pdb_mon_id 
_pdbx_poly_seq_scheme.auth_mon_id 
_pdbx_poly_seq_scheme.pdb_strand_id 
_pdbx_poly_seq_scheme.pdb_ins_code 
_pdbx_poly_seq_scheme.hetero 
A 1 1   LEU 1   42  42  LEU LEU A . n 
A 1 2   GLU 2   43  43  GLU GLU A . n 
A 1 3   ASN 3   44  44  ASN ASN A . n 
A 1 4   PRO 4   45  45  PRO PRO A . n 
A 1 5   PRO 5   46  46  PRO PRO A . n 
A 1 6   PRO 6   47  47  PRO PRO A . n 
A 1 7   PRO 7   48  48  PRO PRO A . n 
A 1 8   GLU 8   49  49  GLU GLU A . n 
A 1 9   THR 9   50  50  THR THR A . n 
A 1 10  SER 10  51  51  SER SER A . n 
A 1 11  ASN 11  52  52  ASN ASN A . n 
A 1 12  PRO 12  53  53  PRO PRO A . n 
A 1 13  ASN 13  54  54  ASN ASN A . n 
A 1 14  LYS 14  55  55  LYS LYS A . n 
A 1 15  PRO 15  56  56  PRO PRO A . n 
A 1 16  LYS 16  57  57  LYS LYS A . n 
A 1 17  ARG 17  58  58  ARG ARG A . n 
A 1 18  GLN 18  59  59  GLN GLN A . n 
A 1 19  THR 19  60  60  THR THR A . n 
A 1 20  ASN 20  61  61  ASN ASN A . n 
A 1 21  GLN 21  62  62  GLN GLN A . n 
A 1 22  LEU 22  63  63  LEU LEU A . n 
A 1 23  GLN 23  64  64  GLN GLN A . n 
A 1 24  TYR 24  65  65  TYR TYR A . n 
A 1 25  LEU 25  66  66  LEU LEU A . n 
A 1 26  LEU 26  67  67  LEU LEU A . n 
A 1 27  ARG 27  68  68  ARG ARG A . n 
A 1 28  VAL 28  69  69  VAL VAL A . n 
A 1 29  VAL 29  70  70  VAL VAL A . n 
A 1 30  LEU 30  71  71  LEU LEU A . n 
A 1 31  LYS 31  72  72  LYS LYS A . n 
A 1 32  THR 32  73  73  THR THR A . n 
A 1 33  LEU 33  74  74  LEU LEU A . n 
A 1 34  TRP 34  75  75  TRP TRP A . n 
A 1 35  LYS 35  76  76  LYS LYS A . n 
A 1 36  HIS 36  77  77  HIS HIS A . n 
A 1 37  GLN 37  78  78  GLN GLN A . n 
A 1 38  PHE 38  79  79  PHE PHE A . n 
A 1 39  ALA 39  80  80  ALA ALA A . n 
A 1 40  TRP 40  81  81  TRP TRP A . n 
A 1 41  PRO 41  82  82  PRO PRO A . n 
A 1 42  PHE 42  83  83  PHE PHE A . n 
A 1 43  GLN 43  84  84  GLN GLN A . n 
A 1 44  GLN 44  85  85  GLN GLN A . n 
A 1 45  PRO 45  86  86  PRO PRO A . n 
A 1 46  VAL 46  87  87  VAL VAL A . n 
A 1 47  ASP 47  88  88  ASP ASP A . n 
A 1 48  ALA 48  89  89  ALA ALA A . n 
A 1 49  VAL 49  90  90  VAL VAL A . n 
A 1 50  LYS 50  91  91  LYS LYS A . n 
A 1 51  LEU 51  92  92  LEU LEU A . n 
A 1 52  ASN 52  93  93  ASN ASN A . n 
A 1 53  LEU 53  94  94  LEU LEU A . n 
A 1 54  PRO 54  95  95  PRO PRO A . n 
A 1 55  ASP 55  96  96  ASP ASP A . n 
A 1 56  TYR 56  97  97  TYR TYR A . n 
A 1 57  TYR 57  98  98  TYR TYR A . n 
A 1 58  LYS 58  99  99  LYS LYS A . n 
A 1 59  ILE 59  100 100 ILE ILE A . n 
A 1 60  ILE 60  101 101 ILE ILE A . n 
A 1 61  LYS 61  102 102 LYS LYS A . n 
A 1 62  THR 62  103 103 THR THR A . n 
A 1 63  PRO 63  104 104 PRO PRO A . n 
A 1 64  MET 64  105 105 MET MET A . n 
A 1 65  ASP 65  106 106 ASP ASP A . n 
A 1 66  MET 66  107 107 MET MET A . n 
A 1 67  GLY 67  108 108 GLY GLY A . n 
A 1 68  THR 68  109 109 THR THR A . n 
A 1 69  ILE 69  110 110 ILE ILE A . n 
A 1 70  LYS 70  111 111 LYS LYS A . n 
A 1 71  LYS 71  112 112 LYS LYS A . n 
A 1 72  ARG 72  113 113 ARG ARG A . n 
A 1 73  LEU 73  114 114 LEU LEU A . n 
A 1 74  GLU 74  115 115 GLU GLU A . n 
A 1 75  ASN 75  116 116 ASN ASN A . n 
A 1 76  ASN 76  117 117 ASN ASN A . n 
A 1 77  TYR 77  118 118 TYR TYR A . n 
A 1 78  TYR 78  119 119 TYR TYR A . n 
A 1 79  TRP 79  120 120 TRP TRP A . n 
A 1 80  ASN 80  121 121 ASN ASN A . n 
A 1 81  ALA 81  122 122 ALA ALA A . n 
A 1 82  GLN 82  123 123 GLN GLN A . n 
A 1 83  GLU 83  124 124 GLU GLU A . n 
A 1 84  CYS 84  125 125 CYS CYS A . n 
A 1 85  ILE 85  126 126 ILE ILE A . n 
A 1 86  GLN 86  127 127 GLN GLN A . n 
A 1 87  ASP 87  128 128 ASP ASP A . n 
A 1 88  PHE 88  129 129 PHE PHE A . n 
A 1 89  ASN 89  130 130 ASN ASN A . n 
A 1 90  THR 90  131 131 THR THR A . n 
A 1 91  MET 91  132 132 MET MET A . n 
A 1 92  PHE 92  133 133 PHE PHE A . n 
A 1 93  THR 93  134 134 THR THR A . n 
A 1 94  ASN 94  135 135 ASN ASN A . n 
A 1 95  CYS 95  136 136 CYS CYS A . n 
A 1 96  TYR 96  137 137 TYR TYR A . n 
A 1 97  ILE 97  138 138 ILE ILE A . n 
A 1 98  TYR 98  139 139 TYR TYR A . n 
A 1 99  ASN 99  140 140 ASN ASN A . n 
A 1 100 LYS 100 141 141 LYS LYS A . n 
A 1 101 PRO 101 142 142 PRO PRO A . n 
A 1 102 GLY 102 143 143 GLY GLY A . n 
A 1 103 ASP 103 144 144 ASP ASP A . n 
A 1 104 ASP 104 145 145 ASP ASP A . n 
A 1 105 ILE 105 146 146 ILE ILE A . n 
A 1 106 VAL 106 147 147 VAL VAL A . n 
A 1 107 LEU 107 148 148 LEU LEU A . n 
A 1 108 MET 108 149 149 MET MET A . n 
A 1 109 ALA 109 150 150 ALA ALA A . n 
A 1 110 GLU 110 151 151 GLU GLU A . n 
A 1 111 ALA 111 152 152 ALA ALA A . n 
A 1 112 LEU 112 153 153 LEU LEU A . n 
A 1 113 GLU 113 154 154 GLU GLU A . n 
A 1 114 LYS 114 155 155 LYS LYS A . n 
A 1 115 LEU 115 156 156 LEU LEU A . n 
A 1 116 PHE 116 157 157 PHE PHE A . n 
A 1 117 LEU 117 158 158 LEU LEU A . n 
A 1 118 GLN 118 159 159 GLN GLN A . n 
A 1 119 LYS 119 160 160 LYS LYS A . n 
A 1 120 ILE 120 161 161 ILE ILE A . n 
A 1 121 ASN 121 162 162 ASN ASN A . n 
A 1 122 GLU 122 163 163 GLU GLU A . n 
A 1 123 LEU 123 164 164 LEU LEU A . n 
A 1 124 PRO 124 165 165 PRO PRO A . n 
A 1 125 THR 125 166 166 THR THR A . n 
A 1 126 GLU 126 167 167 GLU GLU A . n 
A 1 127 GLU 127 168 168 GLU GLU A . n 
# 
loop_
_pdbx_nonpoly_scheme.asym_id 
_pdbx_nonpoly_scheme.entity_id 
_pdbx_nonpoly_scheme.mon_id 
_pdbx_nonpoly_scheme.ndb_seq_num 
_pdbx_nonpoly_scheme.pdb_seq_num 
_pdbx_nonpoly_scheme.auth_seq_num 
_pdbx_nonpoly_scheme.pdb_mon_id 
_pdbx_nonpoly_scheme.auth_mon_id 
_pdbx_nonpoly_scheme.pdb_strand_id 
_pdbx_nonpoly_scheme.pdb_ins_code 
B 2 VCV 1   401 401 VCV Z99 A . 
C 3 HOH 1   501 121 HOH HOH A . 
C 3 HOH 2   502 153 HOH HOH A . 
C 3 HOH 3   503 156 HOH HOH A . 
C 3 HOH 4   504 109 HOH HOH A . 
C 3 HOH 5   505 98  HOH HOH A . 
C 3 HOH 6   506 129 HOH HOH A . 
C 3 HOH 7   507 20  HOH HOH A . 
C 3 HOH 8   508 155 HOH HOH A . 
C 3 HOH 9   509 71  HOH HOH A . 
C 3 HOH 10  510 91  HOH HOH A . 
C 3 HOH 11  511 158 HOH HOH A . 
C 3 HOH 12  512 105 HOH HOH A . 
C 3 HOH 13  513 32  HOH HOH A . 
C 3 HOH 14  514 82  HOH HOH A . 
C 3 HOH 15  515 36  HOH HOH A . 
C 3 HOH 16  516 6   HOH HOH A . 
C 3 HOH 17  517 139 HOH HOH A . 
C 3 HOH 18  518 37  HOH HOH A . 
C 3 HOH 19  519 11  HOH HOH A . 
C 3 HOH 20  520 116 HOH HOH A . 
C 3 HOH 21  521 76  HOH HOH A . 
C 3 HOH 22  522 21  HOH HOH A . 
C 3 HOH 23  523 51  HOH HOH A . 
C 3 HOH 24  524 142 HOH HOH A . 
C 3 HOH 25  525 77  HOH HOH A . 
C 3 HOH 26  526 63  HOH HOH A . 
C 3 HOH 27  527 2   HOH HOH A . 
C 3 HOH 28  528 39  HOH HOH A . 
C 3 HOH 29  529 127 HOH HOH A . 
C 3 HOH 30  530 96  HOH HOH A . 
C 3 HOH 31  531 66  HOH HOH A . 
C 3 HOH 32  532 100 HOH HOH A . 
C 3 HOH 33  533 88  HOH HOH A . 
C 3 HOH 34  534 135 HOH HOH A . 
C 3 HOH 35  535 107 HOH HOH A . 
C 3 HOH 36  536 10  HOH HOH A . 
C 3 HOH 37  537 8   HOH HOH A . 
C 3 HOH 38  538 89  HOH HOH A . 
C 3 HOH 39  539 34  HOH HOH A . 
C 3 HOH 40  540 44  HOH HOH A . 
C 3 HOH 41  541 64  HOH HOH A . 
C 3 HOH 42  542 85  HOH HOH A . 
C 3 HOH 43  543 13  HOH HOH A . 
C 3 HOH 44  544 99  HOH HOH A . 
C 3 HOH 45  545 131 HOH HOH A . 
C 3 HOH 46  546 43  HOH HOH A . 
C 3 HOH 47  547 16  HOH HOH A . 
C 3 HOH 48  548 56  HOH HOH A . 
C 3 HOH 49  549 60  HOH HOH A . 
C 3 HOH 50  550 87  HOH HOH A . 
C 3 HOH 51  551 17  HOH HOH A . 
C 3 HOH 52  552 48  HOH HOH A . 
C 3 HOH 53  553 52  HOH HOH A . 
C 3 HOH 54  554 19  HOH HOH A . 
C 3 HOH 55  555 1   HOH HOH A . 
C 3 HOH 56  556 4   HOH HOH A . 
C 3 HOH 57  557 84  HOH HOH A . 
C 3 HOH 58  558 119 HOH HOH A . 
C 3 HOH 59  559 3   HOH HOH A . 
C 3 HOH 60  560 72  HOH HOH A . 
C 3 HOH 61  561 7   HOH HOH A . 
C 3 HOH 62  562 75  HOH HOH A . 
C 3 HOH 63  563 14  HOH HOH A . 
C 3 HOH 64  564 101 HOH HOH A . 
C 3 HOH 65  565 74  HOH HOH A . 
C 3 HOH 66  566 92  HOH HOH A . 
C 3 HOH 67  567 41  HOH HOH A . 
C 3 HOH 68  568 23  HOH HOH A . 
C 3 HOH 69  569 42  HOH HOH A . 
C 3 HOH 70  570 113 HOH HOH A . 
C 3 HOH 71  571 27  HOH HOH A . 
C 3 HOH 72  572 130 HOH HOH A . 
C 3 HOH 73  573 140 HOH HOH A . 
C 3 HOH 74  574 22  HOH HOH A . 
C 3 HOH 75  575 55  HOH HOH A . 
C 3 HOH 76  576 9   HOH HOH A . 
C 3 HOH 77  577 150 HOH HOH A . 
C 3 HOH 78  578 47  HOH HOH A . 
C 3 HOH 79  579 90  HOH HOH A . 
C 3 HOH 80  580 38  HOH HOH A . 
C 3 HOH 81  581 49  HOH HOH A . 
C 3 HOH 82  582 73  HOH HOH A . 
C 3 HOH 83  583 30  HOH HOH A . 
C 3 HOH 84  584 28  HOH HOH A . 
C 3 HOH 85  585 115 HOH HOH A . 
C 3 HOH 86  586 123 HOH HOH A . 
C 3 HOH 87  587 97  HOH HOH A . 
C 3 HOH 88  588 143 HOH HOH A . 
C 3 HOH 89  589 5   HOH HOH A . 
C 3 HOH 90  590 33  HOH HOH A . 
C 3 HOH 91  591 62  HOH HOH A . 
C 3 HOH 92  592 86  HOH HOH A . 
C 3 HOH 93  593 15  HOH HOH A . 
C 3 HOH 94  594 70  HOH HOH A . 
C 3 HOH 95  595 79  HOH HOH A . 
C 3 HOH 96  596 18  HOH HOH A . 
C 3 HOH 97  597 61  HOH HOH A . 
C 3 HOH 98  598 103 HOH HOH A . 
C 3 HOH 99  599 111 HOH HOH A . 
C 3 HOH 100 600 112 HOH HOH A . 
C 3 HOH 101 601 152 HOH HOH A . 
C 3 HOH 102 602 35  HOH HOH A . 
C 3 HOH 103 603 57  HOH HOH A . 
C 3 HOH 104 604 151 HOH HOH A . 
C 3 HOH 105 605 46  HOH HOH A . 
C 3 HOH 106 606 147 HOH HOH A . 
C 3 HOH 107 607 12  HOH HOH A . 
C 3 HOH 108 608 50  HOH HOH A . 
C 3 HOH 109 609 58  HOH HOH A . 
C 3 HOH 110 610 45  HOH HOH A . 
C 3 HOH 111 611 54  HOH HOH A . 
C 3 HOH 112 612 69  HOH HOH A . 
C 3 HOH 113 613 67  HOH HOH A . 
C 3 HOH 114 614 122 HOH HOH A . 
C 3 HOH 115 615 157 HOH HOH A . 
C 3 HOH 116 616 141 HOH HOH A . 
C 3 HOH 117 617 26  HOH HOH A . 
C 3 HOH 118 618 138 HOH HOH A . 
C 3 HOH 119 619 65  HOH HOH A . 
C 3 HOH 120 620 136 HOH HOH A . 
C 3 HOH 121 621 118 HOH HOH A . 
C 3 HOH 122 622 128 HOH HOH A . 
C 3 HOH 123 623 29  HOH HOH A . 
C 3 HOH 124 624 133 HOH HOH A . 
C 3 HOH 125 625 137 HOH HOH A . 
C 3 HOH 126 626 40  HOH HOH A . 
C 3 HOH 127 627 68  HOH HOH A . 
C 3 HOH 128 628 126 HOH HOH A . 
C 3 HOH 129 629 78  HOH HOH A . 
C 3 HOH 130 630 145 HOH HOH A . 
C 3 HOH 131 631 83  HOH HOH A . 
C 3 HOH 132 632 149 HOH HOH A . 
C 3 HOH 133 633 144 HOH HOH A . 
C 3 HOH 134 634 114 HOH HOH A . 
C 3 HOH 135 635 120 HOH HOH A . 
C 3 HOH 136 636 117 HOH HOH A . 
C 3 HOH 137 637 108 HOH HOH A . 
C 3 HOH 138 638 93  HOH HOH A . 
C 3 HOH 139 639 124 HOH HOH A . 
C 3 HOH 140 640 31  HOH HOH A . 
C 3 HOH 141 641 104 HOH HOH A . 
C 3 HOH 142 642 94  HOH HOH A . 
C 3 HOH 143 643 148 HOH HOH A . 
C 3 HOH 144 644 81  HOH HOH A . 
C 3 HOH 145 645 53  HOH HOH A . 
C 3 HOH 146 646 24  HOH HOH A . 
C 3 HOH 147 647 106 HOH HOH A . 
C 3 HOH 148 648 25  HOH HOH A . 
C 3 HOH 149 649 159 HOH HOH A . 
C 3 HOH 150 650 125 HOH HOH A . 
C 3 HOH 151 651 59  HOH HOH A . 
C 3 HOH 152 652 134 HOH HOH A . 
C 3 HOH 153 653 154 HOH HOH A . 
C 3 HOH 154 654 146 HOH HOH A . 
C 3 HOH 155 655 95  HOH HOH A . 
C 3 HOH 156 656 80  HOH HOH A . 
C 3 HOH 157 657 132 HOH HOH A . 
C 3 HOH 158 658 102 HOH HOH A . 
C 3 HOH 159 659 110 HOH HOH A . 
# 
_pdbx_struct_assembly.id                   1 
_pdbx_struct_assembly.details              author_and_software_defined_assembly 
_pdbx_struct_assembly.method_details       PISA 
_pdbx_struct_assembly.oligomeric_details   monomeric 
_pdbx_struct_assembly.oligomeric_count     1 
# 
_pdbx_struct_assembly_gen.assembly_id       1 
_pdbx_struct_assembly_gen.oper_expression   1 
_pdbx_struct_assembly_gen.asym_id_list      A,B,C 
# 
_pdbx_struct_oper_list.id                   1 
_pdbx_struct_oper_list.type                 'identity operation' 
_pdbx_struct_oper_list.name                 1_555 
_pdbx_struct_oper_list.symmetry_operation   x,y,z 
_pdbx_struct_oper_list.matrix[1][1]         1.0000000000 
_pdbx_struct_oper_list.matrix[1][2]         0.0000000000 
_pdbx_struct_oper_list.matrix[1][3]         0.0000000000 
_pdbx_struct_oper_list.vector[1]            0.0000000000 
_pdbx_struct_oper_list.matrix[2][1]         0.0000000000 
_pdbx_struct_oper_list.matrix[2][2]         1.0000000000 
_pdbx_struct_oper_list.matrix[2][3]         0.0000000000 
_pdbx_struct_oper_list.vector[2]            0.0000000000 
_pdbx_struct_oper_list.matrix[3][1]         0.0000000000 
_pdbx_struct_oper_list.matrix[3][2]         0.0000000000 
_pdbx_struct_oper_list.matrix[3][3]         1.0000000000 
_pdbx_struct_oper_list.vector[3]            0.0000000000 
# 
loop_
_pdbx_audit_revision_history.ordinal 
_pdbx_audit_revision_history.data_content_type 
_pdbx_audit_revision_history.major_revision 
_pdbx_audit_revision_history.minor_revision 
_pdbx_audit_revision_history.revision_date 
1 'Structure model' 1 0 2021-08-25 
2 'Structure model' 1 1 2022-03-16 
3 'Structure model' 1 2 2023-10-18 
# 
_pdbx_audit_revision_details.ordinal             1 
_pdbx_audit_revision_details.revision_ordinal    1 
_pdbx_audit_revision_details.data_content_type   'Structure model' 
_pdbx_audit_revision_details.provider            repository 
_pdbx_audit_revision_details.type                'Initial release' 
_pdbx_audit_revision_details.description         ? 
_pdbx_audit_revision_details.details             ? 
# 
loop_
_pdbx_audit_revision_group.ordinal 
_pdbx_audit_revision_group.revision_ordinal 
_pdbx_audit_revision_group.data_content_type 
_pdbx_audit_revision_group.group 
1 2 'Structure model' 'Database references'    
2 3 'Structure model' 'Data collection'        
3 3 'Structure model' 'Refinement description' 
# 
loop_
_pdbx_audit_revision_category.ordinal 
_pdbx_audit_revision_category.revision_ordinal 
_pdbx_audit_revision_category.data_content_type 
_pdbx_audit_revision_category.category 
1 2 'Structure model' citation                      
2 2 'Structure model' citation_author               
3 3 'Structure model' chem_comp_atom                
4 3 'Structure model' chem_comp_bond                
5 3 'Structure model' pdbx_initial_refinement_model 
# 
loop_
_pdbx_audit_revision_item.ordinal 
_pdbx_audit_revision_item.revision_ordinal 
_pdbx_audit_revision_item.data_content_type 
_pdbx_audit_revision_item.item 
1  2 'Structure model' '_citation.country'                 
2  2 'Structure model' '_citation.journal_abbrev'          
3  2 'Structure model' '_citation.journal_id_ASTM'         
4  2 'Structure model' '_citation.journal_id_CSD'          
5  2 'Structure model' '_citation.journal_id_ISSN'         
6  2 'Structure model' '_citation.journal_volume'          
7  2 'Structure model' '_citation.page_first'              
8  2 'Structure model' '_citation.page_last'               
9  2 'Structure model' '_citation.pdbx_database_id_DOI'    
10 2 'Structure model' '_citation.pdbx_database_id_PubMed' 
11 2 'Structure model' '_citation.title'                   
12 2 'Structure model' '_citation.year'                    
# 
loop_
_software.citation_id 
_software.classification 
_software.compiler_name 
_software.compiler_version 
_software.contact_author 
_software.contact_author_email 
_software.date 
_software.description 
_software.dependencies 
_software.hardware 
_software.language 
_software.location 
_software.mods 
_software.name 
_software.os 
_software.os_version 
_software.type 
_software.version 
_software.pdbx_ordinal 
? 'data scaling'    ? ? ? ? ? ? ? ? ? ? ? Aimless     ? ? ? 0.7.4    1 
? refinement        ? ? ? ? ? ? ? ? ? ? ? REFMAC      ? ? ? 5.8.0258 2 
? 'data extraction' ? ? ? ? ? ? ? ? ? ? ? PDB_EXTRACT ? ? ? 3.25     3 
? 'data reduction'  ? ? ? ? ? ? ? ? ? ? ? XDS         ? ? ? .        4 
? phasing           ? ? ? ? ? ? ? ? ? ? ? MOLREP      ? ? ? .        5 
# 
_pdbx_entry_details.entry_id                 7JKW 
_pdbx_entry_details.has_ligand_of_interest   Y 
_pdbx_entry_details.compound_details         ? 
_pdbx_entry_details.source_details           ? 
_pdbx_entry_details.nonpolymer_details       ? 
_pdbx_entry_details.sequence_details         ? 
# 
_pdbx_validate_torsion.id              1 
_pdbx_validate_torsion.PDB_model_num   1 
_pdbx_validate_torsion.auth_comp_id    LEU 
_pdbx_validate_torsion.auth_asym_id    A 
_pdbx_validate_torsion.auth_seq_id     94 
_pdbx_validate_torsion.PDB_ins_code    ? 
_pdbx_validate_torsion.label_alt_id    ? 
_pdbx_validate_torsion.phi             -118.19 
_pdbx_validate_torsion.psi             69.42 
# 
loop_
_chem_comp_atom.comp_id 
_chem_comp_atom.atom_id 
_chem_comp_atom.type_symbol 
_chem_comp_atom.pdbx_aromatic_flag 
_chem_comp_atom.pdbx_stereo_config 
_chem_comp_atom.pdbx_ordinal 
ALA N    N N N 1   
ALA CA   C N S 2   
ALA C    C N N 3   
ALA O    O N N 4   
ALA CB   C N N 5   
ALA OXT  O N N 6   
ALA H    H N N 7   
ALA H2   H N N 8   
ALA HA   H N N 9   
ALA HB1  H N N 10  
ALA HB2  H N N 11  
ALA HB3  H N N 12  
ALA HXT  H N N 13  
ARG N    N N N 14  
ARG CA   C N S 15  
ARG C    C N N 16  
ARG O    O N N 17  
ARG CB   C N N 18  
ARG CG   C N N 19  
ARG CD   C N N 20  
ARG NE   N N N 21  
ARG CZ   C N N 22  
ARG NH1  N N N 23  
ARG NH2  N N N 24  
ARG OXT  O N N 25  
ARG H    H N N 26  
ARG H2   H N N 27  
ARG HA   H N N 28  
ARG HB2  H N N 29  
ARG HB3  H N N 30  
ARG HG2  H N N 31  
ARG HG3  H N N 32  
ARG HD2  H N N 33  
ARG HD3  H N N 34  
ARG HE   H N N 35  
ARG HH11 H N N 36  
ARG HH12 H N N 37  
ARG HH21 H N N 38  
ARG HH22 H N N 39  
ARG HXT  H N N 40  
ASN N    N N N 41  
ASN CA   C N S 42  
ASN C    C N N 43  
ASN O    O N N 44  
ASN CB   C N N 45  
ASN CG   C N N 46  
ASN OD1  O N N 47  
ASN ND2  N N N 48  
ASN OXT  O N N 49  
ASN H    H N N 50  
ASN H2   H N N 51  
ASN HA   H N N 52  
ASN HB2  H N N 53  
ASN HB3  H N N 54  
ASN HD21 H N N 55  
ASN HD22 H N N 56  
ASN HXT  H N N 57  
ASP N    N N N 58  
ASP CA   C N S 59  
ASP C    C N N 60  
ASP O    O N N 61  
ASP CB   C N N 62  
ASP CG   C N N 63  
ASP OD1  O N N 64  
ASP OD2  O N N 65  
ASP OXT  O N N 66  
ASP H    H N N 67  
ASP H2   H N N 68  
ASP HA   H N N 69  
ASP HB2  H N N 70  
ASP HB3  H N N 71  
ASP HD2  H N N 72  
ASP HXT  H N N 73  
CYS N    N N N 74  
CYS CA   C N R 75  
CYS C    C N N 76  
CYS O    O N N 77  
CYS CB   C N N 78  
CYS SG   S N N 79  
CYS OXT  O N N 80  
CYS H    H N N 81  
CYS H2   H N N 82  
CYS HA   H N N 83  
CYS HB2  H N N 84  
CYS HB3  H N N 85  
CYS HG   H N N 86  
CYS HXT  H N N 87  
GLN N    N N N 88  
GLN CA   C N S 89  
GLN C    C N N 90  
GLN O    O N N 91  
GLN CB   C N N 92  
GLN CG   C N N 93  
GLN CD   C N N 94  
GLN OE1  O N N 95  
GLN NE2  N N N 96  
GLN OXT  O N N 97  
GLN H    H N N 98  
GLN H2   H N N 99  
GLN HA   H N N 100 
GLN HB2  H N N 101 
GLN HB3  H N N 102 
GLN HG2  H N N 103 
GLN HG3  H N N 104 
GLN HE21 H N N 105 
GLN HE22 H N N 106 
GLN HXT  H N N 107 
GLU N    N N N 108 
GLU CA   C N S 109 
GLU C    C N N 110 
GLU O    O N N 111 
GLU CB   C N N 112 
GLU CG   C N N 113 
GLU CD   C N N 114 
GLU OE1  O N N 115 
GLU OE2  O N N 116 
GLU OXT  O N N 117 
GLU H    H N N 118 
GLU H2   H N N 119 
GLU HA   H N N 120 
GLU HB2  H N N 121 
GLU HB3  H N N 122 
GLU HG2  H N N 123 
GLU HG3  H N N 124 
GLU HE2  H N N 125 
GLU HXT  H N N 126 
GLY N    N N N 127 
GLY CA   C N N 128 
GLY C    C N N 129 
GLY O    O N N 130 
GLY OXT  O N N 131 
GLY H    H N N 132 
GLY H2   H N N 133 
GLY HA2  H N N 134 
GLY HA3  H N N 135 
GLY HXT  H N N 136 
HIS N    N N N 137 
HIS CA   C N S 138 
HIS C    C N N 139 
HIS O    O N N 140 
HIS CB   C N N 141 
HIS CG   C Y N 142 
HIS ND1  N Y N 143 
HIS CD2  C Y N 144 
HIS CE1  C Y N 145 
HIS NE2  N Y N 146 
HIS OXT  O N N 147 
HIS H    H N N 148 
HIS H2   H N N 149 
HIS HA   H N N 150 
HIS HB2  H N N 151 
HIS HB3  H N N 152 
HIS HD1  H N N 153 
HIS HD2  H N N 154 
HIS HE1  H N N 155 
HIS HE2  H N N 156 
HIS HXT  H N N 157 
HOH O    O N N 158 
HOH H1   H N N 159 
HOH H2   H N N 160 
ILE N    N N N 161 
ILE CA   C N S 162 
ILE C    C N N 163 
ILE O    O N N 164 
ILE CB   C N S 165 
ILE CG1  C N N 166 
ILE CG2  C N N 167 
ILE CD1  C N N 168 
ILE OXT  O N N 169 
ILE H    H N N 170 
ILE H2   H N N 171 
ILE HA   H N N 172 
ILE HB   H N N 173 
ILE HG12 H N N 174 
ILE HG13 H N N 175 
ILE HG21 H N N 176 
ILE HG22 H N N 177 
ILE HG23 H N N 178 
ILE HD11 H N N 179 
ILE HD12 H N N 180 
ILE HD13 H N N 181 
ILE HXT  H N N 182 
LEU N    N N N 183 
LEU CA   C N S 184 
LEU C    C N N 185 
LEU O    O N N 186 
LEU CB   C N N 187 
LEU CG   C N N 188 
LEU CD1  C N N 189 
LEU CD2  C N N 190 
LEU OXT  O N N 191 
LEU H    H N N 192 
LEU H2   H N N 193 
LEU HA   H N N 194 
LEU HB2  H N N 195 
LEU HB3  H N N 196 
LEU HG   H N N 197 
LEU HD11 H N N 198 
LEU HD12 H N N 199 
LEU HD13 H N N 200 
LEU HD21 H N N 201 
LEU HD22 H N N 202 
LEU HD23 H N N 203 
LEU HXT  H N N 204 
LYS N    N N N 205 
LYS CA   C N S 206 
LYS C    C N N 207 
LYS O    O N N 208 
LYS CB   C N N 209 
LYS CG   C N N 210 
LYS CD   C N N 211 
LYS CE   C N N 212 
LYS NZ   N N N 213 
LYS OXT  O N N 214 
LYS H    H N N 215 
LYS H2   H N N 216 
LYS HA   H N N 217 
LYS HB2  H N N 218 
LYS HB3  H N N 219 
LYS HG2  H N N 220 
LYS HG3  H N N 221 
LYS HD2  H N N 222 
LYS HD3  H N N 223 
LYS HE2  H N N 224 
LYS HE3  H N N 225 
LYS HZ1  H N N 226 
LYS HZ2  H N N 227 
LYS HZ3  H N N 228 
LYS HXT  H N N 229 
MET N    N N N 230 
MET CA   C N S 231 
MET C    C N N 232 
MET O    O N N 233 
MET CB   C N N 234 
MET CG   C N N 235 
MET SD   S N N 236 
MET CE   C N N 237 
MET OXT  O N N 238 
MET H    H N N 239 
MET H2   H N N 240 
MET HA   H N N 241 
MET HB2  H N N 242 
MET HB3  H N N 243 
MET HG2  H N N 244 
MET HG3  H N N 245 
MET HE1  H N N 246 
MET HE2  H N N 247 
MET HE3  H N N 248 
MET HXT  H N N 249 
PHE N    N N N 250 
PHE CA   C N S 251 
PHE C    C N N 252 
PHE O    O N N 253 
PHE CB   C N N 254 
PHE CG   C Y N 255 
PHE CD1  C Y N 256 
PHE CD2  C Y N 257 
PHE CE1  C Y N 258 
PHE CE2  C Y N 259 
PHE CZ   C Y N 260 
PHE OXT  O N N 261 
PHE H    H N N 262 
PHE H2   H N N 263 
PHE HA   H N N 264 
PHE HB2  H N N 265 
PHE HB3  H N N 266 
PHE HD1  H N N 267 
PHE HD2  H N N 268 
PHE HE1  H N N 269 
PHE HE2  H N N 270 
PHE HZ   H N N 271 
PHE HXT  H N N 272 
PRO N    N N N 273 
PRO CA   C N S 274 
PRO C    C N N 275 
PRO O    O N N 276 
PRO CB   C N N 277 
PRO CG   C N N 278 
PRO CD   C N N 279 
PRO OXT  O N N 280 
PRO H    H N N 281 
PRO HA   H N N 282 
PRO HB2  H N N 283 
PRO HB3  H N N 284 
PRO HG2  H N N 285 
PRO HG3  H N N 286 
PRO HD2  H N N 287 
PRO HD3  H N N 288 
PRO HXT  H N N 289 
SER N    N N N 290 
SER CA   C N S 291 
SER C    C N N 292 
SER O    O N N 293 
SER CB   C N N 294 
SER OG   O N N 295 
SER OXT  O N N 296 
SER H    H N N 297 
SER H2   H N N 298 
SER HA   H N N 299 
SER HB2  H N N 300 
SER HB3  H N N 301 
SER HG   H N N 302 
SER HXT  H N N 303 
THR N    N N N 304 
THR CA   C N S 305 
THR C    C N N 306 
THR O    O N N 307 
THR CB   C N R 308 
THR OG1  O N N 309 
THR CG2  C N N 310 
THR OXT  O N N 311 
THR H    H N N 312 
THR H2   H N N 313 
THR HA   H N N 314 
THR HB   H N N 315 
THR HG1  H N N 316 
THR HG21 H N N 317 
THR HG22 H N N 318 
THR HG23 H N N 319 
THR HXT  H N N 320 
TRP N    N N N 321 
TRP CA   C N S 322 
TRP C    C N N 323 
TRP O    O N N 324 
TRP CB   C N N 325 
TRP CG   C Y N 326 
TRP CD1  C Y N 327 
TRP CD2  C Y N 328 
TRP NE1  N Y N 329 
TRP CE2  C Y N 330 
TRP CE3  C Y N 331 
TRP CZ2  C Y N 332 
TRP CZ3  C Y N 333 
TRP CH2  C Y N 334 
TRP OXT  O N N 335 
TRP H    H N N 336 
TRP H2   H N N 337 
TRP HA   H N N 338 
TRP HB2  H N N 339 
TRP HB3  H N N 340 
TRP HD1  H N N 341 
TRP HE1  H N N 342 
TRP HE3  H N N 343 
TRP HZ2  H N N 344 
TRP HZ3  H N N 345 
TRP HH2  H N N 346 
TRP HXT  H N N 347 
TYR N    N N N 348 
TYR CA   C N S 349 
TYR C    C N N 350 
TYR O    O N N 351 
TYR CB   C N N 352 
TYR CG   C Y N 353 
TYR CD1  C Y N 354 
TYR CD2  C Y N 355 
TYR CE1  C Y N 356 
TYR CE2  C Y N 357 
TYR CZ   C Y N 358 
TYR OH   O N N 359 
TYR OXT  O N N 360 
TYR H    H N N 361 
TYR H2   H N N 362 
TYR HA   H N N 363 
TYR HB2  H N N 364 
TYR HB3  H N N 365 
TYR HD1  H N N 366 
TYR HD2  H N N 367 
TYR HE1  H N N 368 
TYR HE2  H N N 369 
TYR HH   H N N 370 
TYR HXT  H N N 371 
VAL N    N N N 372 
VAL CA   C N S 373 
VAL C    C N N 374 
VAL O    O N N 375 
VAL CB   C N N 376 
VAL CG1  C N N 377 
VAL CG2  C N N 378 
VAL OXT  O N N 379 
VAL H    H N N 380 
VAL H2   H N N 381 
VAL HA   H N N 382 
VAL HB   H N N 383 
VAL HG11 H N N 384 
VAL HG12 H N N 385 
VAL HG13 H N N 386 
VAL HG21 H N N 387 
VAL HG22 H N N 388 
VAL HG23 H N N 389 
VAL HXT  H N N 390 
VCV C1   C Y N 391 
VCV C2   C Y N 392 
VCV C3   C Y N 393 
VCV C4   C Y N 394 
VCV C5   C Y N 395 
VCV C6   C Y N 396 
VCV C7   C Y N 397 
VCV C8   C Y N 398 
VCV C9   C N S 399 
VCV C10  C Y N 400 
VCV C11  C Y N 401 
VCV C12  C Y N 402 
VCV C13  C Y N 403 
VCV C14  C Y N 404 
VCV C15  C Y N 405 
VCV C16  C Y N 406 
VCV C17  C Y N 407 
VCV C18  C Y N 408 
VCV C19  C Y N 409 
VCV N1   N Y N 410 
VCV N2   N Y N 411 
VCV N3   N Y N 412 
VCV C20  C N N 413 
VCV C21  C N N 414 
VCV C22  C N N 415 
VCV C23  C N N 416 
VCV C24  C N N 417 
VCV C25  C N N 418 
VCV C26  C N N 419 
VCV C27  C N N 420 
VCV N4   N N N 421 
VCV S1   S N N 422 
VCV O1   O N N 423 
VCV O2   O N N 424 
VCV N5   N N N 425 
VCV C28  C N N 426 
VCV C29  C N N 427 
VCV C30  C N N 428 
VCV C31  C N N 429 
VCV O3   O N N 430 
VCV N6   N N N 431 
VCV N7   N N N 432 
VCV H1   H N N 433 
VCV H2   H N N 434 
VCV H3   H N N 435 
VCV H4   H N N 436 
VCV H5   H N N 437 
VCV H6   H N N 438 
VCV H7   H N N 439 
VCV H8   H N N 440 
VCV H9   H N N 441 
VCV H10  H N N 442 
VCV H11  H N N 443 
VCV H12  H N N 444 
VCV H13  H N N 445 
VCV H14  H N N 446 
VCV H15  H N N 447 
VCV H16  H N N 448 
VCV H17  H N N 449 
VCV H18  H N N 450 
VCV H19  H N N 451 
VCV H20  H N N 452 
VCV H21  H N N 453 
VCV H22  H N N 454 
VCV H23  H N N 455 
VCV H24  H N N 456 
VCV H25  H N N 457 
VCV H26  H N N 458 
VCV H27  H N N 459 
VCV H28  H N N 460 
VCV H29  H N N 461 
VCV H30  H N N 462 
VCV H31  H N N 463 
VCV H32  H N N 464 
VCV H33  H N N 465 
# 
loop_
_chem_comp_bond.comp_id 
_chem_comp_bond.atom_id_1 
_chem_comp_bond.atom_id_2 
_chem_comp_bond.value_order 
_chem_comp_bond.pdbx_aromatic_flag 
_chem_comp_bond.pdbx_stereo_config 
_chem_comp_bond.pdbx_ordinal 
ALA N   CA   sing N N 1   
ALA N   H    sing N N 2   
ALA N   H2   sing N N 3   
ALA CA  C    sing N N 4   
ALA CA  CB   sing N N 5   
ALA CA  HA   sing N N 6   
ALA C   O    doub N N 7   
ALA C   OXT  sing N N 8   
ALA CB  HB1  sing N N 9   
ALA CB  HB2  sing N N 10  
ALA CB  HB3  sing N N 11  
ALA OXT HXT  sing N N 12  
ARG N   CA   sing N N 13  
ARG N   H    sing N N 14  
ARG N   H2   sing N N 15  
ARG CA  C    sing N N 16  
ARG CA  CB   sing N N 17  
ARG CA  HA   sing N N 18  
ARG C   O    doub N N 19  
ARG C   OXT  sing N N 20  
ARG CB  CG   sing N N 21  
ARG CB  HB2  sing N N 22  
ARG CB  HB3  sing N N 23  
ARG CG  CD   sing N N 24  
ARG CG  HG2  sing N N 25  
ARG CG  HG3  sing N N 26  
ARG CD  NE   sing N N 27  
ARG CD  HD2  sing N N 28  
ARG CD  HD3  sing N N 29  
ARG NE  CZ   sing N N 30  
ARG NE  HE   sing N N 31  
ARG CZ  NH1  sing N N 32  
ARG CZ  NH2  doub N N 33  
ARG NH1 HH11 sing N N 34  
ARG NH1 HH12 sing N N 35  
ARG NH2 HH21 sing N N 36  
ARG NH2 HH22 sing N N 37  
ARG OXT HXT  sing N N 38  
ASN N   CA   sing N N 39  
ASN N   H    sing N N 40  
ASN N   H2   sing N N 41  
ASN CA  C    sing N N 42  
ASN CA  CB   sing N N 43  
ASN CA  HA   sing N N 44  
ASN C   O    doub N N 45  
ASN C   OXT  sing N N 46  
ASN CB  CG   sing N N 47  
ASN CB  HB2  sing N N 48  
ASN CB  HB3  sing N N 49  
ASN CG  OD1  doub N N 50  
ASN CG  ND2  sing N N 51  
ASN ND2 HD21 sing N N 52  
ASN ND2 HD22 sing N N 53  
ASN OXT HXT  sing N N 54  
ASP N   CA   sing N N 55  
ASP N   H    sing N N 56  
ASP N   H2   sing N N 57  
ASP CA  C    sing N N 58  
ASP CA  CB   sing N N 59  
ASP CA  HA   sing N N 60  
ASP C   O    doub N N 61  
ASP C   OXT  sing N N 62  
ASP CB  CG   sing N N 63  
ASP CB  HB2  sing N N 64  
ASP CB  HB3  sing N N 65  
ASP CG  OD1  doub N N 66  
ASP CG  OD2  sing N N 67  
ASP OD2 HD2  sing N N 68  
ASP OXT HXT  sing N N 69  
CYS N   CA   sing N N 70  
CYS N   H    sing N N 71  
CYS N   H2   sing N N 72  
CYS CA  C    sing N N 73  
CYS CA  CB   sing N N 74  
CYS CA  HA   sing N N 75  
CYS C   O    doub N N 76  
CYS C   OXT  sing N N 77  
CYS CB  SG   sing N N 78  
CYS CB  HB2  sing N N 79  
CYS CB  HB3  sing N N 80  
CYS SG  HG   sing N N 81  
CYS OXT HXT  sing N N 82  
GLN N   CA   sing N N 83  
GLN N   H    sing N N 84  
GLN N   H2   sing N N 85  
GLN CA  C    sing N N 86  
GLN CA  CB   sing N N 87  
GLN CA  HA   sing N N 88  
GLN C   O    doub N N 89  
GLN C   OXT  sing N N 90  
GLN CB  CG   sing N N 91  
GLN CB  HB2  sing N N 92  
GLN CB  HB3  sing N N 93  
GLN CG  CD   sing N N 94  
GLN CG  HG2  sing N N 95  
GLN CG  HG3  sing N N 96  
GLN CD  OE1  doub N N 97  
GLN CD  NE2  sing N N 98  
GLN NE2 HE21 sing N N 99  
GLN NE2 HE22 sing N N 100 
GLN OXT HXT  sing N N 101 
GLU N   CA   sing N N 102 
GLU N   H    sing N N 103 
GLU N   H2   sing N N 104 
GLU CA  C    sing N N 105 
GLU CA  CB   sing N N 106 
GLU CA  HA   sing N N 107 
GLU C   O    doub N N 108 
GLU C   OXT  sing N N 109 
GLU CB  CG   sing N N 110 
GLU CB  HB2  sing N N 111 
GLU CB  HB3  sing N N 112 
GLU CG  CD   sing N N 113 
GLU CG  HG2  sing N N 114 
GLU CG  HG3  sing N N 115 
GLU CD  OE1  doub N N 116 
GLU CD  OE2  sing N N 117 
GLU OE2 HE2  sing N N 118 
GLU OXT HXT  sing N N 119 
GLY N   CA   sing N N 120 
GLY N   H    sing N N 121 
GLY N   H2   sing N N 122 
GLY CA  C    sing N N 123 
GLY CA  HA2  sing N N 124 
GLY CA  HA3  sing N N 125 
GLY C   O    doub N N 126 
GLY C   OXT  sing N N 127 
GLY OXT HXT  sing N N 128 
HIS N   CA   sing N N 129 
HIS N   H    sing N N 130 
HIS N   H2   sing N N 131 
HIS CA  C    sing N N 132 
HIS CA  CB   sing N N 133 
HIS CA  HA   sing N N 134 
HIS C   O    doub N N 135 
HIS C   OXT  sing N N 136 
HIS CB  CG   sing N N 137 
HIS CB  HB2  sing N N 138 
HIS CB  HB3  sing N N 139 
HIS CG  ND1  sing Y N 140 
HIS CG  CD2  doub Y N 141 
HIS ND1 CE1  doub Y N 142 
HIS ND1 HD1  sing N N 143 
HIS CD2 NE2  sing Y N 144 
HIS CD2 HD2  sing N N 145 
HIS CE1 NE2  sing Y N 146 
HIS CE1 HE1  sing N N 147 
HIS NE2 HE2  sing N N 148 
HIS OXT HXT  sing N N 149 
HOH O   H1   sing N N 150 
HOH O   H2   sing N N 151 
ILE N   CA   sing N N 152 
ILE N   H    sing N N 153 
ILE N   H2   sing N N 154 
ILE CA  C    sing N N 155 
ILE CA  CB   sing N N 156 
ILE CA  HA   sing N N 157 
ILE C   O    doub N N 158 
ILE C   OXT  sing N N 159 
ILE CB  CG1  sing N N 160 
ILE CB  CG2  sing N N 161 
ILE CB  HB   sing N N 162 
ILE CG1 CD1  sing N N 163 
ILE CG1 HG12 sing N N 164 
ILE CG1 HG13 sing N N 165 
ILE CG2 HG21 sing N N 166 
ILE CG2 HG22 sing N N 167 
ILE CG2 HG23 sing N N 168 
ILE CD1 HD11 sing N N 169 
ILE CD1 HD12 sing N N 170 
ILE CD1 HD13 sing N N 171 
ILE OXT HXT  sing N N 172 
LEU N   CA   sing N N 173 
LEU N   H    sing N N 174 
LEU N   H2   sing N N 175 
LEU CA  C    sing N N 176 
LEU CA  CB   sing N N 177 
LEU CA  HA   sing N N 178 
LEU C   O    doub N N 179 
LEU C   OXT  sing N N 180 
LEU CB  CG   sing N N 181 
LEU CB  HB2  sing N N 182 
LEU CB  HB3  sing N N 183 
LEU CG  CD1  sing N N 184 
LEU CG  CD2  sing N N 185 
LEU CG  HG   sing N N 186 
LEU CD1 HD11 sing N N 187 
LEU CD1 HD12 sing N N 188 
LEU CD1 HD13 sing N N 189 
LEU CD2 HD21 sing N N 190 
LEU CD2 HD22 sing N N 191 
LEU CD2 HD23 sing N N 192 
LEU OXT HXT  sing N N 193 
LYS N   CA   sing N N 194 
LYS N   H    sing N N 195 
LYS N   H2   sing N N 196 
LYS CA  C    sing N N 197 
LYS CA  CB   sing N N 198 
LYS CA  HA   sing N N 199 
LYS C   O    doub N N 200 
LYS C   OXT  sing N N 201 
LYS CB  CG   sing N N 202 
LYS CB  HB2  sing N N 203 
LYS CB  HB3  sing N N 204 
LYS CG  CD   sing N N 205 
LYS CG  HG2  sing N N 206 
LYS CG  HG3  sing N N 207 
LYS CD  CE   sing N N 208 
LYS CD  HD2  sing N N 209 
LYS CD  HD3  sing N N 210 
LYS CE  NZ   sing N N 211 
LYS CE  HE2  sing N N 212 
LYS CE  HE3  sing N N 213 
LYS NZ  HZ1  sing N N 214 
LYS NZ  HZ2  sing N N 215 
LYS NZ  HZ3  sing N N 216 
LYS OXT HXT  sing N N 217 
MET N   CA   sing N N 218 
MET N   H    sing N N 219 
MET N   H2   sing N N 220 
MET CA  C    sing N N 221 
MET CA  CB   sing N N 222 
MET CA  HA   sing N N 223 
MET C   O    doub N N 224 
MET C   OXT  sing N N 225 
MET CB  CG   sing N N 226 
MET CB  HB2  sing N N 227 
MET CB  HB3  sing N N 228 
MET CG  SD   sing N N 229 
MET CG  HG2  sing N N 230 
MET CG  HG3  sing N N 231 
MET SD  CE   sing N N 232 
MET CE  HE1  sing N N 233 
MET CE  HE2  sing N N 234 
MET CE  HE3  sing N N 235 
MET OXT HXT  sing N N 236 
PHE N   CA   sing N N 237 
PHE N   H    sing N N 238 
PHE N   H2   sing N N 239 
PHE CA  C    sing N N 240 
PHE CA  CB   sing N N 241 
PHE CA  HA   sing N N 242 
PHE C   O    doub N N 243 
PHE C   OXT  sing N N 244 
PHE CB  CG   sing N N 245 
PHE CB  HB2  sing N N 246 
PHE CB  HB3  sing N N 247 
PHE CG  CD1  doub Y N 248 
PHE CG  CD2  sing Y N 249 
PHE CD1 CE1  sing Y N 250 
PHE CD1 HD1  sing N N 251 
PHE CD2 CE2  doub Y N 252 
PHE CD2 HD2  sing N N 253 
PHE CE1 CZ   doub Y N 254 
PHE CE1 HE1  sing N N 255 
PHE CE2 CZ   sing Y N 256 
PHE CE2 HE2  sing N N 257 
PHE CZ  HZ   sing N N 258 
PHE OXT HXT  sing N N 259 
PRO N   CA   sing N N 260 
PRO N   CD   sing N N 261 
PRO N   H    sing N N 262 
PRO CA  C    sing N N 263 
PRO CA  CB   sing N N 264 
PRO CA  HA   sing N N 265 
PRO C   O    doub N N 266 
PRO C   OXT  sing N N 267 
PRO CB  CG   sing N N 268 
PRO CB  HB2  sing N N 269 
PRO CB  HB3  sing N N 270 
PRO CG  CD   sing N N 271 
PRO CG  HG2  sing N N 272 
PRO CG  HG3  sing N N 273 
PRO CD  HD2  sing N N 274 
PRO CD  HD3  sing N N 275 
PRO OXT HXT  sing N N 276 
SER N   CA   sing N N 277 
SER N   H    sing N N 278 
SER N   H2   sing N N 279 
SER CA  C    sing N N 280 
SER CA  CB   sing N N 281 
SER CA  HA   sing N N 282 
SER C   O    doub N N 283 
SER C   OXT  sing N N 284 
SER CB  OG   sing N N 285 
SER CB  HB2  sing N N 286 
SER CB  HB3  sing N N 287 
SER OG  HG   sing N N 288 
SER OXT HXT  sing N N 289 
THR N   CA   sing N N 290 
THR N   H    sing N N 291 
THR N   H2   sing N N 292 
THR CA  C    sing N N 293 
THR CA  CB   sing N N 294 
THR CA  HA   sing N N 295 
THR C   O    doub N N 296 
THR C   OXT  sing N N 297 
THR CB  OG1  sing N N 298 
THR CB  CG2  sing N N 299 
THR CB  HB   sing N N 300 
THR OG1 HG1  sing N N 301 
THR CG2 HG21 sing N N 302 
THR CG2 HG22 sing N N 303 
THR CG2 HG23 sing N N 304 
THR OXT HXT  sing N N 305 
TRP N   CA   sing N N 306 
TRP N   H    sing N N 307 
TRP N   H2   sing N N 308 
TRP CA  C    sing N N 309 
TRP CA  CB   sing N N 310 
TRP CA  HA   sing N N 311 
TRP C   O    doub N N 312 
TRP C   OXT  sing N N 313 
TRP CB  CG   sing N N 314 
TRP CB  HB2  sing N N 315 
TRP CB  HB3  sing N N 316 
TRP CG  CD1  doub Y N 317 
TRP CG  CD2  sing Y N 318 
TRP CD1 NE1  sing Y N 319 
TRP CD1 HD1  sing N N 320 
TRP CD2 CE2  doub Y N 321 
TRP CD2 CE3  sing Y N 322 
TRP NE1 CE2  sing Y N 323 
TRP NE1 HE1  sing N N 324 
TRP CE2 CZ2  sing Y N 325 
TRP CE3 CZ3  doub Y N 326 
TRP CE3 HE3  sing N N 327 
TRP CZ2 CH2  doub Y N 328 
TRP CZ2 HZ2  sing N N 329 
TRP CZ3 CH2  sing Y N 330 
TRP CZ3 HZ3  sing N N 331 
TRP CH2 HH2  sing N N 332 
TRP OXT HXT  sing N N 333 
TYR N   CA   sing N N 334 
TYR N   H    sing N N 335 
TYR N   H2   sing N N 336 
TYR CA  C    sing N N 337 
TYR CA  CB   sing N N 338 
TYR CA  HA   sing N N 339 
TYR C   O    doub N N 340 
TYR C   OXT  sing N N 341 
TYR CB  CG   sing N N 342 
TYR CB  HB2  sing N N 343 
TYR CB  HB3  sing N N 344 
TYR CG  CD1  doub Y N 345 
TYR CG  CD2  sing Y N 346 
TYR CD1 CE1  sing Y N 347 
TYR CD1 HD1  sing N N 348 
TYR CD2 CE2  doub Y N 349 
TYR CD2 HD2  sing N N 350 
TYR CE1 CZ   doub Y N 351 
TYR CE1 HE1  sing N N 352 
TYR CE2 CZ   sing Y N 353 
TYR CE2 HE2  sing N N 354 
TYR CZ  OH   sing N N 355 
TYR OH  HH   sing N N 356 
TYR OXT HXT  sing N N 357 
VAL N   CA   sing N N 358 
VAL N   H    sing N N 359 
VAL N   H2   sing N N 360 
VAL CA  C    sing N N 361 
VAL CA  CB   sing N N 362 
VAL CA  HA   sing N N 363 
VAL C   O    doub N N 364 
VAL C   OXT  sing N N 365 
VAL CB  CG1  sing N N 366 
VAL CB  CG2  sing N N 367 
VAL CB  HB   sing N N 368 
VAL CG1 HG11 sing N N 369 
VAL CG1 HG12 sing N N 370 
VAL CG1 HG13 sing N N 371 
VAL CG2 HG21 sing N N 372 
VAL CG2 HG22 sing N N 373 
VAL CG2 HG23 sing N N 374 
VAL OXT HXT  sing N N 375 
VCV N7  C31  sing N N 376 
VCV N7  C30  sing N N 377 
VCV C16 N1   doub Y N 378 
VCV C16 C17  sing Y N 379 
VCV C31 C29  sing N N 380 
VCV N1  C15  sing Y N 381 
VCV C17 C18  doub Y N 382 
VCV C30 C29  sing N N 383 
VCV C12 C11  doub Y N 384 
VCV C12 C13  sing Y N 385 
VCV C11 C10  sing Y N 386 
VCV C13 C14  doub Y N 387 
VCV C20 C9   sing N N 388 
VCV C15 C9   sing N N 389 
VCV C15 C19  doub Y N 390 
VCV C10 N2   doub Y N 391 
VCV C10 C9   sing N N 392 
VCV C29 N6   sing N N 393 
VCV C14 N2   sing Y N 394 
VCV C18 C19  sing Y N 395 
VCV C9  N3   sing N N 396 
VCV N6  C23  sing N N 397 
VCV N3  C8   sing Y N 398 
VCV N3  C5   sing Y N 399 
VCV C23 C22  doub N N 400 
VCV C23 C24  sing N N 401 
VCV C22 C21  sing N N 402 
VCV C4  C5   doub Y N 403 
VCV C4  C3   sing Y N 404 
VCV C8  C7   doub Y N 405 
VCV O3  C24  doub N N 406 
VCV C5  C6   sing Y N 407 
VCV C24 N5   sing N N 408 
VCV C21 C3   sing N N 409 
VCV C21 C25  doub N N 410 
VCV C3  C2   doub Y N 411 
VCV C7  C6   sing Y N 412 
VCV N5  C25  sing N N 413 
VCV N5  C28  sing N N 414 
VCV C6  C1   doub Y N 415 
VCV C2  C1   sing Y N 416 
VCV C1  N4   sing N N 417 
VCV N4  S1   sing N N 418 
VCV O1  S1   doub N N 419 
VCV S1  C26  sing N N 420 
VCV S1  O2   doub N N 421 
VCV C26 C27  sing N N 422 
VCV C2  H1   sing N N 423 
VCV C4  H2   sing N N 424 
VCV C7  H3   sing N N 425 
VCV C8  H4   sing N N 426 
VCV C11 H5   sing N N 427 
VCV C12 H6   sing N N 428 
VCV C13 H7   sing N N 429 
VCV C14 H8   sing N N 430 
VCV C16 H9   sing N N 431 
VCV C17 H10  sing N N 432 
VCV C18 H11  sing N N 433 
VCV C19 H12  sing N N 434 
VCV C20 H13  sing N N 435 
VCV C20 H14  sing N N 436 
VCV C20 H15  sing N N 437 
VCV C22 H16  sing N N 438 
VCV C25 H17  sing N N 439 
VCV C26 H18  sing N N 440 
VCV C26 H19  sing N N 441 
VCV C27 H20  sing N N 442 
VCV C27 H21  sing N N 443 
VCV C27 H22  sing N N 444 
VCV N4  H23  sing N N 445 
VCV C28 H24  sing N N 446 
VCV C28 H25  sing N N 447 
VCV C28 H26  sing N N 448 
VCV C29 H27  sing N N 449 
VCV C30 H28  sing N N 450 
VCV C30 H29  sing N N 451 
VCV C31 H30  sing N N 452 
VCV C31 H31  sing N N 453 
VCV N6  H32  sing N N 454 
VCV N7  H33  sing N N 455 
# 
_pdbx_audit_support.funding_organization   'National Institutes of Health/National Center for Research Resources (NIH/NCRR)' 
_pdbx_audit_support.country                'United States' 
_pdbx_audit_support.grant_number           UL1RR029879 
_pdbx_audit_support.ordinal                1 
# 
_pdbx_entity_instance_feature.ordinal        1 
_pdbx_entity_instance_feature.comp_id        VCV 
_pdbx_entity_instance_feature.asym_id        ? 
_pdbx_entity_instance_feature.seq_num        ? 
_pdbx_entity_instance_feature.auth_comp_id   VCV 
_pdbx_entity_instance_feature.auth_asym_id   ? 
_pdbx_entity_instance_feature.auth_seq_num   ? 
_pdbx_entity_instance_feature.feature_type   'SUBJECT OF INVESTIGATION' 
_pdbx_entity_instance_feature.details        ? 
# 
loop_
_pdbx_entity_nonpoly.entity_id 
_pdbx_entity_nonpoly.name 
_pdbx_entity_nonpoly.comp_id 
2 
;N-(6-{5-[(azetidin-3-yl)amino]-1-methyl-6-oxo-1,6-dihydropyridin-3-yl}-1-[1,1-di(pyridin-2-yl)ethyl]-1H-indol-4-yl)ethanesulfonamide
;
VCV 
3 water HOH 
# 
_pdbx_initial_refinement_model.id               1 
_pdbx_initial_refinement_model.entity_id_list   ? 
_pdbx_initial_refinement_model.type             'experimental model' 
_pdbx_initial_refinement_model.source_name      PDB 
_pdbx_initial_refinement_model.accession_code   3MXF 
_pdbx_initial_refinement_model.details          ? 
# 
_pdbx_struct_assembly_auth_evidence.id                     1 
_pdbx_struct_assembly_auth_evidence.assembly_id            1 
_pdbx_struct_assembly_auth_evidence.experimental_support   homology 
_pdbx_struct_assembly_auth_evidence.details                ? 
# 
